data_1BTN
# 
_entry.id   1BTN 
# 
_audit_conform.dict_name       mmcif_pdbx.dic 
_audit_conform.dict_version    5.385 
_audit_conform.dict_location   http://mmcif.pdb.org/dictionaries/ascii/mmcif_pdbx.dic 
# 
loop_
_database_2.database_id 
_database_2.database_code 
_database_2.pdbx_database_accession 
_database_2.pdbx_DOI 
PDB   1BTN         pdb_00001btn 10.2210/pdb1btn/pdb 
WWPDB D_1000172075 ?            ?                   
# 
loop_
_pdbx_audit_revision_history.ordinal 
_pdbx_audit_revision_history.data_content_type 
_pdbx_audit_revision_history.major_revision 
_pdbx_audit_revision_history.minor_revision 
_pdbx_audit_revision_history.revision_date 
1 'Structure model' 1 0 1996-03-08 
2 'Structure model' 1 1 2008-03-24 
3 'Structure model' 1 2 2011-07-13 
4 'Structure model' 1 3 2024-02-07 
# 
_pdbx_audit_revision_details.ordinal             1 
_pdbx_audit_revision_details.revision_ordinal    1 
_pdbx_audit_revision_details.data_content_type   'Structure model' 
_pdbx_audit_revision_details.provider            repository 
_pdbx_audit_revision_details.type                'Initial release' 
_pdbx_audit_revision_details.description         ? 
_pdbx_audit_revision_details.details             ? 
# 
loop_
_pdbx_audit_revision_group.ordinal 
_pdbx_audit_revision_group.revision_ordinal 
_pdbx_audit_revision_group.data_content_type 
_pdbx_audit_revision_group.group 
1 2 'Structure model' 'Version format compliance' 
2 3 'Structure model' 'Version format compliance' 
3 4 'Structure model' 'Data collection'           
4 4 'Structure model' 'Database references'       
5 4 'Structure model' 'Derived calculations'      
6 4 'Structure model' Other                       
# 
loop_
_pdbx_audit_revision_category.ordinal 
_pdbx_audit_revision_category.revision_ordinal 
_pdbx_audit_revision_category.data_content_type 
_pdbx_audit_revision_category.category 
1 4 'Structure model' chem_comp_atom       
2 4 'Structure model' chem_comp_bond       
3 4 'Structure model' database_2           
4 4 'Structure model' pdbx_database_status 
5 4 'Structure model' struct_site          
# 
loop_
_pdbx_audit_revision_item.ordinal 
_pdbx_audit_revision_item.revision_ordinal 
_pdbx_audit_revision_item.data_content_type 
_pdbx_audit_revision_item.item 
1 4 'Structure model' '_database_2.pdbx_DOI'                
2 4 'Structure model' '_database_2.pdbx_database_accession' 
3 4 'Structure model' '_pdbx_database_status.process_site'  
4 4 'Structure model' '_struct_site.pdbx_auth_asym_id'      
5 4 'Structure model' '_struct_site.pdbx_auth_comp_id'      
6 4 'Structure model' '_struct_site.pdbx_auth_seq_id'       
# 
_pdbx_database_status.status_code                     REL 
_pdbx_database_status.entry_id                        1BTN 
_pdbx_database_status.recvd_initial_deposition_date   1995-08-23 
_pdbx_database_status.deposit_site                    ? 
_pdbx_database_status.process_site                    BNL 
_pdbx_database_status.status_code_sf                  REL 
_pdbx_database_status.status_code_mr                  ? 
_pdbx_database_status.SG_entry                        ? 
_pdbx_database_status.pdb_format_compatible           Y 
_pdbx_database_status.status_code_cs                  ? 
_pdbx_database_status.status_code_nmr_data            ? 
_pdbx_database_status.methods_development_category    ? 
# 
loop_
_audit_author.name 
_audit_author.pdbx_ordinal 
'Wilmanns, M.' 1 
'Hyvoenen, M.' 2 
'Saraste, M.'  3 
# 
loop_
_citation.id 
_citation.title 
_citation.journal_abbrev 
_citation.journal_volume 
_citation.page_first 
_citation.page_last 
_citation.year 
_citation.journal_id_ASTM 
_citation.country 
_citation.journal_id_ISSN 
_citation.journal_id_CSD 
_citation.book_publisher 
_citation.pdbx_database_id_PubMed 
_citation.pdbx_database_id_DOI 
primary 'Structure of the binding site for inositol phosphates in a PH domain.' 'EMBO J.' 14  4676 4685 1995 EMJODG UK 0261-4189 
0897 ? 7588597 ? 
1       'Structure of the Ph Domain from Beta-Spectrin'                         Nature    369 675  ?    1994 NATUAS UK 0028-0836 
0006 ? ?       ? 
# 
loop_
_citation_author.citation_id 
_citation_author.name 
_citation_author.ordinal 
_citation_author.identifier_ORCID 
primary 'Hyvonen, M.'   1  ? 
primary 'Macias, M.J.'  2  ? 
primary 'Nilges, M.'    3  ? 
primary 'Oschkinat, H.' 4  ? 
primary 'Saraste, M.'   5  ? 
primary 'Wilmanns, M.'  6  ? 
1       'Macias, M.J.'  7  ? 
1       'Musacchio, A.' 8  ? 
1       'Postingl, H.'  9  ? 
1       'Nilges, M.'    10 ? 
1       'Saraste, M.'   11 ? 
1       'Oschkinat, H.' 12 ? 
# 
loop_
_entity.id 
_entity.type 
_entity.src_method 
_entity.pdbx_description 
_entity.formula_weight 
_entity.pdbx_number_of_molecules 
_entity.pdbx_ec 
_entity.pdbx_mutation 
_entity.pdbx_fragment 
_entity.details 
1 polymer     man BETA-SPECTRIN                     12287.853 1  ? ? 'PH DOMAIN, RESIDUES 2199 - 2304' ? 
2 non-polymer syn D-MYO-INOSITOL-1,4,5-TRIPHOSPHATE 420.096   1  ? ? ?                                 ? 
3 water       nat water                             18.015    77 ? ? ?                                 ? 
# 
_entity_poly.entity_id                      1 
_entity_poly.type                           'polypeptide(L)' 
_entity_poly.nstd_linkage                   no 
_entity_poly.nstd_monomer                   no 
_entity_poly.pdbx_seq_one_letter_code       
;MEGFLNRKHEWEAHNKKASSRSWHNVYCVINNQEMGFYKDAKSAASGIPYHSEVPVSLKEAICEVALDYKKKKHVFKLRL
SDGNEYLFQAKDDEEMNTWIQAISSA
;
_entity_poly.pdbx_seq_one_letter_code_can   
;MEGFLNRKHEWEAHNKKASSRSWHNVYCVINNQEMGFYKDAKSAASGIPYHSEVPVSLKEAICEVALDYKKKKHVFKLRL
SDGNEYLFQAKDDEEMNTWIQAISSA
;
_entity_poly.pdbx_strand_id                 A 
_entity_poly.pdbx_target_identifier         ? 
# 
loop_
_pdbx_entity_nonpoly.entity_id 
_pdbx_entity_nonpoly.name 
_pdbx_entity_nonpoly.comp_id 
2 D-MYO-INOSITOL-1,4,5-TRIPHOSPHATE I3P 
3 water                             HOH 
# 
loop_
_entity_poly_seq.entity_id 
_entity_poly_seq.num 
_entity_poly_seq.mon_id 
_entity_poly_seq.hetero 
1 1   MET n 
1 2   GLU n 
1 3   GLY n 
1 4   PHE n 
1 5   LEU n 
1 6   ASN n 
1 7   ARG n 
1 8   LYS n 
1 9   HIS n 
1 10  GLU n 
1 11  TRP n 
1 12  GLU n 
1 13  ALA n 
1 14  HIS n 
1 15  ASN n 
1 16  LYS n 
1 17  LYS n 
1 18  ALA n 
1 19  SER n 
1 20  SER n 
1 21  ARG n 
1 22  SER n 
1 23  TRP n 
1 24  HIS n 
1 25  ASN n 
1 26  VAL n 
1 27  TYR n 
1 28  CYS n 
1 29  VAL n 
1 30  ILE n 
1 31  ASN n 
1 32  ASN n 
1 33  GLN n 
1 34  GLU n 
1 35  MET n 
1 36  GLY n 
1 37  PHE n 
1 38  TYR n 
1 39  LYS n 
1 40  ASP n 
1 41  ALA n 
1 42  LYS n 
1 43  SER n 
1 44  ALA n 
1 45  ALA n 
1 46  SER n 
1 47  GLY n 
1 48  ILE n 
1 49  PRO n 
1 50  TYR n 
1 51  HIS n 
1 52  SER n 
1 53  GLU n 
1 54  VAL n 
1 55  PRO n 
1 56  VAL n 
1 57  SER n 
1 58  LEU n 
1 59  LYS n 
1 60  GLU n 
1 61  ALA n 
1 62  ILE n 
1 63  CYS n 
1 64  GLU n 
1 65  VAL n 
1 66  ALA n 
1 67  LEU n 
1 68  ASP n 
1 69  TYR n 
1 70  LYS n 
1 71  LYS n 
1 72  LYS n 
1 73  LYS n 
1 74  HIS n 
1 75  VAL n 
1 76  PHE n 
1 77  LYS n 
1 78  LEU n 
1 79  ARG n 
1 80  LEU n 
1 81  SER n 
1 82  ASP n 
1 83  GLY n 
1 84  ASN n 
1 85  GLU n 
1 86  TYR n 
1 87  LEU n 
1 88  PHE n 
1 89  GLN n 
1 90  ALA n 
1 91  LYS n 
1 92  ASP n 
1 93  ASP n 
1 94  GLU n 
1 95  GLU n 
1 96  MET n 
1 97  ASN n 
1 98  THR n 
1 99  TRP n 
1 100 ILE n 
1 101 GLN n 
1 102 ALA n 
1 103 ILE n 
1 104 SER n 
1 105 SER n 
1 106 ALA n 
# 
_entity_src_gen.entity_id                          1 
_entity_src_gen.pdbx_src_id                        1 
_entity_src_gen.pdbx_alt_source_flag               sample 
_entity_src_gen.pdbx_seq_type                      ? 
_entity_src_gen.pdbx_beg_seq_num                   ? 
_entity_src_gen.pdbx_end_seq_num                   ? 
_entity_src_gen.gene_src_common_name               'house mouse' 
_entity_src_gen.gene_src_genus                     Mus 
_entity_src_gen.pdbx_gene_src_gene                 MUSSPNA.GBROD 
_entity_src_gen.gene_src_species                   ? 
_entity_src_gen.gene_src_strain                    ? 
_entity_src_gen.gene_src_tissue                    ? 
_entity_src_gen.gene_src_tissue_fraction           ? 
_entity_src_gen.gene_src_details                   ? 
_entity_src_gen.pdbx_gene_src_fragment             ? 
_entity_src_gen.pdbx_gene_src_scientific_name      'Mus musculus' 
_entity_src_gen.pdbx_gene_src_ncbi_taxonomy_id     10090 
_entity_src_gen.pdbx_gene_src_variant              ? 
_entity_src_gen.pdbx_gene_src_cell_line            ? 
_entity_src_gen.pdbx_gene_src_atcc                 ? 
_entity_src_gen.pdbx_gene_src_organ                BRAIN 
_entity_src_gen.pdbx_gene_src_organelle            ? 
_entity_src_gen.pdbx_gene_src_cell                 ? 
_entity_src_gen.pdbx_gene_src_cellular_location    ? 
_entity_src_gen.host_org_common_name               ? 
_entity_src_gen.pdbx_host_org_scientific_name      'Escherichia coli BL21' 
_entity_src_gen.pdbx_host_org_ncbi_taxonomy_id     511693 
_entity_src_gen.host_org_genus                     Escherichia 
_entity_src_gen.pdbx_host_org_gene                 MUSSPNA.GBROD 
_entity_src_gen.pdbx_host_org_organ                ? 
_entity_src_gen.host_org_species                   'Escherichia coli' 
_entity_src_gen.pdbx_host_org_tissue               ? 
_entity_src_gen.pdbx_host_org_tissue_fraction      ? 
_entity_src_gen.pdbx_host_org_strain               BL21 
_entity_src_gen.pdbx_host_org_variant              ? 
_entity_src_gen.pdbx_host_org_cell_line            ? 
_entity_src_gen.pdbx_host_org_atcc                 ? 
_entity_src_gen.pdbx_host_org_culture_collection   ? 
_entity_src_gen.pdbx_host_org_cell                 ? 
_entity_src_gen.pdbx_host_org_organelle            ? 
_entity_src_gen.pdbx_host_org_cellular_location    ? 
_entity_src_gen.pdbx_host_org_vector_type          ? 
_entity_src_gen.pdbx_host_org_vector               ? 
_entity_src_gen.host_org_details                   ? 
_entity_src_gen.expression_system_id               ? 
_entity_src_gen.plasmid_name                       PET21D 
_entity_src_gen.plasmid_details                    ? 
_entity_src_gen.pdbx_description                   ? 
# 
loop_
_chem_comp.id 
_chem_comp.type 
_chem_comp.mon_nstd_flag 
_chem_comp.name 
_chem_comp.pdbx_synonyms 
_chem_comp.formula 
_chem_comp.formula_weight 
ALA 'L-peptide linking' y ALANINE                           ? 'C3 H7 N O2'     89.093  
ARG 'L-peptide linking' y ARGININE                          ? 'C6 H15 N4 O2 1' 175.209 
ASN 'L-peptide linking' y ASPARAGINE                        ? 'C4 H8 N2 O3'    132.118 
ASP 'L-peptide linking' y 'ASPARTIC ACID'                   ? 'C4 H7 N O4'     133.103 
CYS 'L-peptide linking' y CYSTEINE                          ? 'C3 H7 N O2 S'   121.158 
GLN 'L-peptide linking' y GLUTAMINE                         ? 'C5 H10 N2 O3'   146.144 
GLU 'L-peptide linking' y 'GLUTAMIC ACID'                   ? 'C5 H9 N O4'     147.129 
GLY 'peptide linking'   y GLYCINE                           ? 'C2 H5 N O2'     75.067  
HIS 'L-peptide linking' y HISTIDINE                         ? 'C6 H10 N3 O2 1' 156.162 
HOH non-polymer         . WATER                             ? 'H2 O'           18.015  
I3P non-polymer         . D-MYO-INOSITOL-1,4,5-TRIPHOSPHATE ? 'C6 H15 O15 P3'  420.096 
ILE 'L-peptide linking' y ISOLEUCINE                        ? 'C6 H13 N O2'    131.173 
LEU 'L-peptide linking' y LEUCINE                           ? 'C6 H13 N O2'    131.173 
LYS 'L-peptide linking' y LYSINE                            ? 'C6 H15 N2 O2 1' 147.195 
MET 'L-peptide linking' y METHIONINE                        ? 'C5 H11 N O2 S'  149.211 
PHE 'L-peptide linking' y PHENYLALANINE                     ? 'C9 H11 N O2'    165.189 
PRO 'L-peptide linking' y PROLINE                           ? 'C5 H9 N O2'     115.130 
SER 'L-peptide linking' y SERINE                            ? 'C3 H7 N O3'     105.093 
THR 'L-peptide linking' y THREONINE                         ? 'C4 H9 N O3'     119.119 
TRP 'L-peptide linking' y TRYPTOPHAN                        ? 'C11 H12 N2 O2'  204.225 
TYR 'L-peptide linking' y TYROSINE                          ? 'C9 H11 N O3'    181.189 
VAL 'L-peptide linking' y VALINE                            ? 'C5 H11 N O2'    117.146 
# 
loop_
_pdbx_poly_seq_scheme.asym_id 
_pdbx_poly_seq_scheme.entity_id 
_pdbx_poly_seq_scheme.seq_id 
_pdbx_poly_seq_scheme.mon_id 
_pdbx_poly_seq_scheme.ndb_seq_num 
_pdbx_poly_seq_scheme.pdb_seq_num 
_pdbx_poly_seq_scheme.auth_seq_num 
_pdbx_poly_seq_scheme.pdb_mon_id 
_pdbx_poly_seq_scheme.auth_mon_id 
_pdbx_poly_seq_scheme.pdb_strand_id 
_pdbx_poly_seq_scheme.pdb_ins_code 
_pdbx_poly_seq_scheme.hetero 
A 1 1   MET 1   1   1   MET MET A . n 
A 1 2   GLU 2   2   2   GLU GLU A . n 
A 1 3   GLY 3   3   3   GLY GLY A . n 
A 1 4   PHE 4   4   4   PHE PHE A . n 
A 1 5   LEU 5   5   5   LEU LEU A . n 
A 1 6   ASN 6   6   6   ASN ASN A . n 
A 1 7   ARG 7   7   7   ARG ARG A . n 
A 1 8   LYS 8   8   8   LYS LYS A . n 
A 1 9   HIS 9   9   9   HIS HIS A . n 
A 1 10  GLU 10  10  10  GLU GLU A . n 
A 1 11  TRP 11  11  11  TRP TRP A . n 
A 1 12  GLU 12  12  12  GLU GLU A . n 
A 1 13  ALA 13  13  13  ALA ALA A . n 
A 1 14  HIS 14  14  14  HIS HIS A . n 
A 1 15  ASN 15  15  15  ASN ASN A . n 
A 1 16  LYS 16  16  16  LYS LYS A . n 
A 1 17  LYS 17  17  17  LYS LYS A . n 
A 1 18  ALA 18  18  18  ALA ALA A . n 
A 1 19  SER 19  19  19  SER SER A . n 
A 1 20  SER 20  20  20  SER SER A . n 
A 1 21  ARG 21  21  21  ARG ARG A . n 
A 1 22  SER 22  22  22  SER SER A . n 
A 1 23  TRP 23  23  23  TRP TRP A . n 
A 1 24  HIS 24  24  24  HIS HIS A . n 
A 1 25  ASN 25  25  25  ASN ASN A . n 
A 1 26  VAL 26  26  26  VAL VAL A . n 
A 1 27  TYR 27  27  27  TYR TYR A . n 
A 1 28  CYS 28  28  28  CYS CYS A . n 
A 1 29  VAL 29  29  29  VAL VAL A . n 
A 1 30  ILE 30  30  30  ILE ILE A . n 
A 1 31  ASN 31  31  31  ASN ASN A . n 
A 1 32  ASN 32  32  32  ASN ASN A . n 
A 1 33  GLN 33  33  33  GLN GLN A . n 
A 1 34  GLU 34  34  34  GLU GLU A . n 
A 1 35  MET 35  35  35  MET MET A . n 
A 1 36  GLY 36  36  36  GLY GLY A . n 
A 1 37  PHE 37  37  37  PHE PHE A . n 
A 1 38  TYR 38  38  38  TYR TYR A . n 
A 1 39  LYS 39  39  39  LYS LYS A . n 
A 1 40  ASP 40  40  40  ASP ASP A . n 
A 1 41  ALA 41  41  41  ALA ALA A . n 
A 1 42  LYS 42  42  42  LYS LYS A . n 
A 1 43  SER 43  43  43  SER SER A . n 
A 1 44  ALA 44  44  44  ALA ALA A . n 
A 1 45  ALA 45  45  45  ALA ALA A . n 
A 1 46  SER 46  46  46  SER SER A . n 
A 1 47  GLY 47  47  47  GLY GLY A . n 
A 1 48  ILE 48  48  48  ILE ILE A . n 
A 1 49  PRO 49  49  49  PRO PRO A . n 
A 1 50  TYR 50  50  50  TYR TYR A . n 
A 1 51  HIS 51  51  51  HIS HIS A . n 
A 1 52  SER 52  52  52  SER SER A . n 
A 1 53  GLU 53  53  53  GLU GLU A . n 
A 1 54  VAL 54  54  54  VAL VAL A . n 
A 1 55  PRO 55  55  55  PRO PRO A . n 
A 1 56  VAL 56  56  56  VAL VAL A . n 
A 1 57  SER 57  57  57  SER SER A . n 
A 1 58  LEU 58  58  58  LEU LEU A . n 
A 1 59  LYS 59  59  59  LYS LYS A . n 
A 1 60  GLU 60  60  60  GLU GLU A . n 
A 1 61  ALA 61  61  61  ALA ALA A . n 
A 1 62  ILE 62  62  62  ILE ILE A . n 
A 1 63  CYS 63  63  63  CYS CYS A . n 
A 1 64  GLU 64  64  64  GLU GLU A . n 
A 1 65  VAL 65  65  65  VAL VAL A . n 
A 1 66  ALA 66  66  66  ALA ALA A . n 
A 1 67  LEU 67  67  67  LEU LEU A . n 
A 1 68  ASP 68  68  68  ASP ASP A . n 
A 1 69  TYR 69  69  69  TYR TYR A . n 
A 1 70  LYS 70  70  70  LYS LYS A . n 
A 1 71  LYS 71  71  71  LYS LYS A . n 
A 1 72  LYS 72  72  72  LYS LYS A . n 
A 1 73  LYS 73  73  73  LYS LYS A . n 
A 1 74  HIS 74  74  74  HIS HIS A . n 
A 1 75  VAL 75  75  75  VAL VAL A . n 
A 1 76  PHE 76  76  76  PHE PHE A . n 
A 1 77  LYS 77  77  77  LYS LYS A . n 
A 1 78  LEU 78  78  78  LEU LEU A . n 
A 1 79  ARG 79  79  79  ARG ARG A . n 
A 1 80  LEU 80  80  80  LEU LEU A . n 
A 1 81  SER 81  81  81  SER SER A . n 
A 1 82  ASP 82  82  82  ASP ASP A . n 
A 1 83  GLY 83  83  83  GLY GLY A . n 
A 1 84  ASN 84  84  84  ASN ASN A . n 
A 1 85  GLU 85  85  85  GLU GLU A . n 
A 1 86  TYR 86  86  86  TYR TYR A . n 
A 1 87  LEU 87  87  87  LEU LEU A . n 
A 1 88  PHE 88  88  88  PHE PHE A . n 
A 1 89  GLN 89  89  89  GLN GLN A . n 
A 1 90  ALA 90  90  90  ALA ALA A . n 
A 1 91  LYS 91  91  91  LYS LYS A . n 
A 1 92  ASP 92  92  92  ASP ASP A . n 
A 1 93  ASP 93  93  93  ASP ASP A . n 
A 1 94  GLU 94  94  94  GLU GLU A . n 
A 1 95  GLU 95  95  95  GLU GLU A . n 
A 1 96  MET 96  96  96  MET MET A . n 
A 1 97  ASN 97  97  97  ASN ASN A . n 
A 1 98  THR 98  98  98  THR THR A . n 
A 1 99  TRP 99  99  99  TRP TRP A . n 
A 1 100 ILE 100 100 100 ILE ILE A . n 
A 1 101 GLN 101 101 101 GLN GLN A . n 
A 1 102 ALA 102 102 102 ALA ALA A . n 
A 1 103 ILE 103 103 103 ILE ILE A . n 
A 1 104 SER 104 104 104 SER SER A . n 
A 1 105 SER 105 105 105 SER SER A . n 
A 1 106 ALA 106 106 106 ALA ALA A . n 
# 
loop_
_pdbx_nonpoly_scheme.asym_id 
_pdbx_nonpoly_scheme.entity_id 
_pdbx_nonpoly_scheme.mon_id 
_pdbx_nonpoly_scheme.ndb_seq_num 
_pdbx_nonpoly_scheme.pdb_seq_num 
_pdbx_nonpoly_scheme.auth_seq_num 
_pdbx_nonpoly_scheme.pdb_mon_id 
_pdbx_nonpoly_scheme.auth_mon_id 
_pdbx_nonpoly_scheme.pdb_strand_id 
_pdbx_nonpoly_scheme.pdb_ins_code 
B 2 I3P 1  107 100 I3P I3P A . 
C 3 HOH 1  108 1   HOH HOH A . 
C 3 HOH 2  109 2   HOH HOH A . 
C 3 HOH 3  110 3   HOH HOH A . 
C 3 HOH 4  111 4   HOH HOH A . 
C 3 HOH 5  112 5   HOH HOH A . 
C 3 HOH 6  113 6   HOH HOH A . 
C 3 HOH 7  114 7   HOH HOH A . 
C 3 HOH 8  115 8   HOH HOH A . 
C 3 HOH 9  116 9   HOH HOH A . 
C 3 HOH 10 117 10  HOH HOH A . 
C 3 HOH 11 118 11  HOH HOH A . 
C 3 HOH 12 119 12  HOH HOH A . 
C 3 HOH 13 120 13  HOH HOH A . 
C 3 HOH 14 121 14  HOH HOH A . 
C 3 HOH 15 122 15  HOH HOH A . 
C 3 HOH 16 123 16  HOH HOH A . 
C 3 HOH 17 124 17  HOH HOH A . 
C 3 HOH 18 125 18  HOH HOH A . 
C 3 HOH 19 126 19  HOH HOH A . 
C 3 HOH 20 127 20  HOH HOH A . 
C 3 HOH 21 128 21  HOH HOH A . 
C 3 HOH 22 129 22  HOH HOH A . 
C 3 HOH 23 130 23  HOH HOH A . 
C 3 HOH 24 131 24  HOH HOH A . 
C 3 HOH 25 132 25  HOH HOH A . 
C 3 HOH 26 133 26  HOH HOH A . 
C 3 HOH 27 134 27  HOH HOH A . 
C 3 HOH 28 135 28  HOH HOH A . 
C 3 HOH 29 136 29  HOH HOH A . 
C 3 HOH 30 137 30  HOH HOH A . 
C 3 HOH 31 138 31  HOH HOH A . 
C 3 HOH 32 139 32  HOH HOH A . 
C 3 HOH 33 140 33  HOH HOH A . 
C 3 HOH 34 141 34  HOH HOH A . 
C 3 HOH 35 142 35  HOH HOH A . 
C 3 HOH 36 143 36  HOH HOH A . 
C 3 HOH 37 144 37  HOH HOH A . 
C 3 HOH 38 145 38  HOH HOH A . 
C 3 HOH 39 146 39  HOH HOH A . 
C 3 HOH 40 147 40  HOH HOH A . 
C 3 HOH 41 148 41  HOH HOH A . 
C 3 HOH 42 149 42  HOH HOH A . 
C 3 HOH 43 150 43  HOH HOH A . 
C 3 HOH 44 151 44  HOH HOH A . 
C 3 HOH 45 152 45  HOH HOH A . 
C 3 HOH 46 153 46  HOH HOH A . 
C 3 HOH 47 154 47  HOH HOH A . 
C 3 HOH 48 155 48  HOH HOH A . 
C 3 HOH 49 156 49  HOH HOH A . 
C 3 HOH 50 157 50  HOH HOH A . 
C 3 HOH 51 158 51  HOH HOH A . 
C 3 HOH 52 159 52  HOH HOH A . 
C 3 HOH 53 160 53  HOH HOH A . 
C 3 HOH 54 161 54  HOH HOH A . 
C 3 HOH 55 162 55  HOH HOH A . 
C 3 HOH 56 163 56  HOH HOH A . 
C 3 HOH 57 164 57  HOH HOH A . 
C 3 HOH 58 165 58  HOH HOH A . 
C 3 HOH 59 166 59  HOH HOH A . 
C 3 HOH 60 167 60  HOH HOH A . 
C 3 HOH 61 168 61  HOH HOH A . 
C 3 HOH 62 169 62  HOH HOH A . 
C 3 HOH 63 170 63  HOH HOH A . 
C 3 HOH 64 171 64  HOH HOH A . 
C 3 HOH 65 172 65  HOH HOH A . 
C 3 HOH 66 173 66  HOH HOH A . 
C 3 HOH 67 174 67  HOH HOH A . 
C 3 HOH 68 175 68  HOH HOH A . 
C 3 HOH 69 176 69  HOH HOH A . 
C 3 HOH 70 177 70  HOH HOH A . 
C 3 HOH 71 178 71  HOH HOH A . 
C 3 HOH 72 179 72  HOH HOH A . 
C 3 HOH 73 180 73  HOH HOH A . 
C 3 HOH 74 181 74  HOH HOH A . 
C 3 HOH 75 182 75  HOH HOH A . 
C 3 HOH 76 183 76  HOH HOH A . 
C 3 HOH 77 184 77  HOH HOH A . 
# 
loop_
_software.name 
_software.classification 
_software.version 
_software.citation_id 
_software.pdbx_ordinal 
X-PLOR 'model building' 3.1 ? 1 
X-PLOR refinement       3.1 ? 2 
XDS    'data reduction' .   ? 3 
X-PLOR phasing          3.1 ? 4 
# 
_cell.entry_id           1BTN 
_cell.length_a           69.000 
_cell.length_b           69.000 
_cell.length_c           50.800 
_cell.angle_alpha        90.00 
_cell.angle_beta         90.00 
_cell.angle_gamma        90.00 
_cell.Z_PDB              8 
_cell.pdbx_unique_axis   ? 
# 
_symmetry.entry_id                         1BTN 
_symmetry.space_group_name_H-M             'P 4 21 2' 
_symmetry.pdbx_full_space_group_name_H-M   ? 
_symmetry.cell_setting                     ? 
_symmetry.Int_Tables_number                90 
# 
_exptl.entry_id          1BTN 
_exptl.method            'X-RAY DIFFRACTION' 
_exptl.crystals_number   ? 
# 
_exptl_crystal.id                    1 
_exptl_crystal.density_meas          ? 
_exptl_crystal.density_Matthews      2.46 
_exptl_crystal.density_percent_sol   50.00 
_exptl_crystal.description           ? 
# 
_exptl_crystal_grow.crystal_id      1 
_exptl_crystal_grow.method          ? 
_exptl_crystal_grow.temp            ? 
_exptl_crystal_grow.temp_details    ? 
_exptl_crystal_grow.pH              6.5 
_exptl_crystal_grow.pdbx_pH_range   ? 
_exptl_crystal_grow.pdbx_details    'pH 6.5' 
# 
_diffrn.id                     1 
_diffrn.ambient_temp           293 
_diffrn.ambient_temp_details   ? 
_diffrn.crystal_id             1 
# 
_diffrn_detector.diffrn_id              1 
_diffrn_detector.detector               'IMAGE PLATE' 
_diffrn_detector.type                   MARRESEARCH 
_diffrn_detector.pdbx_collection_date   1995-02 
_diffrn_detector.details                ? 
# 
_diffrn_radiation.diffrn_id                        1 
_diffrn_radiation.wavelength_id                    1 
_diffrn_radiation.pdbx_monochromatic_or_laue_m_l   M 
_diffrn_radiation.monochromator                    ? 
_diffrn_radiation.pdbx_diffrn_protocol             ? 
_diffrn_radiation.pdbx_scattering_type             x-ray 
# 
_diffrn_radiation_wavelength.id           1 
_diffrn_radiation_wavelength.wavelength   1.54 
_diffrn_radiation_wavelength.wt           1.0 
# 
_diffrn_source.diffrn_id                   1 
_diffrn_source.source                      ? 
_diffrn_source.type                        ? 
_diffrn_source.pdbx_synchrotron_site       ? 
_diffrn_source.pdbx_synchrotron_beamline   ? 
_diffrn_source.pdbx_wavelength             1.54 
_diffrn_source.pdbx_wavelength_list        ? 
# 
_reflns.entry_id                     1BTN 
_reflns.observed_criterion_sigma_I   0.0 
_reflns.observed_criterion_sigma_F   ? 
_reflns.d_resolution_low             1000.0 
_reflns.d_resolution_high            2.0 
_reflns.number_obs                   7830 
_reflns.number_all                   ? 
_reflns.percent_possible_obs         89.6 
_reflns.pdbx_Rmerge_I_obs            0.047 
_reflns.pdbx_Rsym_value              ? 
_reflns.pdbx_netI_over_sigmaI        ? 
_reflns.B_iso_Wilson_estimate        ? 
_reflns.pdbx_redundancy              5.4 
_reflns.pdbx_diffrn_id               1 
_reflns.pdbx_ordinal                 1 
# 
_refine.entry_id                                 1BTN 
_refine.ls_number_reflns_obs                     7573 
_refine.ls_number_reflns_all                     ? 
_refine.pdbx_ls_sigma_I                          ? 
_refine.pdbx_ls_sigma_F                          1.0 
_refine.pdbx_data_cutoff_high_absF               ? 
_refine.pdbx_data_cutoff_low_absF                ? 
_refine.pdbx_data_cutoff_high_rms_absF           ? 
_refine.ls_d_res_low                             8.0 
_refine.ls_d_res_high                            2.0 
_refine.ls_percent_reflns_obs                    88.6 
_refine.ls_R_factor_obs                          0.205 
_refine.ls_R_factor_all                          ? 
_refine.ls_R_factor_R_work                       0.205 
_refine.ls_R_factor_R_free                       0.286 
_refine.ls_R_factor_R_free_error                 ? 
_refine.ls_R_factor_R_free_error_details         ? 
_refine.ls_percent_reflns_R_free                 ? 
_refine.ls_number_reflns_R_free                  ? 
_refine.ls_number_parameters                     ? 
_refine.ls_number_restraints                     ? 
_refine.occupancy_min                            ? 
_refine.occupancy_max                            ? 
_refine.B_iso_mean                               27.9 
_refine.aniso_B[1][1]                            ? 
_refine.aniso_B[2][2]                            ? 
_refine.aniso_B[3][3]                            ? 
_refine.aniso_B[1][2]                            ? 
_refine.aniso_B[1][3]                            ? 
_refine.aniso_B[2][3]                            ? 
_refine.solvent_model_details                    ? 
_refine.solvent_model_param_ksol                 ? 
_refine.solvent_model_param_bsol                 ? 
_refine.pdbx_ls_cross_valid_method               ? 
_refine.details                                  ? 
_refine.pdbx_starting_model                      ? 
_refine.pdbx_method_to_determine_struct          ? 
_refine.pdbx_isotropic_thermal_model             ? 
_refine.pdbx_stereochemistry_target_values       ? 
_refine.pdbx_stereochem_target_val_spec_case     ? 
_refine.pdbx_R_Free_selection_details            ? 
_refine.pdbx_overall_ESU_R                       ? 
_refine.pdbx_overall_ESU_R_Free                  ? 
_refine.overall_SU_ML                            ? 
_refine.overall_SU_B                             ? 
_refine.pdbx_refine_id                           'X-RAY DIFFRACTION' 
_refine.pdbx_diffrn_id                           1 
_refine.pdbx_TLS_residual_ADP_flag               ? 
_refine.correlation_coeff_Fo_to_Fc               ? 
_refine.correlation_coeff_Fo_to_Fc_free          ? 
_refine.pdbx_solvent_vdw_probe_radii             ? 
_refine.pdbx_solvent_ion_probe_radii             ? 
_refine.pdbx_solvent_shrinkage_radii             ? 
_refine.pdbx_overall_phase_error                 ? 
_refine.overall_SU_R_Cruickshank_DPI             ? 
_refine.pdbx_overall_SU_R_free_Cruickshank_DPI   ? 
_refine.pdbx_overall_SU_R_Blow_DPI               ? 
_refine.pdbx_overall_SU_R_free_Blow_DPI          ? 
# 
_refine_analyze.entry_id                        1BTN 
_refine_analyze.Luzzati_coordinate_error_obs    0.27 
_refine_analyze.Luzzati_sigma_a_obs             ? 
_refine_analyze.Luzzati_d_res_low_obs           ? 
_refine_analyze.Luzzati_coordinate_error_free   ? 
_refine_analyze.Luzzati_sigma_a_free            ? 
_refine_analyze.Luzzati_d_res_low_free          ? 
_refine_analyze.number_disordered_residues      ? 
_refine_analyze.occupancy_sum_hydrogen          ? 
_refine_analyze.occupancy_sum_non_hydrogen      ? 
_refine_analyze.pdbx_refine_id                  'X-RAY DIFFRACTION' 
# 
_refine_hist.pdbx_refine_id                   'X-RAY DIFFRACTION' 
_refine_hist.cycle_id                         LAST 
_refine_hist.pdbx_number_atoms_protein        864 
_refine_hist.pdbx_number_atoms_nucleic_acid   0 
_refine_hist.pdbx_number_atoms_ligand         24 
_refine_hist.number_atoms_solvent             77 
_refine_hist.number_atoms_total               965 
_refine_hist.d_res_high                       2.0 
_refine_hist.d_res_low                        8.0 
# 
loop_
_refine_ls_restr.type 
_refine_ls_restr.dev_ideal 
_refine_ls_restr.dev_ideal_target 
_refine_ls_restr.weight 
_refine_ls_restr.number 
_refine_ls_restr.pdbx_refine_id 
_refine_ls_restr.pdbx_restraint_function 
x_bond_d                0.011 ? ? ? 'X-RAY DIFFRACTION' ? 
x_bond_d_na             ?     ? ? ? 'X-RAY DIFFRACTION' ? 
x_bond_d_prot           ?     ? ? ? 'X-RAY DIFFRACTION' ? 
x_angle_d               ?     ? ? ? 'X-RAY DIFFRACTION' ? 
x_angle_d_na            ?     ? ? ? 'X-RAY DIFFRACTION' ? 
x_angle_d_prot          ?     ? ? ? 'X-RAY DIFFRACTION' ? 
x_angle_deg             1.501 ? ? ? 'X-RAY DIFFRACTION' ? 
x_angle_deg_na          ?     ? ? ? 'X-RAY DIFFRACTION' ? 
x_angle_deg_prot        ?     ? ? ? 'X-RAY DIFFRACTION' ? 
x_dihedral_angle_d      25.62 ? ? ? 'X-RAY DIFFRACTION' ? 
x_dihedral_angle_d_na   ?     ? ? ? 'X-RAY DIFFRACTION' ? 
x_dihedral_angle_d_prot ?     ? ? ? 'X-RAY DIFFRACTION' ? 
x_improper_angle_d      1.346 ? ? ? 'X-RAY DIFFRACTION' ? 
x_improper_angle_d_na   ?     ? ? ? 'X-RAY DIFFRACTION' ? 
x_improper_angle_d_prot ?     ? ? ? 'X-RAY DIFFRACTION' ? 
x_mcbond_it             ?     ? ? ? 'X-RAY DIFFRACTION' ? 
x_mcangle_it            ?     ? ? ? 'X-RAY DIFFRACTION' ? 
x_scbond_it             ?     ? ? ? 'X-RAY DIFFRACTION' ? 
x_scangle_it            ?     ? ? ? 'X-RAY DIFFRACTION' ? 
# 
_struct.entry_id                  1BTN 
_struct.title                     'STRUCTURE OF THE BINDING SITE FOR INOSITOL PHOSPHATES IN A PH DOMAIN' 
_struct.pdbx_model_details        ? 
_struct.pdbx_CASP_flag            ? 
_struct.pdbx_model_type_details   ? 
# 
_struct_keywords.entry_id        1BTN 
_struct_keywords.pdbx_keywords   'SIGNAL TRANSDUCTION PROTEIN' 
_struct_keywords.text            'SIGNAL TRANSDUCTION PROTEIN' 
# 
loop_
_struct_asym.id 
_struct_asym.pdbx_blank_PDB_chainid_flag 
_struct_asym.pdbx_modified 
_struct_asym.entity_id 
_struct_asym.details 
A N N 1 ? 
B N N 2 ? 
C N N 3 ? 
# 
_struct_ref.id                         1 
_struct_ref.db_name                    UNP 
_struct_ref.db_code                    SPTB2_MOUSE 
_struct_ref.entity_id                  1 
_struct_ref.pdbx_db_accession          Q62261 
_struct_ref.pdbx_align_begin           1 
_struct_ref.pdbx_seq_one_letter_code   
;MTTTVATDYDNIEIQQQYSDVNNRWDVDDWDNENSSARLFERSRIKALADEREAVQKKTFTKWVNSHLARVSCRITDLYT
DLRDGRMLIKLLEVLSGERLPKPTKGRMRIHCLENVDKALQFLKEQRVHLENMGSHDIVDGNHRLTLGLIWTIILRFQIQ
DISVETEDNKEKKSAKDALLLWCQMKTAGYPNVNIHNFTTSWRDGMAFNALIHKHRPDLIDFDKLKKSNAHYNLQNAFNL
AEQHLGLTKLLDPEDISVDHPDEKSIITYVVTYYHYFSKMKALAVEGKRIGKVLDNAIETEKMIEKYESLASDLLEWIEQ
TIIILNNRKFANSLVGVQQQLQAFNTYRTVEKPPKFTEKGNLEVLLFTIQSKMRANNQKVYMPREGKLISDINKAWERLE
KAEHERELALRNELIRQEKLEQLARRFDRKAAMRETWLSENQRLVSQDNFGFDLPAVEAATKKHEAIETDIAAYEERVQA
VVAVARELEAENYHDIKRITARKDNVIRLWEYLLELLRARRQRLEMNLGLQKIFQEMLYIMDWMDEMKVLLLSQDYGKHL
LGVEDLLQKHALVEADIAIQAERVRGVNASAQKFATDGEGYKPCDPQVIRDRVAHMEFCYQELCQLAAERRARLEESRRL
WKFFWEMAEEEGWIREKEKILSSDDYGKDLTSVMRLLSKHRAFEDEMSGRSGHFEQAIKEGEDMIAEEHFGSEKIRERII
YIREQWANLEQLSAIRIKRLEEASLLHQFQADADDIDAWMLDILKIVSSNDVGHDEYSTQSLVKKHKDVAEEITNYRPTI
DTLHEQASALPQAHAESPDVKGRLAGIEERCKEMAELTRLRKQALRDTLALYKMFSEADACELWIDEKEQWLNNMQIPEK
LEDLEVIQHRFESLEPEMNNQASRVAVVNQIARQLMHNGHPSEKEIRAQQDKLNTRWSQFRELVDRKKDALLSALSIQNY
HLECNETKSWIREKTKVIESTQDLGNDLAGVMALQRKLTGMERDLVAIEAKLSDLQKEAEKLESEHPDQAQAILSRLAEI
SDVWEEMKTTLKNREASLGEASKLQQFLRDLDDFQSWLSRTQTAIASEDMPNTLTEAEKLLTQHENIKNEIDNYEEDYQK
MRDMGEMVTQGQTDAQYMFLRQRLQALDTGWNELHKMWENRQNLLSQSHAYQQFLRDTKQAEAFLNNQEYVLAHTEMPTT
LEGAEAAIKKQEDFMTTMDANEEKINAVVETGRRLVSDGNINSDRIQEKVDSIDDRHRKNREAASELLMRLKDNRDLQKF
LQDCQELSLWINEKMLTAQDMSYDEARNLHSKWLKHQAFMAELASNKEWLDKIEKEGMQLISEKPETEAVVKEKLTGLHK
MWEVLESTTQTKAQRLFDANKAELFTQSCADLDKWLHGLEKPGFQSDDYGKDLTQSQYSSEKGNRRRRIRWKFGRKRSRN
CRPSPGSSRGRAQMRVDSKRLTVQTKFMELLEPLSERKHNLLASKEIHQFNRDVEDEILWVGERMPLRTSTDHGHNLQTV
QLLIKKNQTLQKEIQGHQPRIDDIFERSQNIITDSSSLNAEAIRQRLADLKQLWGLLIEETEKRHRRLEEAHKAQQYYFD
AAEAEAWMSEQELYMMSEKRPRMKQSAVSMLKKHQILEQAVEDYAETVHQLSKTSRALVADSHPESERISMRQSKVDKLY
AGLKDLAEERRGKLDERHRLFQLNREVDDLEQWIAEREVVAGSHELGQDYEHVTMLQERFREFARDTGNIGQERVDTVNN
MADELINSGHSDAATIAEWKDGLNEAWADLLELIDTRTQILAASYELHKFYHDAKEIFGRIQDKHKKLPEELGRDQNTVE
TLQRMHTTFEHDIQALGTQVRQLQEDAARLQAAYAGDKADDIQKRENEVLEAWKSLLGACEGRRVRLVDTGDKFRFFSMV
RDLMLWMEDVIRQIEAQEKPRDVSSVELLMNNHQGIKAEIDARNDSFTACIELGKSLLARKHYASEEIKEKLLQLTEKRK
EMIDKWEDRWEWLRLILEVHQFSRDASVAEAWLLGQEPYLSSREIGQSVDEVEKLIKRHEAFEKSAATWDERFSALERLT
TLELLEVRRQQEEEERKRRPPSPDPNTKVSEEAESQQWDTSKGDQVSQNGLPAEQGSPRMAGTMETSEMVNGAAEQRTSS
KESSPVPSPTSDRKAKSALPAQSAATLPARTLETPAAQMEGFLNRKHEWEAHNKKASSRSWHNVYCVINNQEMGFYKDAK
SAASGIPYHSEVPVSLKEAICEVALDYKKKKHVFKLRLSDGNEYLFQAKDDEEMNTWIQAISSAISSDKHDTSASTQSTP
ASSRAQTLPTSVVTITSESSPGKRAEDKEKDKEKRSTVFGKKK
;
_struct_ref.pdbx_db_isoform            ? 
# 
_struct_ref_seq.align_id                      1 
_struct_ref_seq.ref_id                        1 
_struct_ref_seq.pdbx_PDB_id_code              1BTN 
_struct_ref_seq.pdbx_strand_id                A 
_struct_ref_seq.seq_align_beg                 1 
_struct_ref_seq.pdbx_seq_align_beg_ins_code   ? 
_struct_ref_seq.seq_align_end                 106 
_struct_ref_seq.pdbx_seq_align_end_ins_code   ? 
_struct_ref_seq.pdbx_db_accession             Q62261 
_struct_ref_seq.db_align_beg                  2199 
_struct_ref_seq.pdbx_db_align_beg_ins_code    ? 
_struct_ref_seq.db_align_end                  2304 
_struct_ref_seq.pdbx_db_align_end_ins_code    ? 
_struct_ref_seq.pdbx_auth_seq_align_beg       1 
_struct_ref_seq.pdbx_auth_seq_align_end       106 
# 
_pdbx_struct_assembly.id                   1 
_pdbx_struct_assembly.details              author_defined_assembly 
_pdbx_struct_assembly.method_details       ? 
_pdbx_struct_assembly.oligomeric_details   dimeric 
_pdbx_struct_assembly.oligomeric_count     2 
# 
_pdbx_struct_assembly_gen.assembly_id       1 
_pdbx_struct_assembly_gen.oper_expression   1,2 
_pdbx_struct_assembly_gen.asym_id_list      A,B,C 
# 
loop_
_pdbx_struct_oper_list.id 
_pdbx_struct_oper_list.type 
_pdbx_struct_oper_list.name 
_pdbx_struct_oper_list.symmetry_operation 
_pdbx_struct_oper_list.matrix[1][1] 
_pdbx_struct_oper_list.matrix[1][2] 
_pdbx_struct_oper_list.matrix[1][3] 
_pdbx_struct_oper_list.vector[1] 
_pdbx_struct_oper_list.matrix[2][1] 
_pdbx_struct_oper_list.matrix[2][2] 
_pdbx_struct_oper_list.matrix[2][3] 
_pdbx_struct_oper_list.vector[2] 
_pdbx_struct_oper_list.matrix[3][1] 
_pdbx_struct_oper_list.matrix[3][2] 
_pdbx_struct_oper_list.matrix[3][3] 
_pdbx_struct_oper_list.vector[3] 
1 'identity operation'         1_555 x,y,z        1.0000000000  0.0000000000  0.0000000000 0.0000000000  0.0000000000  1.0000000000 0.0000000000  0.0000000000  0.0000000000 0.0000000000  1.0000000000  0.0000000000  
2 'crystal symmetry operation' 8_665 -y+1,-x+1,-z -0.2203039167 -0.9633505539 0.1530421334 22.2618587797 -0.9633505539 0.1902641422 -0.1890906304 17.8439111346 0.1530421334 -0.1890906304 -0.9699602254 -1.0947470340 
# 
_struct_biol.id   1 
# 
loop_
_struct_conf.conf_type_id 
_struct_conf.id 
_struct_conf.pdbx_PDB_helix_id 
_struct_conf.beg_label_comp_id 
_struct_conf.beg_label_asym_id 
_struct_conf.beg_label_seq_id 
_struct_conf.pdbx_beg_PDB_ins_code 
_struct_conf.end_label_comp_id 
_struct_conf.end_label_asym_id 
_struct_conf.end_label_seq_id 
_struct_conf.pdbx_end_PDB_ins_code 
_struct_conf.beg_auth_comp_id 
_struct_conf.beg_auth_asym_id 
_struct_conf.beg_auth_seq_id 
_struct_conf.end_auth_comp_id 
_struct_conf.end_auth_asym_id 
_struct_conf.end_auth_seq_id 
_struct_conf.pdbx_PDB_helix_class 
_struct_conf.details 
_struct_conf.pdbx_PDB_helix_length 
HELX_P HELX_P1 1 ALA A 41 ? SER A 46  ? ALA A 41 SER A 46  1 ? 6  
HELX_P HELX_P2 2 ASP A 93 ? SER A 104 ? ASP A 93 SER A 104 1 ? 12 
# 
_struct_conf_type.id          HELX_P 
_struct_conf_type.criteria    ? 
_struct_conf_type.reference   ? 
# 
_struct_sheet.id               A 
_struct_sheet.type             ? 
_struct_sheet.number_strands   6 
_struct_sheet.details          ? 
# 
loop_
_struct_sheet_order.sheet_id 
_struct_sheet_order.range_id_1 
_struct_sheet_order.range_id_2 
_struct_sheet_order.offset 
_struct_sheet_order.sense 
A 1 2 ? anti-parallel 
A 2 3 ? anti-parallel 
A 3 4 ? anti-parallel 
A 4 5 ? anti-parallel 
A 5 6 ? anti-parallel 
# 
loop_
_struct_sheet_range.sheet_id 
_struct_sheet_range.id 
_struct_sheet_range.beg_label_comp_id 
_struct_sheet_range.beg_label_asym_id 
_struct_sheet_range.beg_label_seq_id 
_struct_sheet_range.pdbx_beg_PDB_ins_code 
_struct_sheet_range.end_label_comp_id 
_struct_sheet_range.end_label_asym_id 
_struct_sheet_range.end_label_seq_id 
_struct_sheet_range.pdbx_end_PDB_ins_code 
_struct_sheet_range.beg_auth_comp_id 
_struct_sheet_range.beg_auth_asym_id 
_struct_sheet_range.beg_auth_seq_id 
_struct_sheet_range.end_auth_comp_id 
_struct_sheet_range.end_auth_asym_id 
_struct_sheet_range.end_auth_seq_id 
A 1 GLU A 34 ? TYR A 38 ? GLU A 34 TYR A 38 
A 2 HIS A 24 ? ASN A 31 ? HIS A 24 ASN A 31 
A 3 GLU A 2  ? TRP A 11 ? GLU A 2  TRP A 11 
A 4 GLU A 85 ? GLN A 89 ? GLU A 85 GLN A 89 
A 5 VAL A 75 ? ARG A 79 ? VAL A 75 ARG A 79 
A 6 ILE A 62 ? VAL A 65 ? ILE A 62 VAL A 65 
# 
loop_
_pdbx_struct_sheet_hbond.sheet_id 
_pdbx_struct_sheet_hbond.range_id_1 
_pdbx_struct_sheet_hbond.range_id_2 
_pdbx_struct_sheet_hbond.range_1_label_atom_id 
_pdbx_struct_sheet_hbond.range_1_label_comp_id 
_pdbx_struct_sheet_hbond.range_1_label_asym_id 
_pdbx_struct_sheet_hbond.range_1_label_seq_id 
_pdbx_struct_sheet_hbond.range_1_PDB_ins_code 
_pdbx_struct_sheet_hbond.range_1_auth_atom_id 
_pdbx_struct_sheet_hbond.range_1_auth_comp_id 
_pdbx_struct_sheet_hbond.range_1_auth_asym_id 
_pdbx_struct_sheet_hbond.range_1_auth_seq_id 
_pdbx_struct_sheet_hbond.range_2_label_atom_id 
_pdbx_struct_sheet_hbond.range_2_label_comp_id 
_pdbx_struct_sheet_hbond.range_2_label_asym_id 
_pdbx_struct_sheet_hbond.range_2_label_seq_id 
_pdbx_struct_sheet_hbond.range_2_PDB_ins_code 
_pdbx_struct_sheet_hbond.range_2_auth_atom_id 
_pdbx_struct_sheet_hbond.range_2_auth_comp_id 
_pdbx_struct_sheet_hbond.range_2_auth_asym_id 
_pdbx_struct_sheet_hbond.range_2_auth_seq_id 
A 1 2 O GLU A 34 ? O GLU A 34 N ASN A 31 ? N ASN A 31 
A 2 3 O HIS A 24 ? O HIS A 24 N ARG A 7  ? N ARG A 7  
A 3 4 O ASN A 6  ? O ASN A 6  N GLN A 89 ? N GLN A 89 
A 4 5 O TYR A 86 ? O TYR A 86 N LEU A 78 ? N LEU A 78 
A 5 6 O LYS A 77 ? O LYS A 77 N GLU A 64 ? N GLU A 64 
# 
_struct_site.id                   AC1 
_struct_site.pdbx_evidence_code   Software 
_struct_site.pdbx_auth_asym_id    A 
_struct_site.pdbx_auth_comp_id    I3P 
_struct_site.pdbx_auth_seq_id     107 
_struct_site.pdbx_auth_ins_code   ? 
_struct_site.pdbx_num_residues    13 
_struct_site.details              'BINDING SITE FOR RESIDUE I3P A 107' 
# 
loop_
_struct_site_gen.id 
_struct_site_gen.site_id 
_struct_site_gen.pdbx_num_res 
_struct_site_gen.label_comp_id 
_struct_site_gen.label_asym_id 
_struct_site_gen.label_seq_id 
_struct_site_gen.pdbx_auth_ins_code 
_struct_site_gen.auth_comp_id 
_struct_site_gen.auth_asym_id 
_struct_site_gen.auth_seq_id 
_struct_site_gen.label_atom_id 
_struct_site_gen.label_alt_id 
_struct_site_gen.symmetry 
_struct_site_gen.details 
1  AC1 13 LYS A 8  ? LYS A 8   . ? 1_555 ? 
2  AC1 13 ARG A 21 ? ARG A 21  . ? 1_555 ? 
3  AC1 13 SER A 22 ? SER A 22  . ? 1_555 ? 
4  AC1 13 TRP A 23 ? TRP A 23  . ? 1_555 ? 
5  AC1 13 HIS A 24 ? HIS A 24  . ? 8_666 ? 
6  AC1 13 LYS A 39 ? LYS A 39  . ? 8_666 ? 
7  AC1 13 TYR A 50 ? TYR A 50  . ? 8_666 ? 
8  AC1 13 HIS A 51 ? HIS A 51  . ? 8_666 ? 
9  AC1 13 TYR A 69 ? TYR A 69  . ? 1_555 ? 
10 AC1 13 LYS A 71 ? LYS A 71  . ? 1_555 ? 
11 AC1 13 HOH C .  ? HOH A 129 . ? 1_555 ? 
12 AC1 13 HOH C .  ? HOH A 133 . ? 8_666 ? 
13 AC1 13 HOH C .  ? HOH A 180 . ? 8_666 ? 
# 
_pdbx_validate_torsion.id              1 
_pdbx_validate_torsion.PDB_model_num   1 
_pdbx_validate_torsion.auth_comp_id    HIS 
_pdbx_validate_torsion.auth_asym_id    A 
_pdbx_validate_torsion.auth_seq_id     51 
_pdbx_validate_torsion.PDB_ins_code    ? 
_pdbx_validate_torsion.label_alt_id    ? 
_pdbx_validate_torsion.phi             -141.76 
_pdbx_validate_torsion.psi             51.96 
# 
loop_
_chem_comp_atom.comp_id 
_chem_comp_atom.atom_id 
_chem_comp_atom.type_symbol 
_chem_comp_atom.pdbx_aromatic_flag 
_chem_comp_atom.pdbx_stereo_config 
_chem_comp_atom.pdbx_ordinal 
ALA N    N N N 1   
ALA CA   C N S 2   
ALA C    C N N 3   
ALA O    O N N 4   
ALA CB   C N N 5   
ALA OXT  O N N 6   
ALA H    H N N 7   
ALA H2   H N N 8   
ALA HA   H N N 9   
ALA HB1  H N N 10  
ALA HB2  H N N 11  
ALA HB3  H N N 12  
ALA HXT  H N N 13  
ARG N    N N N 14  
ARG CA   C N S 15  
ARG C    C N N 16  
ARG O    O N N 17  
ARG CB   C N N 18  
ARG CG   C N N 19  
ARG CD   C N N 20  
ARG NE   N N N 21  
ARG CZ   C N N 22  
ARG NH1  N N N 23  
ARG NH2  N N N 24  
ARG OXT  O N N 25  
ARG H    H N N 26  
ARG H2   H N N 27  
ARG HA   H N N 28  
ARG HB2  H N N 29  
ARG HB3  H N N 30  
ARG HG2  H N N 31  
ARG HG3  H N N 32  
ARG HD2  H N N 33  
ARG HD3  H N N 34  
ARG HE   H N N 35  
ARG HH11 H N N 36  
ARG HH12 H N N 37  
ARG HH21 H N N 38  
ARG HH22 H N N 39  
ARG HXT  H N N 40  
ASN N    N N N 41  
ASN CA   C N S 42  
ASN C    C N N 43  
ASN O    O N N 44  
ASN CB   C N N 45  
ASN CG   C N N 46  
ASN OD1  O N N 47  
ASN ND2  N N N 48  
ASN OXT  O N N 49  
ASN H    H N N 50  
ASN H2   H N N 51  
ASN HA   H N N 52  
ASN HB2  H N N 53  
ASN HB3  H N N 54  
ASN HD21 H N N 55  
ASN HD22 H N N 56  
ASN HXT  H N N 57  
ASP N    N N N 58  
ASP CA   C N S 59  
ASP C    C N N 60  
ASP O    O N N 61  
ASP CB   C N N 62  
ASP CG   C N N 63  
ASP OD1  O N N 64  
ASP OD2  O N N 65  
ASP OXT  O N N 66  
ASP H    H N N 67  
ASP H2   H N N 68  
ASP HA   H N N 69  
ASP HB2  H N N 70  
ASP HB3  H N N 71  
ASP HD2  H N N 72  
ASP HXT  H N N 73  
CYS N    N N N 74  
CYS CA   C N R 75  
CYS C    C N N 76  
CYS O    O N N 77  
CYS CB   C N N 78  
CYS SG   S N N 79  
CYS OXT  O N N 80  
CYS H    H N N 81  
CYS H2   H N N 82  
CYS HA   H N N 83  
CYS HB2  H N N 84  
CYS HB3  H N N 85  
CYS HG   H N N 86  
CYS HXT  H N N 87  
GLN N    N N N 88  
GLN CA   C N S 89  
GLN C    C N N 90  
GLN O    O N N 91  
GLN CB   C N N 92  
GLN CG   C N N 93  
GLN CD   C N N 94  
GLN OE1  O N N 95  
GLN NE2  N N N 96  
GLN OXT  O N N 97  
GLN H    H N N 98  
GLN H2   H N N 99  
GLN HA   H N N 100 
GLN HB2  H N N 101 
GLN HB3  H N N 102 
GLN HG2  H N N 103 
GLN HG3  H N N 104 
GLN HE21 H N N 105 
GLN HE22 H N N 106 
GLN HXT  H N N 107 
GLU N    N N N 108 
GLU CA   C N S 109 
GLU C    C N N 110 
GLU O    O N N 111 
GLU CB   C N N 112 
GLU CG   C N N 113 
GLU CD   C N N 114 
GLU OE1  O N N 115 
GLU OE2  O N N 116 
GLU OXT  O N N 117 
GLU H    H N N 118 
GLU H2   H N N 119 
GLU HA   H N N 120 
GLU HB2  H N N 121 
GLU HB3  H N N 122 
GLU HG2  H N N 123 
GLU HG3  H N N 124 
GLU HE2  H N N 125 
GLU HXT  H N N 126 
GLY N    N N N 127 
GLY CA   C N N 128 
GLY C    C N N 129 
GLY O    O N N 130 
GLY OXT  O N N 131 
GLY H    H N N 132 
GLY H2   H N N 133 
GLY HA2  H N N 134 
GLY HA3  H N N 135 
GLY HXT  H N N 136 
HIS N    N N N 137 
HIS CA   C N S 138 
HIS C    C N N 139 
HIS O    O N N 140 
HIS CB   C N N 141 
HIS CG   C Y N 142 
HIS ND1  N Y N 143 
HIS CD2  C Y N 144 
HIS CE1  C Y N 145 
HIS NE2  N Y N 146 
HIS OXT  O N N 147 
HIS H    H N N 148 
HIS H2   H N N 149 
HIS HA   H N N 150 
HIS HB2  H N N 151 
HIS HB3  H N N 152 
HIS HD1  H N N 153 
HIS HD2  H N N 154 
HIS HE1  H N N 155 
HIS HE2  H N N 156 
HIS HXT  H N N 157 
HOH O    O N N 158 
HOH H1   H N N 159 
HOH H2   H N N 160 
I3P C1   C N R 161 
I3P C2   C N R 162 
I3P C3   C N S 163 
I3P C4   C N R 164 
I3P C5   C N R 165 
I3P C6   C N S 166 
I3P O1   O N N 167 
I3P O2   O N N 168 
I3P O3   O N N 169 
I3P O4   O N N 170 
I3P O5   O N N 171 
I3P O6   O N N 172 
I3P P1   P N N 173 
I3P O11  O N N 174 
I3P O12  O N N 175 
I3P O13  O N N 176 
I3P P4   P N N 177 
I3P O41  O N N 178 
I3P O42  O N N 179 
I3P O43  O N N 180 
I3P P5   P N N 181 
I3P O51  O N N 182 
I3P O52  O N N 183 
I3P O53  O N N 184 
I3P H1   H N N 185 
I3P H2   H N N 186 
I3P H3   H N N 187 
I3P H4   H N N 188 
I3P H5   H N N 189 
I3P H6   H N N 190 
I3P HO2  H N N 191 
I3P HO3  H N N 192 
I3P HO6  H N N 193 
I3P HO12 H N N 194 
I3P HO13 H N N 195 
I3P HO42 H N N 196 
I3P HO43 H N N 197 
I3P HO52 H N N 198 
I3P HO53 H N N 199 
ILE N    N N N 200 
ILE CA   C N S 201 
ILE C    C N N 202 
ILE O    O N N 203 
ILE CB   C N S 204 
ILE CG1  C N N 205 
ILE CG2  C N N 206 
ILE CD1  C N N 207 
ILE OXT  O N N 208 
ILE H    H N N 209 
ILE H2   H N N 210 
ILE HA   H N N 211 
ILE HB   H N N 212 
ILE HG12 H N N 213 
ILE HG13 H N N 214 
ILE HG21 H N N 215 
ILE HG22 H N N 216 
ILE HG23 H N N 217 
ILE HD11 H N N 218 
ILE HD12 H N N 219 
ILE HD13 H N N 220 
ILE HXT  H N N 221 
LEU N    N N N 222 
LEU CA   C N S 223 
LEU C    C N N 224 
LEU O    O N N 225 
LEU CB   C N N 226 
LEU CG   C N N 227 
LEU CD1  C N N 228 
LEU CD2  C N N 229 
LEU OXT  O N N 230 
LEU H    H N N 231 
LEU H2   H N N 232 
LEU HA   H N N 233 
LEU HB2  H N N 234 
LEU HB3  H N N 235 
LEU HG   H N N 236 
LEU HD11 H N N 237 
LEU HD12 H N N 238 
LEU HD13 H N N 239 
LEU HD21 H N N 240 
LEU HD22 H N N 241 
LEU HD23 H N N 242 
LEU HXT  H N N 243 
LYS N    N N N 244 
LYS CA   C N S 245 
LYS C    C N N 246 
LYS O    O N N 247 
LYS CB   C N N 248 
LYS CG   C N N 249 
LYS CD   C N N 250 
LYS CE   C N N 251 
LYS NZ   N N N 252 
LYS OXT  O N N 253 
LYS H    H N N 254 
LYS H2   H N N 255 
LYS HA   H N N 256 
LYS HB2  H N N 257 
LYS HB3  H N N 258 
LYS HG2  H N N 259 
LYS HG3  H N N 260 
LYS HD2  H N N 261 
LYS HD3  H N N 262 
LYS HE2  H N N 263 
LYS HE3  H N N 264 
LYS HZ1  H N N 265 
LYS HZ2  H N N 266 
LYS HZ3  H N N 267 
LYS HXT  H N N 268 
MET N    N N N 269 
MET CA   C N S 270 
MET C    C N N 271 
MET O    O N N 272 
MET CB   C N N 273 
MET CG   C N N 274 
MET SD   S N N 275 
MET CE   C N N 276 
MET OXT  O N N 277 
MET H    H N N 278 
MET H2   H N N 279 
MET HA   H N N 280 
MET HB2  H N N 281 
MET HB3  H N N 282 
MET HG2  H N N 283 
MET HG3  H N N 284 
MET HE1  H N N 285 
MET HE2  H N N 286 
MET HE3  H N N 287 
MET HXT  H N N 288 
PHE N    N N N 289 
PHE CA   C N S 290 
PHE C    C N N 291 
PHE O    O N N 292 
PHE CB   C N N 293 
PHE CG   C Y N 294 
PHE CD1  C Y N 295 
PHE CD2  C Y N 296 
PHE CE1  C Y N 297 
PHE CE2  C Y N 298 
PHE CZ   C Y N 299 
PHE OXT  O N N 300 
PHE H    H N N 301 
PHE H2   H N N 302 
PHE HA   H N N 303 
PHE HB2  H N N 304 
PHE HB3  H N N 305 
PHE HD1  H N N 306 
PHE HD2  H N N 307 
PHE HE1  H N N 308 
PHE HE2  H N N 309 
PHE HZ   H N N 310 
PHE HXT  H N N 311 
PRO N    N N N 312 
PRO CA   C N S 313 
PRO C    C N N 314 
PRO O    O N N 315 
PRO CB   C N N 316 
PRO CG   C N N 317 
PRO CD   C N N 318 
PRO OXT  O N N 319 
PRO H    H N N 320 
PRO HA   H N N 321 
PRO HB2  H N N 322 
PRO HB3  H N N 323 
PRO HG2  H N N 324 
PRO HG3  H N N 325 
PRO HD2  H N N 326 
PRO HD3  H N N 327 
PRO HXT  H N N 328 
SER N    N N N 329 
SER CA   C N S 330 
SER C    C N N 331 
SER O    O N N 332 
SER CB   C N N 333 
SER OG   O N N 334 
SER OXT  O N N 335 
SER H    H N N 336 
SER H2   H N N 337 
SER HA   H N N 338 
SER HB2  H N N 339 
SER HB3  H N N 340 
SER HG   H N N 341 
SER HXT  H N N 342 
THR N    N N N 343 
THR CA   C N S 344 
THR C    C N N 345 
THR O    O N N 346 
THR CB   C N R 347 
THR OG1  O N N 348 
THR CG2  C N N 349 
THR OXT  O N N 350 
THR H    H N N 351 
THR H2   H N N 352 
THR HA   H N N 353 
THR HB   H N N 354 
THR HG1  H N N 355 
THR HG21 H N N 356 
THR HG22 H N N 357 
THR HG23 H N N 358 
THR HXT  H N N 359 
TRP N    N N N 360 
TRP CA   C N S 361 
TRP C    C N N 362 
TRP O    O N N 363 
TRP CB   C N N 364 
TRP CG   C Y N 365 
TRP CD1  C Y N 366 
TRP CD2  C Y N 367 
TRP NE1  N Y N 368 
TRP CE2  C Y N 369 
TRP CE3  C Y N 370 
TRP CZ2  C Y N 371 
TRP CZ3  C Y N 372 
TRP CH2  C Y N 373 
TRP OXT  O N N 374 
TRP H    H N N 375 
TRP H2   H N N 376 
TRP HA   H N N 377 
TRP HB2  H N N 378 
TRP HB3  H N N 379 
TRP HD1  H N N 380 
TRP HE1  H N N 381 
TRP HE3  H N N 382 
TRP HZ2  H N N 383 
TRP HZ3  H N N 384 
TRP HH2  H N N 385 
TRP HXT  H N N 386 
TYR N    N N N 387 
TYR CA   C N S 388 
TYR C    C N N 389 
TYR O    O N N 390 
TYR CB   C N N 391 
TYR CG   C Y N 392 
TYR CD1  C Y N 393 
TYR CD2  C Y N 394 
TYR CE1  C Y N 395 
TYR CE2  C Y N 396 
TYR CZ   C Y N 397 
TYR OH   O N N 398 
TYR OXT  O N N 399 
TYR H    H N N 400 
TYR H2   H N N 401 
TYR HA   H N N 402 
TYR HB2  H N N 403 
TYR HB3  H N N 404 
TYR HD1  H N N 405 
TYR HD2  H N N 406 
TYR HE1  H N N 407 
TYR HE2  H N N 408 
TYR HH   H N N 409 
TYR HXT  H N N 410 
VAL N    N N N 411 
VAL CA   C N S 412 
VAL C    C N N 413 
VAL O    O N N 414 
VAL CB   C N N 415 
VAL CG1  C N N 416 
VAL CG2  C N N 417 
VAL OXT  O N N 418 
VAL H    H N N 419 
VAL H2   H N N 420 
VAL HA   H N N 421 
VAL HB   H N N 422 
VAL HG11 H N N 423 
VAL HG12 H N N 424 
VAL HG13 H N N 425 
VAL HG21 H N N 426 
VAL HG22 H N N 427 
VAL HG23 H N N 428 
VAL HXT  H N N 429 
# 
loop_
_chem_comp_bond.comp_id 
_chem_comp_bond.atom_id_1 
_chem_comp_bond.atom_id_2 
_chem_comp_bond.value_order 
_chem_comp_bond.pdbx_aromatic_flag 
_chem_comp_bond.pdbx_stereo_config 
_chem_comp_bond.pdbx_ordinal 
ALA N   CA   sing N N 1   
ALA N   H    sing N N 2   
ALA N   H2   sing N N 3   
ALA CA  C    sing N N 4   
ALA CA  CB   sing N N 5   
ALA CA  HA   sing N N 6   
ALA C   O    doub N N 7   
ALA C   OXT  sing N N 8   
ALA CB  HB1  sing N N 9   
ALA CB  HB2  sing N N 10  
ALA CB  HB3  sing N N 11  
ALA OXT HXT  sing N N 12  
ARG N   CA   sing N N 13  
ARG N   H    sing N N 14  
ARG N   H2   sing N N 15  
ARG CA  C    sing N N 16  
ARG CA  CB   sing N N 17  
ARG CA  HA   sing N N 18  
ARG C   O    doub N N 19  
ARG C   OXT  sing N N 20  
ARG CB  CG   sing N N 21  
ARG CB  HB2  sing N N 22  
ARG CB  HB3  sing N N 23  
ARG CG  CD   sing N N 24  
ARG CG  HG2  sing N N 25  
ARG CG  HG3  sing N N 26  
ARG CD  NE   sing N N 27  
ARG CD  HD2  sing N N 28  
ARG CD  HD3  sing N N 29  
ARG NE  CZ   sing N N 30  
ARG NE  HE   sing N N 31  
ARG CZ  NH1  sing N N 32  
ARG CZ  NH2  doub N N 33  
ARG NH1 HH11 sing N N 34  
ARG NH1 HH12 sing N N 35  
ARG NH2 HH21 sing N N 36  
ARG NH2 HH22 sing N N 37  
ARG OXT HXT  sing N N 38  
ASN N   CA   sing N N 39  
ASN N   H    sing N N 40  
ASN N   H2   sing N N 41  
ASN CA  C    sing N N 42  
ASN CA  CB   sing N N 43  
ASN CA  HA   sing N N 44  
ASN C   O    doub N N 45  
ASN C   OXT  sing N N 46  
ASN CB  CG   sing N N 47  
ASN CB  HB2  sing N N 48  
ASN CB  HB3  sing N N 49  
ASN CG  OD1  doub N N 50  
ASN CG  ND2  sing N N 51  
ASN ND2 HD21 sing N N 52  
ASN ND2 HD22 sing N N 53  
ASN OXT HXT  sing N N 54  
ASP N   CA   sing N N 55  
ASP N   H    sing N N 56  
ASP N   H2   sing N N 57  
ASP CA  C    sing N N 58  
ASP CA  CB   sing N N 59  
ASP CA  HA   sing N N 60  
ASP C   O    doub N N 61  
ASP C   OXT  sing N N 62  
ASP CB  CG   sing N N 63  
ASP CB  HB2  sing N N 64  
ASP CB  HB3  sing N N 65  
ASP CG  OD1  doub N N 66  
ASP CG  OD2  sing N N 67  
ASP OD2 HD2  sing N N 68  
ASP OXT HXT  sing N N 69  
CYS N   CA   sing N N 70  
CYS N   H    sing N N 71  
CYS N   H2   sing N N 72  
CYS CA  C    sing N N 73  
CYS CA  CB   sing N N 74  
CYS CA  HA   sing N N 75  
CYS C   O    doub N N 76  
CYS C   OXT  sing N N 77  
CYS CB  SG   sing N N 78  
CYS CB  HB2  sing N N 79  
CYS CB  HB3  sing N N 80  
CYS SG  HG   sing N N 81  
CYS OXT HXT  sing N N 82  
GLN N   CA   sing N N 83  
GLN N   H    sing N N 84  
GLN N   H2   sing N N 85  
GLN CA  C    sing N N 86  
GLN CA  CB   sing N N 87  
GLN CA  HA   sing N N 88  
GLN C   O    doub N N 89  
GLN C   OXT  sing N N 90  
GLN CB  CG   sing N N 91  
GLN CB  HB2  sing N N 92  
GLN CB  HB3  sing N N 93  
GLN CG  CD   sing N N 94  
GLN CG  HG2  sing N N 95  
GLN CG  HG3  sing N N 96  
GLN CD  OE1  doub N N 97  
GLN CD  NE2  sing N N 98  
GLN NE2 HE21 sing N N 99  
GLN NE2 HE22 sing N N 100 
GLN OXT HXT  sing N N 101 
GLU N   CA   sing N N 102 
GLU N   H    sing N N 103 
GLU N   H2   sing N N 104 
GLU CA  C    sing N N 105 
GLU CA  CB   sing N N 106 
GLU CA  HA   sing N N 107 
GLU C   O    doub N N 108 
GLU C   OXT  sing N N 109 
GLU CB  CG   sing N N 110 
GLU CB  HB2  sing N N 111 
GLU CB  HB3  sing N N 112 
GLU CG  CD   sing N N 113 
GLU CG  HG2  sing N N 114 
GLU CG  HG3  sing N N 115 
GLU CD  OE1  doub N N 116 
GLU CD  OE2  sing N N 117 
GLU OE2 HE2  sing N N 118 
GLU OXT HXT  sing N N 119 
GLY N   CA   sing N N 120 
GLY N   H    sing N N 121 
GLY N   H2   sing N N 122 
GLY CA  C    sing N N 123 
GLY CA  HA2  sing N N 124 
GLY CA  HA3  sing N N 125 
GLY C   O    doub N N 126 
GLY C   OXT  sing N N 127 
GLY OXT HXT  sing N N 128 
HIS N   CA   sing N N 129 
HIS N   H    sing N N 130 
HIS N   H2   sing N N 131 
HIS CA  C    sing N N 132 
HIS CA  CB   sing N N 133 
HIS CA  HA   sing N N 134 
HIS C   O    doub N N 135 
HIS C   OXT  sing N N 136 
HIS CB  CG   sing N N 137 
HIS CB  HB2  sing N N 138 
HIS CB  HB3  sing N N 139 
HIS CG  ND1  sing Y N 140 
HIS CG  CD2  doub Y N 141 
HIS ND1 CE1  doub Y N 142 
HIS ND1 HD1  sing N N 143 
HIS CD2 NE2  sing Y N 144 
HIS CD2 HD2  sing N N 145 
HIS CE1 NE2  sing Y N 146 
HIS CE1 HE1  sing N N 147 
HIS NE2 HE2  sing N N 148 
HIS OXT HXT  sing N N 149 
HOH O   H1   sing N N 150 
HOH O   H2   sing N N 151 
I3P C1  C2   sing N N 152 
I3P C1  C6   sing N N 153 
I3P C1  O1   sing N N 154 
I3P C1  H1   sing N N 155 
I3P C2  C3   sing N N 156 
I3P C2  O2   sing N N 157 
I3P C2  H2   sing N N 158 
I3P C3  C4   sing N N 159 
I3P C3  O3   sing N N 160 
I3P C3  H3   sing N N 161 
I3P C4  C5   sing N N 162 
I3P C4  O4   sing N N 163 
I3P C4  H4   sing N N 164 
I3P C5  C6   sing N N 165 
I3P C5  O5   sing N N 166 
I3P C5  H5   sing N N 167 
I3P C6  O6   sing N N 168 
I3P C6  H6   sing N N 169 
I3P O1  P1   sing N N 170 
I3P O2  HO2  sing N N 171 
I3P O3  HO3  sing N N 172 
I3P O4  P4   sing N N 173 
I3P O5  P5   sing N N 174 
I3P O6  HO6  sing N N 175 
I3P P1  O11  doub N N 176 
I3P P1  O12  sing N N 177 
I3P P1  O13  sing N N 178 
I3P O12 HO12 sing N N 179 
I3P O13 HO13 sing N N 180 
I3P P4  O41  doub N N 181 
I3P P4  O42  sing N N 182 
I3P P4  O43  sing N N 183 
I3P O42 HO42 sing N N 184 
I3P O43 HO43 sing N N 185 
I3P P5  O51  doub N N 186 
I3P P5  O52  sing N N 187 
I3P P5  O53  sing N N 188 
I3P O52 HO52 sing N N 189 
I3P O53 HO53 sing N N 190 
ILE N   CA   sing N N 191 
ILE N   H    sing N N 192 
ILE N   H2   sing N N 193 
ILE CA  C    sing N N 194 
ILE CA  CB   sing N N 195 
ILE CA  HA   sing N N 196 
ILE C   O    doub N N 197 
ILE C   OXT  sing N N 198 
ILE CB  CG1  sing N N 199 
ILE CB  CG2  sing N N 200 
ILE CB  HB   sing N N 201 
ILE CG1 CD1  sing N N 202 
ILE CG1 HG12 sing N N 203 
ILE CG1 HG13 sing N N 204 
ILE CG2 HG21 sing N N 205 
ILE CG2 HG22 sing N N 206 
ILE CG2 HG23 sing N N 207 
ILE CD1 HD11 sing N N 208 
ILE CD1 HD12 sing N N 209 
ILE CD1 HD13 sing N N 210 
ILE OXT HXT  sing N N 211 
LEU N   CA   sing N N 212 
LEU N   H    sing N N 213 
LEU N   H2   sing N N 214 
LEU CA  C    sing N N 215 
LEU CA  CB   sing N N 216 
LEU CA  HA   sing N N 217 
LEU C   O    doub N N 218 
LEU C   OXT  sing N N 219 
LEU CB  CG   sing N N 220 
LEU CB  HB2  sing N N 221 
LEU CB  HB3  sing N N 222 
LEU CG  CD1  sing N N 223 
LEU CG  CD2  sing N N 224 
LEU CG  HG   sing N N 225 
LEU CD1 HD11 sing N N 226 
LEU CD1 HD12 sing N N 227 
LEU CD1 HD13 sing N N 228 
LEU CD2 HD21 sing N N 229 
LEU CD2 HD22 sing N N 230 
LEU CD2 HD23 sing N N 231 
LEU OXT HXT  sing N N 232 
LYS N   CA   sing N N 233 
LYS N   H    sing N N 234 
LYS N   H2   sing N N 235 
LYS CA  C    sing N N 236 
LYS CA  CB   sing N N 237 
LYS CA  HA   sing N N 238 
LYS C   O    doub N N 239 
LYS C   OXT  sing N N 240 
LYS CB  CG   sing N N 241 
LYS CB  HB2  sing N N 242 
LYS CB  HB3  sing N N 243 
LYS CG  CD   sing N N 244 
LYS CG  HG2  sing N N 245 
LYS CG  HG3  sing N N 246 
LYS CD  CE   sing N N 247 
LYS CD  HD2  sing N N 248 
LYS CD  HD3  sing N N 249 
LYS CE  NZ   sing N N 250 
LYS CE  HE2  sing N N 251 
LYS CE  HE3  sing N N 252 
LYS NZ  HZ1  sing N N 253 
LYS NZ  HZ2  sing N N 254 
LYS NZ  HZ3  sing N N 255 
LYS OXT HXT  sing N N 256 
MET N   CA   sing N N 257 
MET N   H    sing N N 258 
MET N   H2   sing N N 259 
MET CA  C    sing N N 260 
MET CA  CB   sing N N 261 
MET CA  HA   sing N N 262 
MET C   O    doub N N 263 
MET C   OXT  sing N N 264 
MET CB  CG   sing N N 265 
MET CB  HB2  sing N N 266 
MET CB  HB3  sing N N 267 
MET CG  SD   sing N N 268 
MET CG  HG2  sing N N 269 
MET CG  HG3  sing N N 270 
MET SD  CE   sing N N 271 
MET CE  HE1  sing N N 272 
MET CE  HE2  sing N N 273 
MET CE  HE3  sing N N 274 
MET OXT HXT  sing N N 275 
PHE N   CA   sing N N 276 
PHE N   H    sing N N 277 
PHE N   H2   sing N N 278 
PHE CA  C    sing N N 279 
PHE CA  CB   sing N N 280 
PHE CA  HA   sing N N 281 
PHE C   O    doub N N 282 
PHE C   OXT  sing N N 283 
PHE CB  CG   sing N N 284 
PHE CB  HB2  sing N N 285 
PHE CB  HB3  sing N N 286 
PHE CG  CD1  doub Y N 287 
PHE CG  CD2  sing Y N 288 
PHE CD1 CE1  sing Y N 289 
PHE CD1 HD1  sing N N 290 
PHE CD2 CE2  doub Y N 291 
PHE CD2 HD2  sing N N 292 
PHE CE1 CZ   doub Y N 293 
PHE CE1 HE1  sing N N 294 
PHE CE2 CZ   sing Y N 295 
PHE CE2 HE2  sing N N 296 
PHE CZ  HZ   sing N N 297 
PHE OXT HXT  sing N N 298 
PRO N   CA   sing N N 299 
PRO N   CD   sing N N 300 
PRO N   H    sing N N 301 
PRO CA  C    sing N N 302 
PRO CA  CB   sing N N 303 
PRO CA  HA   sing N N 304 
PRO C   O    doub N N 305 
PRO C   OXT  sing N N 306 
PRO CB  CG   sing N N 307 
PRO CB  HB2  sing N N 308 
PRO CB  HB3  sing N N 309 
PRO CG  CD   sing N N 310 
PRO CG  HG2  sing N N 311 
PRO CG  HG3  sing N N 312 
PRO CD  HD2  sing N N 313 
PRO CD  HD3  sing N N 314 
PRO OXT HXT  sing N N 315 
SER N   CA   sing N N 316 
SER N   H    sing N N 317 
SER N   H2   sing N N 318 
SER CA  C    sing N N 319 
SER CA  CB   sing N N 320 
SER CA  HA   sing N N 321 
SER C   O    doub N N 322 
SER C   OXT  sing N N 323 
SER CB  OG   sing N N 324 
SER CB  HB2  sing N N 325 
SER CB  HB3  sing N N 326 
SER OG  HG   sing N N 327 
SER OXT HXT  sing N N 328 
THR N   CA   sing N N 329 
THR N   H    sing N N 330 
THR N   H2   sing N N 331 
THR CA  C    sing N N 332 
THR CA  CB   sing N N 333 
THR CA  HA   sing N N 334 
THR C   O    doub N N 335 
THR C   OXT  sing N N 336 
THR CB  OG1  sing N N 337 
THR CB  CG2  sing N N 338 
THR CB  HB   sing N N 339 
THR OG1 HG1  sing N N 340 
THR CG2 HG21 sing N N 341 
THR CG2 HG22 sing N N 342 
THR CG2 HG23 sing N N 343 
THR OXT HXT  sing N N 344 
TRP N   CA   sing N N 345 
TRP N   H    sing N N 346 
TRP N   H2   sing N N 347 
TRP CA  C    sing N N 348 
TRP CA  CB   sing N N 349 
TRP CA  HA   sing N N 350 
TRP C   O    doub N N 351 
TRP C   OXT  sing N N 352 
TRP CB  CG   sing N N 353 
TRP CB  HB2  sing N N 354 
TRP CB  HB3  sing N N 355 
TRP CG  CD1  doub Y N 356 
TRP CG  CD2  sing Y N 357 
TRP CD1 NE1  sing Y N 358 
TRP CD1 HD1  sing N N 359 
TRP CD2 CE2  doub Y N 360 
TRP CD2 CE3  sing Y N 361 
TRP NE1 CE2  sing Y N 362 
TRP NE1 HE1  sing N N 363 
TRP CE2 CZ2  sing Y N 364 
TRP CE3 CZ3  doub Y N 365 
TRP CE3 HE3  sing N N 366 
TRP CZ2 CH2  doub Y N 367 
TRP CZ2 HZ2  sing N N 368 
TRP CZ3 CH2  sing Y N 369 
TRP CZ3 HZ3  sing N N 370 
TRP CH2 HH2  sing N N 371 
TRP OXT HXT  sing N N 372 
TYR N   CA   sing N N 373 
TYR N   H    sing N N 374 
TYR N   H2   sing N N 375 
TYR CA  C    sing N N 376 
TYR CA  CB   sing N N 377 
TYR CA  HA   sing N N 378 
TYR C   O    doub N N 379 
TYR C   OXT  sing N N 380 
TYR CB  CG   sing N N 381 
TYR CB  HB2  sing N N 382 
TYR CB  HB3  sing N N 383 
TYR CG  CD1  doub Y N 384 
TYR CG  CD2  sing Y N 385 
TYR CD1 CE1  sing Y N 386 
TYR CD1 HD1  sing N N 387 
TYR CD2 CE2  doub Y N 388 
TYR CD2 HD2  sing N N 389 
TYR CE1 CZ   doub Y N 390 
TYR CE1 HE1  sing N N 391 
TYR CE2 CZ   sing Y N 392 
TYR CE2 HE2  sing N N 393 
TYR CZ  OH   sing N N 394 
TYR OH  HH   sing N N 395 
TYR OXT HXT  sing N N 396 
VAL N   CA   sing N N 397 
VAL N   H    sing N N 398 
VAL N   H2   sing N N 399 
VAL CA  C    sing N N 400 
VAL CA  CB   sing N N 401 
VAL CA  HA   sing N N 402 
VAL C   O    doub N N 403 
VAL C   OXT  sing N N 404 
VAL CB  CG1  sing N N 405 
VAL CB  CG2  sing N N 406 
VAL CB  HB   sing N N 407 
VAL CG1 HG11 sing N N 408 
VAL CG1 HG12 sing N N 409 
VAL CG1 HG13 sing N N 410 
VAL CG2 HG21 sing N N 411 
VAL CG2 HG22 sing N N 412 
VAL CG2 HG23 sing N N 413 
VAL OXT HXT  sing N N 414 
# 
_atom_sites.entry_id                    1BTN 
_atom_sites.fract_transf_matrix[1][1]   0.01046073 
_atom_sites.fract_transf_matrix[1][2]   -0.00331365 
_atom_sites.fract_transf_matrix[1][3]   0.00946783 
_atom_sites.fract_transf_matrix[2][1]   -0.00233665 
_atom_sites.fract_transf_matrix[2][2]   0.01249810 
_atom_sites.fract_transf_matrix[2][3]   0.00695591 
_atom_sites.fract_transf_matrix[3][1]   -0.01324966 
_atom_sites.fract_transf_matrix[3][2]   -0.00889252 
_atom_sites.fract_transf_matrix[3][3]   0.01152687 
_atom_sites.fract_transf_vector[1]      0.047733 
_atom_sites.fract_transf_vector[2]      0.788902 
_atom_sites.fract_transf_vector[3]      0.233129 
# 
loop_
_atom_type.symbol 
C 
N 
O 
P 
S 
# 
loop_
_atom_site.group_PDB 
_atom_site.id 
_atom_site.type_symbol 
_atom_site.label_atom_id 
_atom_site.label_alt_id 
_atom_site.label_comp_id 
_atom_site.label_asym_id 
_atom_site.label_entity_id 
_atom_site.label_seq_id 
_atom_site.pdbx_PDB_ins_code 
_atom_site.Cartn_x 
_atom_site.Cartn_y 
_atom_site.Cartn_z 
_atom_site.occupancy 
_atom_site.B_iso_or_equiv 
_atom_site.pdbx_formal_charge 
_atom_site.auth_seq_id 
_atom_site.auth_comp_id 
_atom_site.auth_asym_id 
_atom_site.auth_atom_id 
_atom_site.pdbx_PDB_model_num 
ATOM   1   N N   . MET A 1 1   ? 8.526   8.724   -4.358  1.00 17.43 ? 1   MET A N   1 
ATOM   2   C CA  . MET A 1 1   ? 7.107   9.121   -4.107  1.00 14.49 ? 1   MET A CA  1 
ATOM   3   C C   . MET A 1 1   ? 6.743   8.680   -2.691  1.00 12.75 ? 1   MET A C   1 
ATOM   4   O O   . MET A 1 1   ? 7.095   7.587   -2.278  1.00 13.92 ? 1   MET A O   1 
ATOM   5   C CB  . MET A 1 1   ? 6.219   8.438   -5.144  1.00 18.54 ? 1   MET A CB  1 
ATOM   6   C CG  . MET A 1 1   ? 4.767   8.338   -4.785  1.00 24.48 ? 1   MET A CG  1 
ATOM   7   S SD  . MET A 1 1   ? 3.817   9.825   -5.029  1.00 30.80 ? 1   MET A SD  1 
ATOM   8   C CE  . MET A 1 1   ? 2.682   9.220   -6.160  1.00 29.06 ? 1   MET A CE  1 
ATOM   9   N N   . GLU A 1 2   ? 6.123   9.545   -1.906  1.00 12.54 ? 2   GLU A N   1 
ATOM   10  C CA  . GLU A 1 2   ? 5.747   9.171   -0.546  1.00 15.08 ? 2   GLU A CA  1 
ATOM   11  C C   . GLU A 1 2   ? 4.600   10.012  -0.039  1.00 13.04 ? 2   GLU A C   1 
ATOM   12  O O   . GLU A 1 2   ? 4.333   11.106  -0.552  1.00 16.26 ? 2   GLU A O   1 
ATOM   13  C CB  . GLU A 1 2   ? 6.930   9.329   0.402   1.00 14.96 ? 2   GLU A CB  1 
ATOM   14  C CG  . GLU A 1 2   ? 7.362   10.766  0.520   1.00 18.36 ? 2   GLU A CG  1 
ATOM   15  C CD  . GLU A 1 2   ? 8.772   10.932  1.060   1.00 21.43 ? 2   GLU A CD  1 
ATOM   16  O OE1 . GLU A 1 2   ? 9.649   10.268  0.472   1.00 23.68 ? 2   GLU A OE1 1 
ATOM   17  O OE2 . GLU A 1 2   ? 8.972   11.700  1.993   1.00 19.98 ? 2   GLU A OE2 1 
ATOM   18  N N   . GLY A 1 3   ? 3.938   9.507   0.989   1.00 12.69 ? 3   GLY A N   1 
ATOM   19  C CA  . GLY A 1 3   ? 2.814   10.203  1.571   1.00 12.30 ? 3   GLY A CA  1 
ATOM   20  C C   . GLY A 1 3   ? 2.012   9.265   2.447   1.00 13.84 ? 3   GLY A C   1 
ATOM   21  O O   . GLY A 1 3   ? 2.269   8.062   2.492   1.00 13.25 ? 3   GLY A O   1 
ATOM   22  N N   . PHE A 1 4   ? 1.070   9.834   3.188   1.00 12.97 ? 4   PHE A N   1 
ATOM   23  C CA  . PHE A 1 4   ? 0.200   9.058   4.055   1.00 14.40 ? 4   PHE A CA  1 
ATOM   24  C C   . PHE A 1 4   ? -0.884  8.404   3.208   1.00 14.47 ? 4   PHE A C   1 
ATOM   25  O O   . PHE A 1 4   ? -1.363  8.978   2.234   1.00 15.67 ? 4   PHE A O   1 
ATOM   26  C CB  . PHE A 1 4   ? -0.466  9.961   5.101   1.00 15.31 ? 4   PHE A CB  1 
ATOM   27  C CG  . PHE A 1 4   ? 0.451   10.404  6.222   1.00 15.98 ? 4   PHE A CG  1 
ATOM   28  C CD1 . PHE A 1 4   ? 0.702   9.566   7.308   1.00 15.88 ? 4   PHE A CD1 1 
ATOM   29  C CD2 . PHE A 1 4   ? 0.993   11.689  6.231   1.00 15.58 ? 4   PHE A CD2 1 
ATOM   30  C CE1 . PHE A 1 4   ? 1.464   10.005  8.382   1.00 16.00 ? 4   PHE A CE1 1 
ATOM   31  C CE2 . PHE A 1 4   ? 1.751   12.136  7.296   1.00 14.37 ? 4   PHE A CE2 1 
ATOM   32  C CZ  . PHE A 1 4   ? 1.988   11.290  8.376   1.00 15.96 ? 4   PHE A CZ  1 
ATOM   33  N N   . LEU A 1 5   ? -1.323  7.231   3.637   1.00 15.90 ? 5   LEU A N   1 
ATOM   34  C CA  . LEU A 1 5   ? -2.364  6.484   2.939   1.00 14.95 ? 5   LEU A CA  1 
ATOM   35  C C   . LEU A 1 5   ? -2.999  5.575   3.993   1.00 15.58 ? 5   LEU A C   1 
ATOM   36  O O   . LEU A 1 5   ? -2.289  5.125   4.888   1.00 14.65 ? 5   LEU A O   1 
ATOM   37  C CB  . LEU A 1 5   ? -1.691  5.599   1.882   1.00 14.44 ? 5   LEU A CB  1 
ATOM   38  C CG  . LEU A 1 5   ? -1.994  5.593   0.377   1.00 15.81 ? 5   LEU A CG  1 
ATOM   39  C CD1 . LEU A 1 5   ? -2.229  6.986   -0.175  1.00 14.82 ? 5   LEU A CD1 1 
ATOM   40  C CD2 . LEU A 1 5   ? -0.810  4.899   -0.328  1.00 14.90 ? 5   LEU A CD2 1 
ATOM   41  N N   . ASN A 1 6   ? -4.325  5.402   3.967   1.00 15.41 ? 6   ASN A N   1 
ATOM   42  C CA  . ASN A 1 6   ? -4.983  4.454   4.889   1.00 17.86 ? 6   ASN A CA  1 
ATOM   43  C C   . ASN A 1 6   ? -4.749  3.089   4.256   1.00 15.12 ? 6   ASN A C   1 
ATOM   44  O O   . ASN A 1 6   ? -4.980  2.925   3.072   1.00 16.99 ? 6   ASN A O   1 
ATOM   45  C CB  . ASN A 1 6   ? -6.481  4.685   4.976   1.00 20.07 ? 6   ASN A CB  1 
ATOM   46  C CG  . ASN A 1 6   ? -6.821  5.886   5.790   1.00 24.58 ? 6   ASN A CG  1 
ATOM   47  O OD1 . ASN A 1 6   ? -6.097  6.232   6.721   1.00 27.76 ? 6   ASN A OD1 1 
ATOM   48  N ND2 . ASN A 1 6   ? -7.926  6.539   5.460   1.00 26.75 ? 6   ASN A ND2 1 
ATOM   49  N N   . ARG A 1 7   ? -4.271  2.118   5.020   1.00 16.18 ? 7   ARG A N   1 
ATOM   50  C CA  . ARG A 1 7   ? -3.983  0.796   4.460   1.00 16.19 ? 7   ARG A CA  1 
ATOM   51  C C   . ARG A 1 7   ? -4.707  -0.359  5.155   1.00 13.63 ? 7   ARG A C   1 
ATOM   52  O O   . ARG A 1 7   ? -4.826  -0.387  6.372   1.00 15.40 ? 7   ARG A O   1 
ATOM   53  C CB  . ARG A 1 7   ? -2.471  0.535   4.509   1.00 16.01 ? 7   ARG A CB  1 
ATOM   54  C CG  . ARG A 1 7   ? -2.042  -0.805  3.915   1.00 17.82 ? 7   ARG A CG  1 
ATOM   55  C CD  . ARG A 1 7   ? -0.629  -1.175  4.367   1.00 17.21 ? 7   ARG A CD  1 
ATOM   56  N NE  . ARG A 1 7   ? -0.629  -1.747  5.710   1.00 17.73 ? 7   ARG A NE  1 
ATOM   57  C CZ  . ARG A 1 7   ? 0.457   -1.969  6.442   1.00 18.12 ? 7   ARG A CZ  1 
ATOM   58  N NH1 . ARG A 1 7   ? 1.652   -1.659  5.973   1.00 20.67 ? 7   ARG A NH1 1 
ATOM   59  N NH2 . ARG A 1 7   ? 0.348   -2.555  7.625   1.00 17.39 ? 7   ARG A NH2 1 
ATOM   60  N N   . LYS A 1 8   ? -5.163  -1.319  4.367   1.00 13.89 ? 8   LYS A N   1 
ATOM   61  C CA  . LYS A 1 8   ? -5.843  -2.487  4.903   1.00 13.88 ? 8   LYS A CA  1 
ATOM   62  C C   . LYS A 1 8   ? -5.231  -3.716  4.273   1.00 14.53 ? 8   LYS A C   1 
ATOM   63  O O   . LYS A 1 8   ? -5.075  -3.796  3.056   1.00 13.85 ? 8   LYS A O   1 
ATOM   64  C CB  . LYS A 1 8   ? -7.338  -2.470  4.583   1.00 13.06 ? 8   LYS A CB  1 
ATOM   65  C CG  . LYS A 1 8   ? -8.072  -3.693  5.113   1.00 13.78 ? 8   LYS A CG  1 
ATOM   66  C CD  . LYS A 1 8   ? -9.472  -3.818  4.554   1.00 12.91 ? 8   LYS A CD  1 
ATOM   67  C CE  . LYS A 1 8   ? -10.180 -5.003  5.147   1.00 12.26 ? 8   LYS A CE  1 
ATOM   68  N NZ  . LYS A 1 8   ? -11.565 -5.089  4.654   1.00 12.67 ? 8   LYS A NZ  1 
ATOM   69  N N   . HIS A 1 9   ? -4.863  -4.673  5.107   1.00 15.62 ? 9   HIS A N   1 
ATOM   70  C CA  . HIS A 1 9   ? -4.303  -5.922  4.633   1.00 16.70 ? 9   HIS A CA  1 
ATOM   71  C C   . HIS A 1 9   ? -5.522  -6.829  4.395   1.00 18.83 ? 9   HIS A C   1 
ATOM   72  O O   . HIS A 1 9   ? -6.260  -7.150  5.330   1.00 21.40 ? 9   HIS A O   1 
ATOM   73  C CB  . HIS A 1 9   ? -3.390  -6.488  5.716   1.00 18.43 ? 9   HIS A CB  1 
ATOM   74  C CG  . HIS A 1 9   ? -2.466  -7.553  5.240   1.00 18.25 ? 9   HIS A CG  1 
ATOM   75  N ND1 . HIS A 1 9   ? -2.607  -8.180  4.021   1.00 21.26 ? 9   HIS A ND1 1 
ATOM   76  C CD2 . HIS A 1 9   ? -1.371  -8.107  5.815   1.00 19.27 ? 9   HIS A CD2 1 
ATOM   77  C CE1 . HIS A 1 9   ? -1.640  -9.067  3.863   1.00 18.30 ? 9   HIS A CE1 1 
ATOM   78  N NE2 . HIS A 1 9   ? -0.878  -9.037  4.942   1.00 21.71 ? 9   HIS A NE2 1 
ATOM   79  N N   . GLU A 1 10  ? -5.751  -7.188  3.139   1.00 16.96 ? 10  GLU A N   1 
ATOM   80  C CA  . GLU A 1 10  ? -6.879  -8.019  2.729   1.00 18.64 ? 10  GLU A CA  1 
ATOM   81  C C   . GLU A 1 10  ? -6.570  -9.499  2.583   1.00 18.43 ? 10  GLU A C   1 
ATOM   82  O O   . GLU A 1 10  ? -7.245  -10.361 3.149   1.00 17.76 ? 10  GLU A O   1 
ATOM   83  C CB  . GLU A 1 10  ? -7.386  -7.529  1.377   1.00 22.03 ? 10  GLU A CB  1 
ATOM   84  C CG  . GLU A 1 10  ? -8.491  -6.532  1.462   1.00 27.85 ? 10  GLU A CG  1 
ATOM   85  C CD  . GLU A 1 10  ? -9.833  -7.180  1.716   1.00 29.36 ? 10  GLU A CD  1 
ATOM   86  O OE1 . GLU A 1 10  ? -9.932  -8.424  1.646   1.00 31.67 ? 10  GLU A OE1 1 
ATOM   87  O OE2 . GLU A 1 10  ? -10.798 -6.434  1.970   1.00 30.45 ? 10  GLU A OE2 1 
ATOM   88  N N   . TRP A 1 11  ? -5.598  -9.785  1.732   1.00 18.53 ? 11  TRP A N   1 
ATOM   89  C CA  . TRP A 1 11  ? -5.216  -11.143 1.441   1.00 17.30 ? 11  TRP A CA  1 
ATOM   90  C C   . TRP A 1 11  ? -3.793  -11.466 1.804   1.00 20.83 ? 11  TRP A C   1 
ATOM   91  O O   . TRP A 1 11  ? -2.911  -10.598 1.829   1.00 19.36 ? 11  TRP A O   1 
ATOM   92  C CB  . TRP A 1 11  ? -5.385  -11.404 -0.049  1.00 16.79 ? 11  TRP A CB  1 
ATOM   93  C CG  . TRP A 1 11  ? -6.774  -11.438 -0.463  1.00 15.43 ? 11  TRP A CG  1 
ATOM   94  C CD1 . TRP A 1 11  ? -7.522  -10.401 -0.918  1.00 16.15 ? 11  TRP A CD1 1 
ATOM   95  C CD2 . TRP A 1 11  ? -7.623  -12.582 -0.445  1.00 15.95 ? 11  TRP A CD2 1 
ATOM   96  N NE1 . TRP A 1 11  ? -8.800  -10.830 -1.184  1.00 14.15 ? 11  TRP A NE1 1 
ATOM   97  C CE2 . TRP A 1 11  ? -8.888  -12.164 -0.902  1.00 15.71 ? 11  TRP A CE2 1 
ATOM   98  C CE3 . TRP A 1 11  ? -7.437  -13.923 -0.098  1.00 15.63 ? 11  TRP A CE3 1 
ATOM   99  C CZ2 . TRP A 1 11  ? -9.966  -13.048 -1.009  1.00 16.96 ? 11  TRP A CZ2 1 
ATOM   100 C CZ3 . TRP A 1 11  ? -8.492  -14.791 -0.208  1.00 16.77 ? 11  TRP A CZ3 1 
ATOM   101 C CH2 . TRP A 1 11  ? -9.744  -14.356 -0.663  1.00 18.14 ? 11  TRP A CH2 1 
ATOM   102 N N   . GLU A 1 12  ? -3.584  -12.735 2.095   1.00 21.11 ? 12  GLU A N   1 
ATOM   103 C CA  . GLU A 1 12  ? -2.268  -13.237 2.385   1.00 22.04 ? 12  GLU A CA  1 
ATOM   104 C C   . GLU A 1 12  ? -2.062  -14.250 1.290   1.00 21.34 ? 12  GLU A C   1 
ATOM   105 O O   . GLU A 1 12  ? -2.916  -14.395 0.405   1.00 20.00 ? 12  GLU A O   1 
ATOM   106 C CB  . GLU A 1 12  ? -2.221  -13.872 3.763   1.00 23.52 ? 12  GLU A CB  1 
ATOM   107 C CG  . GLU A 1 12  ? -2.350  -12.835 4.849   1.00 28.01 ? 12  GLU A CG  1 
ATOM   108 C CD  . GLU A 1 12  ? -2.055  -13.389 6.216   1.00 31.32 ? 12  GLU A CD  1 
ATOM   109 O OE1 . GLU A 1 12  ? -1.454  -14.482 6.278   1.00 34.37 ? 12  GLU A OE1 1 
ATOM   110 O OE2 . GLU A 1 12  ? -2.420  -12.733 7.223   1.00 32.30 ? 12  GLU A OE2 1 
ATOM   111 N N   . ALA A 1 13  ? -0.926  -14.928 1.304   1.00 21.46 ? 13  ALA A N   1 
ATOM   112 C CA  . ALA A 1 13  ? -0.667  -15.914 0.276   1.00 21.09 ? 13  ALA A CA  1 
ATOM   113 C C   . ALA A 1 13  ? -1.570  -17.152 0.420   1.00 21.55 ? 13  ALA A C   1 
ATOM   114 O O   . ALA A 1 13  ? -2.142  -17.409 1.485   1.00 20.29 ? 13  ALA A O   1 
ATOM   115 C CB  . ALA A 1 13  ? 0.814   -16.307 0.275   1.00 21.92 ? 13  ALA A CB  1 
ATOM   116 N N   . HIS A 1 14  ? -1.752  -17.855 -0.694  1.00 22.41 ? 14  HIS A N   1 
ATOM   117 C CA  . HIS A 1 14  ? -2.544  -19.076 -0.748  1.00 23.43 ? 14  HIS A CA  1 
ATOM   118 C C   . HIS A 1 14  ? -4.021  -18.908 -0.440  1.00 26.65 ? 14  HIS A C   1 
ATOM   119 O O   . HIS A 1 14  ? -4.649  -19.731 0.242   1.00 25.72 ? 14  HIS A O   1 
ATOM   120 C CB  . HIS A 1 14  ? -1.886  -20.140 0.119   1.00 20.70 ? 14  HIS A CB  1 
ATOM   121 C CG  . HIS A 1 14  ? -0.580  -20.595 -0.432  1.00 19.89 ? 14  HIS A CG  1 
ATOM   122 N ND1 . HIS A 1 14  ? 0.625   -20.114 -0.001  1.00 20.25 ? 14  HIS A ND1 1 
ATOM   123 C CD2 . HIS A 1 14  ? -0.300  -21.450 -1.456  1.00 20.19 ? 14  HIS A CD2 1 
ATOM   124 C CE1 . HIS A 1 14  ? 1.603   -20.635 -0.723  1.00 20.13 ? 14  HIS A CE1 1 
ATOM   125 N NE2 . HIS A 1 14  ? 1.056   -21.454 -1.612  1.00 18.43 ? 14  HIS A NE2 1 
ATOM   126 N N   . ASN A 1 15  ? -4.575  -17.863 -1.045  1.00 28.96 ? 15  ASN A N   1 
ATOM   127 C CA  . ASN A 1 15  ? -5.975  -17.501 -0.893  1.00 30.52 ? 15  ASN A CA  1 
ATOM   128 C C   . ASN A 1 15  ? -6.471  -17.520 0.533   1.00 28.86 ? 15  ASN A C   1 
ATOM   129 O O   . ASN A 1 15  ? -7.602  -17.911 0.801   1.00 28.49 ? 15  ASN A O   1 
ATOM   130 C CB  . ASN A 1 15  ? -6.852  -18.337 -1.807  1.00 33.46 ? 15  ASN A CB  1 
ATOM   131 C CG  . ASN A 1 15  ? -6.718  -17.921 -3.236  1.00 36.47 ? 15  ASN A CG  1 
ATOM   132 O OD1 . ASN A 1 15  ? -7.380  -16.988 -3.668  1.00 39.03 ? 15  ASN A OD1 1 
ATOM   133 N ND2 . ASN A 1 15  ? -5.804  -18.555 -3.968  1.00 38.03 ? 15  ASN A ND2 1 
ATOM   134 N N   . LYS A 1 16  ? -5.579  -17.149 1.444   1.00 28.08 ? 16  LYS A N   1 
ATOM   135 C CA  . LYS A 1 16  ? -5.925  -17.051 2.848   1.00 29.95 ? 16  LYS A CA  1 
ATOM   136 C C   . LYS A 1 16  ? -6.314  -15.599 3.076   1.00 28.45 ? 16  LYS A C   1 
ATOM   137 O O   . LYS A 1 16  ? -5.699  -14.686 2.528   1.00 25.74 ? 16  LYS A O   1 
ATOM   138 C CB  . LYS A 1 16  ? -4.736  -17.391 3.751   1.00 32.55 ? 16  LYS A CB  1 
ATOM   139 C CG  . LYS A 1 16  ? -4.993  -17.085 5.242   1.00 36.30 ? 16  LYS A CG  1 
ATOM   140 C CD  . LYS A 1 16  ? -3.808  -17.486 6.140   1.00 40.04 ? 16  LYS A CD  1 
ATOM   141 C CE  . LYS A 1 16  ? -4.103  -17.324 7.654   1.00 40.76 ? 16  LYS A CE  1 
ATOM   142 N NZ  . LYS A 1 16  ? -4.208  -15.897 8.123   1.00 41.55 ? 16  LYS A NZ  1 
ATOM   143 N N   . LYS A 1 17  ? -7.357  -15.403 3.866   1.00 27.33 ? 17  LYS A N   1 
ATOM   144 C CA  . LYS A 1 17  ? -7.817  -14.080 4.214   1.00 26.96 ? 17  LYS A CA  1 
ATOM   145 C C   . LYS A 1 17  ? -6.860  -13.651 5.328   1.00 28.15 ? 17  LYS A C   1 
ATOM   146 O O   . LYS A 1 17  ? -6.504  -14.455 6.190   1.00 27.87 ? 17  LYS A O   1 
ATOM   147 C CB  . LYS A 1 17  ? -9.238  -14.170 4.760   1.00 27.62 ? 17  LYS A CB  1 
ATOM   148 C CG  . LYS A 1 17  ? -10.140 -13.066 4.310   1.00 29.05 ? 17  LYS A CG  1 
ATOM   149 C CD  . LYS A 1 17  ? -10.372 -13.155 2.816   1.00 32.51 ? 17  LYS A CD  1 
ATOM   150 C CE  . LYS A 1 17  ? -11.261 -12.018 2.334   1.00 35.66 ? 17  LYS A CE  1 
ATOM   151 N NZ  . LYS A 1 17  ? -12.622 -12.077 2.973   1.00 38.04 ? 17  LYS A NZ  1 
ATOM   152 N N   . ALA A 1 18  ? -6.362  -12.425 5.259   1.00 26.95 ? 18  ALA A N   1 
ATOM   153 C CA  . ALA A 1 18  ? -5.463  -11.931 6.285   1.00 24.83 ? 18  ALA A CA  1 
ATOM   154 C C   . ALA A 1 18  ? -6.212  -11.883 7.625   1.00 26.34 ? 18  ALA A C   1 
ATOM   155 O O   . ALA A 1 18  ? -7.397  -11.542 7.679   1.00 25.61 ? 18  ALA A O   1 
ATOM   156 C CB  . ALA A 1 18  ? -4.963  -10.549 5.905   1.00 25.25 ? 18  ALA A CB  1 
ATOM   157 N N   . SER A 1 19  ? -5.512  -12.230 8.702   1.00 29.37 ? 19  SER A N   1 
ATOM   158 C CA  . SER A 1 19  ? -6.078  -12.243 10.060  1.00 31.72 ? 19  SER A CA  1 
ATOM   159 C C   . SER A 1 19  ? -6.158  -10.860 10.687  1.00 32.25 ? 19  SER A C   1 
ATOM   160 O O   . SER A 1 19  ? -6.987  -10.611 11.559  1.00 33.66 ? 19  SER A O   1 
ATOM   161 C CB  . SER A 1 19  ? -5.244  -13.150 10.966  1.00 32.21 ? 19  SER A CB  1 
ATOM   162 O OG  . SER A 1 19  ? -3.859  -12.874 10.823  1.00 34.59 ? 19  SER A OG  1 
ATOM   163 N N   . SER A 1 20  ? -5.246  -9.992  10.266  1.00 33.22 ? 20  SER A N   1 
ATOM   164 C CA  . SER A 1 20  ? -5.147  -8.608  10.726  1.00 32.63 ? 20  SER A CA  1 
ATOM   165 C C   . SER A 1 20  ? -5.786  -7.691  9.670   1.00 29.50 ? 20  SER A C   1 
ATOM   166 O O   . SER A 1 20  ? -5.111  -7.216  8.746   1.00 28.25 ? 20  SER A O   1 
ATOM   167 C CB  . SER A 1 20  ? -3.660  -8.269  10.906  1.00 34.97 ? 20  SER A CB  1 
ATOM   168 O OG  . SER A 1 20  ? -2.878  -8.854  9.857   1.00 36.36 ? 20  SER A OG  1 
ATOM   169 N N   . ARG A 1 21  ? -7.068  -7.391  9.821   1.00 26.57 ? 21  ARG A N   1 
ATOM   170 C CA  . ARG A 1 21  ? -7.708  -6.573  8.816   1.00 24.41 ? 21  ARG A CA  1 
ATOM   171 C C   . ARG A 1 21  ? -8.285  -5.216  9.115   1.00 20.69 ? 21  ARG A C   1 
ATOM   172 O O   . ARG A 1 21  ? -9.234  -4.802  8.458   1.00 19.62 ? 21  ARG A O   1 
ATOM   173 C CB  . ARG A 1 21  ? -8.732  -7.404  8.069   1.00 28.80 ? 21  ARG A CB  1 
ATOM   174 C CG  . ARG A 1 21  ? -8.089  -8.473  7.242   1.00 32.60 ? 21  ARG A CG  1 
ATOM   175 C CD  . ARG A 1 21  ? -9.100  -9.114  6.376   1.00 36.05 ? 21  ARG A CD  1 
ATOM   176 N NE  . ARG A 1 21  ? -9.964  -9.985  7.150   1.00 38.77 ? 21  ARG A NE  1 
ATOM   177 C CZ  . ARG A 1 21  ? -11.201 -10.286 6.796   1.00 40.18 ? 21  ARG A CZ  1 
ATOM   178 N NH1 . ARG A 1 21  ? -11.719 -9.766  5.688   1.00 42.41 ? 21  ARG A NH1 1 
ATOM   179 N NH2 . ARG A 1 21  ? -11.893 -11.154 7.515   1.00 41.27 ? 21  ARG A NH2 1 
ATOM   180 N N   . SER A 1 22  ? -7.739  -4.497  10.080  1.00 17.56 ? 22  SER A N   1 
ATOM   181 C CA  . SER A 1 22  ? -8.273  -3.172  10.314  1.00 20.47 ? 22  SER A CA  1 
ATOM   182 C C   . SER A 1 22  ? -7.452  -2.158  9.503   1.00 17.10 ? 22  SER A C   1 
ATOM   183 O O   . SER A 1 22  ? -6.335  -2.443  9.074   1.00 20.23 ? 22  SER A O   1 
ATOM   184 C CB  . SER A 1 22  ? -8.314  -2.832  11.812  1.00 21.16 ? 22  SER A CB  1 
ATOM   185 O OG  . SER A 1 22  ? -7.573  -3.764  12.587  1.00 28.08 ? 22  SER A OG  1 
ATOM   186 N N   . TRP A 1 23  ? -8.036  -1.002  9.238   1.00 16.99 ? 23  TRP A N   1 
ATOM   187 C CA  . TRP A 1 23  ? -7.350  0.038   8.476   1.00 17.47 ? 23  TRP A CA  1 
ATOM   188 C C   . TRP A 1 23  ? -6.372  0.726   9.394   1.00 17.91 ? 23  TRP A C   1 
ATOM   189 O O   . TRP A 1 23  ? -6.594  0.797   10.605  1.00 16.76 ? 23  TRP A O   1 
ATOM   190 C CB  . TRP A 1 23  ? -8.345  1.061   7.936   1.00 17.14 ? 23  TRP A CB  1 
ATOM   191 C CG  . TRP A 1 23  ? -9.187  0.547   6.813   1.00 18.46 ? 23  TRP A CG  1 
ATOM   192 C CD1 . TRP A 1 23  ? -10.363 -0.166  6.916   1.00 17.04 ? 23  TRP A CD1 1 
ATOM   193 C CD2 . TRP A 1 23  ? -8.929  0.706   5.410   1.00 16.69 ? 23  TRP A CD2 1 
ATOM   194 N NE1 . TRP A 1 23  ? -10.847 -0.444  5.658   1.00 16.21 ? 23  TRP A NE1 1 
ATOM   195 C CE2 . TRP A 1 23  ? -9.990  0.073   4.715   1.00 18.04 ? 23  TRP A CE2 1 
ATOM   196 C CE3 . TRP A 1 23  ? -7.908  1.316   4.672   1.00 15.15 ? 23  TRP A CE3 1 
ATOM   197 C CZ2 . TRP A 1 23  ? -10.051 0.036   3.313   1.00 18.08 ? 23  TRP A CZ2 1 
ATOM   198 C CZ3 . TRP A 1 23  ? -7.969  1.283   3.283   1.00 14.80 ? 23  TRP A CZ3 1 
ATOM   199 C CH2 . TRP A 1 23  ? -9.031  0.649   2.617   1.00 16.88 ? 23  TRP A CH2 1 
ATOM   200 N N   . HIS A 1 24  ? -5.251  1.161   8.843   1.00 18.00 ? 24  HIS A N   1 
ATOM   201 C CA  . HIS A 1 24  ? -4.243  1.865   9.637   1.00 17.66 ? 24  HIS A CA  1 
ATOM   202 C C   . HIS A 1 24  ? -3.644  2.937   8.759   1.00 17.67 ? 24  HIS A C   1 
ATOM   203 O O   . HIS A 1 24  ? -3.480  2.731   7.557   1.00 14.22 ? 24  HIS A O   1 
ATOM   204 C CB  . HIS A 1 24  ? -3.154  0.904   10.129  1.00 18.65 ? 24  HIS A CB  1 
ATOM   205 C CG  . HIS A 1 24  ? -3.637  -0.098  11.140  1.00 22.33 ? 24  HIS A CG  1 
ATOM   206 N ND1 . HIS A 1 24  ? -3.705  -1.447  10.881  1.00 22.09 ? 24  HIS A ND1 1 
ATOM   207 C CD2 . HIS A 1 24  ? -4.081  0.065   12.409  1.00 21.09 ? 24  HIS A CD2 1 
ATOM   208 C CE1 . HIS A 1 24  ? -4.171  -2.079  11.947  1.00 20.28 ? 24  HIS A CE1 1 
ATOM   209 N NE2 . HIS A 1 24  ? -4.406  -1.179  12.889  1.00 20.78 ? 24  HIS A NE2 1 
ATOM   210 N N   . ASN A 1 25  ? -3.416  4.105   9.347   1.00 17.55 ? 25  ASN A N   1 
ATOM   211 C CA  . ASN A 1 25  ? -2.839  5.235   8.638   1.00 19.15 ? 25  ASN A CA  1 
ATOM   212 C C   . ASN A 1 25  ? -1.323  5.054   8.653   1.00 19.81 ? 25  ASN A C   1 
ATOM   213 O O   . ASN A 1 25  ? -0.706  5.048   9.716   1.00 20.87 ? 25  ASN A O   1 
ATOM   214 C CB  . ASN A 1 25  ? -3.233  6.541   9.331   1.00 22.24 ? 25  ASN A CB  1 
ATOM   215 C CG  . ASN A 1 25  ? -2.683  7.782   8.626   1.00 25.75 ? 25  ASN A CG  1 
ATOM   216 O OD1 . ASN A 1 25  ? -2.134  8.670   9.279   1.00 28.50 ? 25  ASN A OD1 1 
ATOM   217 N ND2 . ASN A 1 25  ? -2.864  7.866   7.308   1.00 25.16 ? 25  ASN A ND2 1 
ATOM   218 N N   . VAL A 1 26  ? -0.749  4.807   7.480   1.00 15.96 ? 26  VAL A N   1 
ATOM   219 C CA  . VAL A 1 26  ? 0.684   4.619   7.352   1.00 15.20 ? 26  VAL A CA  1 
ATOM   220 C C   . VAL A 1 26  ? 1.324   5.578   6.329   1.00 13.93 ? 26  VAL A C   1 
ATOM   221 O O   . VAL A 1 26  ? 0.688   6.031   5.368   1.00 13.63 ? 26  VAL A O   1 
ATOM   222 C CB  . VAL A 1 26  ? 1.023   3.155   6.992   1.00 15.73 ? 26  VAL A CB  1 
ATOM   223 C CG1 . VAL A 1 26  ? 0.581   2.231   8.108   1.00 18.56 ? 26  VAL A CG1 1 
ATOM   224 C CG2 . VAL A 1 26  ? 0.332   2.751   5.701   1.00 18.23 ? 26  VAL A CG2 1 
ATOM   225 N N   . TYR A 1 27  ? 2.582   5.911   6.581   1.00 15.11 ? 27  TYR A N   1 
ATOM   226 C CA  . TYR A 1 27  ? 3.359   6.792   5.723   1.00 14.53 ? 27  TYR A CA  1 
ATOM   227 C C   . TYR A 1 27  ? 4.139   5.883   4.773   1.00 11.70 ? 27  TYR A C   1 
ATOM   228 O O   . TYR A 1 27  ? 5.058   5.181   5.189   1.00 11.47 ? 27  TYR A O   1 
ATOM   229 C CB  . TYR A 1 27  ? 4.308   7.641   6.571   1.00 13.59 ? 27  TYR A CB  1 
ATOM   230 C CG  . TYR A 1 27  ? 5.024   8.695   5.775   1.00 15.13 ? 27  TYR A CG  1 
ATOM   231 C CD1 . TYR A 1 27  ? 4.437   9.939   5.548   1.00 15.83 ? 27  TYR A CD1 1 
ATOM   232 C CD2 . TYR A 1 27  ? 6.276   8.446   5.215   1.00 15.99 ? 27  TYR A CD2 1 
ATOM   233 C CE1 . TYR A 1 27  ? 5.072   10.906  4.791   1.00 15.94 ? 27  TYR A CE1 1 
ATOM   234 C CE2 . TYR A 1 27  ? 6.920   9.419   4.447   1.00 16.47 ? 27  TYR A CE2 1 
ATOM   235 C CZ  . TYR A 1 27  ? 6.309   10.637  4.245   1.00 16.93 ? 27  TYR A CZ  1 
ATOM   236 O OH  . TYR A 1 27  ? 6.921   11.595  3.486   1.00 18.84 ? 27  TYR A OH  1 
ATOM   237 N N   . CYS A 1 28  ? 3.751   5.901   3.503   1.00 14.77 ? 28  CYS A N   1 
ATOM   238 C CA  . CYS A 1 28  ? 4.354   5.057   2.466   1.00 16.76 ? 28  CYS A CA  1 
ATOM   239 C C   . CYS A 1 28  ? 5.440   5.690   1.598   1.00 14.57 ? 28  CYS A C   1 
ATOM   240 O O   . CYS A 1 28  ? 5.321   6.840   1.194   1.00 14.13 ? 28  CYS A O   1 
ATOM   241 C CB  . CYS A 1 28  ? 3.253   4.512   1.557   1.00 18.26 ? 28  CYS A CB  1 
ATOM   242 S SG  . CYS A 1 28  ? 1.936   3.675   2.476   1.00 18.07 ? 28  CYS A SG  1 
ATOM   243 N N   . VAL A 1 29  ? 6.472   4.916   1.274   1.00 14.65 ? 29  VAL A N   1 
ATOM   244 C CA  . VAL A 1 29  ? 7.557   5.427   0.439   1.00 14.68 ? 29  VAL A CA  1 
ATOM   245 C C   . VAL A 1 29  ? 7.886   4.476   -0.680  1.00 13.25 ? 29  VAL A C   1 
ATOM   246 O O   . VAL A 1 29  ? 8.121   3.301   -0.440  1.00 14.32 ? 29  VAL A O   1 
ATOM   247 C CB  . VAL A 1 29  ? 8.854   5.675   1.254   1.00 14.48 ? 29  VAL A CB  1 
ATOM   248 C CG1 . VAL A 1 29  ? 9.979   6.189   0.335   1.00 15.59 ? 29  VAL A CG1 1 
ATOM   249 C CG2 . VAL A 1 29  ? 8.599   6.679   2.368   1.00 11.45 ? 29  VAL A CG2 1 
ATOM   250 N N   . ILE A 1 30  ? 7.811   4.969   -1.909  1.00 14.58 ? 30  ILE A N   1 
ATOM   251 C CA  . ILE A 1 30  ? 8.177   4.163   -3.085  1.00 18.10 ? 30  ILE A CA  1 
ATOM   252 C C   . ILE A 1 30  ? 9.597   4.583   -3.474  1.00 18.47 ? 30  ILE A C   1 
ATOM   253 O O   . ILE A 1 30  ? 9.819   5.743   -3.868  1.00 17.66 ? 30  ILE A O   1 
ATOM   254 C CB  . ILE A 1 30  ? 7.266   4.446   -4.312  1.00 19.55 ? 30  ILE A CB  1 
ATOM   255 C CG1 . ILE A 1 30  ? 5.855   3.930   -4.059  1.00 22.28 ? 30  ILE A CG1 1 
ATOM   256 C CG2 . ILE A 1 30  ? 7.829   3.798   -5.557  1.00 19.43 ? 30  ILE A CG2 1 
ATOM   257 C CD1 . ILE A 1 30  ? 5.821   2.545   -3.532  1.00 25.40 ? 30  ILE A CD1 1 
ATOM   258 N N   . ASN A 1 31  ? 10.548  3.666   -3.351  1.00 17.68 ? 31  ASN A N   1 
ATOM   259 C CA  . ASN A 1 31  ? 11.943  3.941   -3.693  1.00 18.69 ? 31  ASN A CA  1 
ATOM   260 C C   . ASN A 1 31  ? 12.639  2.625   -4.039  1.00 18.06 ? 31  ASN A C   1 
ATOM   261 O O   . ASN A 1 31  ? 12.433  1.622   -3.358  1.00 18.45 ? 31  ASN A O   1 
ATOM   262 C CB  . ASN A 1 31  ? 12.662  4.632   -2.521  1.00 16.59 ? 31  ASN A CB  1 
ATOM   263 C CG  . ASN A 1 31  ? 14.094  5.035   -2.860  1.00 18.15 ? 31  ASN A CG  1 
ATOM   264 O OD1 . ASN A 1 31  ? 15.042  4.440   -2.373  1.00 19.51 ? 31  ASN A OD1 1 
ATOM   265 N ND2 . ASN A 1 31  ? 14.249  6.030   -3.719  1.00 17.78 ? 31  ASN A ND2 1 
ATOM   266 N N   . ASN A 1 32  ? 13.447  2.641   -5.101  1.00 18.40 ? 32  ASN A N   1 
ATOM   267 C CA  . ASN A 1 32  ? 14.182  1.462   -5.573  1.00 17.68 ? 32  ASN A CA  1 
ATOM   268 C C   . ASN A 1 32  ? 13.323  0.226   -5.773  1.00 14.45 ? 32  ASN A C   1 
ATOM   269 O O   . ASN A 1 32  ? 13.673  -0.845  -5.325  1.00 16.24 ? 32  ASN A O   1 
ATOM   270 C CB  . ASN A 1 32  ? 15.350  1.126   -4.643  1.00 22.56 ? 32  ASN A CB  1 
ATOM   271 C CG  . ASN A 1 32  ? 16.408  0.222   -5.312  1.00 28.30 ? 32  ASN A CG  1 
ATOM   272 O OD1 . ASN A 1 32  ? 17.490  0.018   -4.761  1.00 32.16 ? 32  ASN A OD1 1 
ATOM   273 N ND2 . ASN A 1 32  ? 16.107  -0.295  -6.508  1.00 30.28 ? 32  ASN A ND2 1 
ATOM   274 N N   . GLN A 1 33  ? 12.230  0.382   -6.505  1.00 17.51 ? 33  GLN A N   1 
ATOM   275 C CA  . GLN A 1 33  ? 11.277  -0.696  -6.802  1.00 18.63 ? 33  GLN A CA  1 
ATOM   276 C C   . GLN A 1 33  ? 10.682  -1.410  -5.601  1.00 17.69 ? 33  GLN A C   1 
ATOM   277 O O   . GLN A 1 33  ? 10.322  -2.589  -5.708  1.00 15.07 ? 33  GLN A O   1 
ATOM   278 C CB  . GLN A 1 33  ? 11.892  -1.740  -7.718  1.00 24.47 ? 33  GLN A CB  1 
ATOM   279 C CG  . GLN A 1 33  ? 12.172  -1.269  -9.132  1.00 28.75 ? 33  GLN A CG  1 
ATOM   280 C CD  . GLN A 1 33  ? 12.662  -2.414  -9.999  1.00 30.69 ? 33  GLN A CD  1 
ATOM   281 O OE1 . GLN A 1 33  ? 11.905  -2.971  -10.799 1.00 31.04 ? 33  GLN A OE1 1 
ATOM   282 N NE2 . GLN A 1 33  ? 13.917  -2.819  -9.794  1.00 31.70 ? 33  GLN A NE2 1 
ATOM   283 N N   . GLU A 1 34  ? 10.616  -0.716  -4.463  1.00 17.93 ? 34  GLU A N   1 
ATOM   284 C CA  . GLU A 1 34  ? 10.038  -1.270  -3.245  1.00 18.99 ? 34  GLU A CA  1 
ATOM   285 C C   . GLU A 1 34  ? 9.177   -0.248  -2.534  1.00 17.91 ? 34  GLU A C   1 
ATOM   286 O O   . GLU A 1 34  ? 9.205   0.949   -2.842  1.00 14.12 ? 34  GLU A O   1 
ATOM   287 C CB  . GLU A 1 34  ? 11.114  -1.790  -2.291  1.00 22.53 ? 34  GLU A CB  1 
ATOM   288 C CG  . GLU A 1 34  ? 11.763  -3.073  -2.773  1.00 29.83 ? 34  GLU A CG  1 
ATOM   289 C CD  . GLU A 1 34  ? 12.374  -3.892  -1.657  1.00 33.87 ? 34  GLU A CD  1 
ATOM   290 O OE1 . GLU A 1 34  ? 13.496  -3.545  -1.228  1.00 34.98 ? 34  GLU A OE1 1 
ATOM   291 O OE2 . GLU A 1 34  ? 11.739  -4.894  -1.220  1.00 36.29 ? 34  GLU A OE2 1 
ATOM   292 N N   . MET A 1 35  ? 8.375   -0.726  -1.595  1.00 18.75 ? 35  MET A N   1 
ATOM   293 C CA  . MET A 1 35  ? 7.506   0.156   -0.834  1.00 18.73 ? 35  MET A CA  1 
ATOM   294 C C   . MET A 1 35  ? 7.742   -0.064  0.651   1.00 15.64 ? 35  MET A C   1 
ATOM   295 O O   . MET A 1 35  ? 7.695   -1.192  1.143   1.00 13.80 ? 35  MET A O   1 
ATOM   296 C CB  . MET A 1 35  ? 6.035   -0.080  -1.206  1.00 20.61 ? 35  MET A CB  1 
ATOM   297 C CG  . MET A 1 35  ? 5.033   0.850   -0.533  1.00 21.49 ? 35  MET A CG  1 
ATOM   298 S SD  . MET A 1 35  ? 3.365   0.552   -1.128  1.00 23.80 ? 35  MET A SD  1 
ATOM   299 C CE  . MET A 1 35  ? 2.932   2.058   -1.711  1.00 23.74 ? 35  MET A CE  1 
ATOM   300 N N   . GLY A 1 36  ? 8.137   1.002   1.326   1.00 13.19 ? 36  GLY A N   1 
ATOM   301 C CA  . GLY A 1 36  ? 8.376   0.927   2.749   1.00 15.14 ? 36  GLY A CA  1 
ATOM   302 C C   . GLY A 1 36  ? 7.226   1.580   3.483   1.00 14.42 ? 36  GLY A C   1 
ATOM   303 O O   . GLY A 1 36  ? 6.588   2.491   2.943   1.00 12.60 ? 36  GLY A O   1 
ATOM   304 N N   . PHE A 1 37  ? 6.975   1.120   4.712   1.00 16.60 ? 37  PHE A N   1 
ATOM   305 C CA  . PHE A 1 37  ? 5.894   1.642   5.572   1.00 15.71 ? 37  PHE A CA  1 
ATOM   306 C C   . PHE A 1 37  ? 6.479   2.231   6.855   1.00 15.47 ? 37  PHE A C   1 
ATOM   307 O O   . PHE A 1 37  ? 7.303   1.595   7.521   1.00 18.11 ? 37  PHE A O   1 
ATOM   308 C CB  . PHE A 1 37  ? 4.894   0.523   5.907   1.00 16.36 ? 37  PHE A CB  1 
ATOM   309 C CG  . PHE A 1 37  ? 4.312   -0.155  4.681   1.00 16.05 ? 37  PHE A CG  1 
ATOM   310 C CD1 . PHE A 1 37  ? 3.454   0.541   3.824   1.00 14.84 ? 37  PHE A CD1 1 
ATOM   311 C CD2 . PHE A 1 37  ? 4.671   -1.455  4.351   1.00 14.25 ? 37  PHE A CD2 1 
ATOM   312 C CE1 . PHE A 1 37  ? 2.966   -0.057  2.658   1.00 13.47 ? 37  PHE A CE1 1 
ATOM   313 C CE2 . PHE A 1 37  ? 4.186   -2.058  3.191   1.00 15.39 ? 37  PHE A CE2 1 
ATOM   314 C CZ  . PHE A 1 37  ? 3.334   -1.352  2.342   1.00 14.05 ? 37  PHE A CZ  1 
ATOM   315 N N   . TYR A 1 38  ? 6.077   3.454   7.173   1.00 15.65 ? 38  TYR A N   1 
ATOM   316 C CA  . TYR A 1 38  ? 6.560   4.168   8.348   1.00 17.08 ? 38  TYR A CA  1 
ATOM   317 C C   . TYR A 1 38  ? 5.370   4.785   9.043   1.00 16.50 ? 38  TYR A C   1 
ATOM   318 O O   . TYR A 1 38  ? 4.312   4.912   8.453   1.00 15.66 ? 38  TYR A O   1 
ATOM   319 C CB  . TYR A 1 38  ? 7.560   5.266   7.935   1.00 15.79 ? 38  TYR A CB  1 
ATOM   320 C CG  . TYR A 1 38  ? 8.717   4.735   7.112   1.00 16.25 ? 38  TYR A CG  1 
ATOM   321 C CD1 . TYR A 1 38  ? 9.862   4.202   7.725   1.00 15.13 ? 38  TYR A CD1 1 
ATOM   322 C CD2 . TYR A 1 38  ? 8.639   4.693   5.715   1.00 14.76 ? 38  TYR A CD2 1 
ATOM   323 C CE1 . TYR A 1 38  ? 10.908  3.638   6.959   1.00 16.06 ? 38  TYR A CE1 1 
ATOM   324 C CE2 . TYR A 1 38  ? 9.675   4.129   4.939   1.00 16.42 ? 38  TYR A CE2 1 
ATOM   325 C CZ  . TYR A 1 38  ? 10.794  3.596   5.563   1.00 17.30 ? 38  TYR A CZ  1 
ATOM   326 O OH  . TYR A 1 38  ? 11.769  3.003   4.792   1.00 17.33 ? 38  TYR A OH  1 
ATOM   327 N N   . LYS A 1 39  ? 5.524   5.135   10.314  1.00 20.63 ? 39  LYS A N   1 
ATOM   328 C CA  . LYS A 1 39  ? 4.417   5.740   11.056  1.00 23.18 ? 39  LYS A CA  1 
ATOM   329 C C   . LYS A 1 39  ? 4.227   7.191   10.601  1.00 22.20 ? 39  LYS A C   1 
ATOM   330 O O   . LYS A 1 39  ? 3.104   7.687   10.529  1.00 21.23 ? 39  LYS A O   1 
ATOM   331 C CB  . LYS A 1 39  ? 4.662   5.648   12.580  1.00 26.66 ? 39  LYS A CB  1 
ATOM   332 C CG  . LYS A 1 39  ? 3.429   5.948   13.456  1.00 33.34 ? 39  LYS A CG  1 
ATOM   333 C CD  . LYS A 1 39  ? 2.175   5.141   13.012  1.00 36.12 ? 39  LYS A CD  1 
ATOM   334 C CE  . LYS A 1 39  ? 0.937   5.471   13.858  1.00 36.19 ? 39  LYS A CE  1 
ATOM   335 N NZ  . LYS A 1 39  ? -0.329  5.085   13.158  1.00 37.75 ? 39  LYS A NZ  1 
ATOM   336 N N   . ASP A 1 40  ? 5.327   7.856   10.251  1.00 21.36 ? 40  ASP A N   1 
ATOM   337 C CA  . ASP A 1 40  ? 5.266   9.242   9.792   1.00 20.13 ? 40  ASP A CA  1 
ATOM   338 C C   . ASP A 1 40  ? 6.486   9.589   8.963   1.00 16.54 ? 40  ASP A C   1 
ATOM   339 O O   . ASP A 1 40  ? 7.387   8.771   8.780   1.00 15.14 ? 40  ASP A O   1 
ATOM   340 C CB  . ASP A 1 40  ? 5.148   10.209  10.980  1.00 21.32 ? 40  ASP A CB  1 
ATOM   341 C CG  . ASP A 1 40  ? 6.111   9.877   12.117  1.00 22.70 ? 40  ASP A CG  1 
ATOM   342 O OD1 . ASP A 1 40  ? 7.246   9.400   11.872  1.00 23.79 ? 40  ASP A OD1 1 
ATOM   343 O OD2 . ASP A 1 40  ? 5.716   10.081  13.279  1.00 24.16 ? 40  ASP A OD2 1 
ATOM   344 N N   . ALA A 1 41  ? 6.518   10.822  8.491   1.00 14.54 ? 41  ALA A N   1 
ATOM   345 C CA  . ALA A 1 41  ? 7.617   11.295  7.687   1.00 16.78 ? 41  ALA A CA  1 
ATOM   346 C C   . ALA A 1 41  ? 8.948   11.238  8.443   1.00 19.08 ? 41  ALA A C   1 
ATOM   347 O O   . ALA A 1 41  ? 9.988   10.863  7.873   1.00 20.33 ? 41  ALA A O   1 
ATOM   348 C CB  . ALA A 1 41  ? 7.329   12.693  7.215   1.00 15.61 ? 41  ALA A CB  1 
ATOM   349 N N   . LYS A 1 42  ? 8.932   11.594  9.725   1.00 18.12 ? 42  LYS A N   1 
ATOM   350 C CA  . LYS A 1 42  ? 10.156  11.561  10.491  1.00 18.10 ? 42  LYS A CA  1 
ATOM   351 C C   . LYS A 1 42  ? 10.729  10.162  10.663  1.00 18.56 ? 42  LYS A C   1 
ATOM   352 O O   . LYS A 1 42  ? 11.941  9.975   10.566  1.00 20.23 ? 42  LYS A O   1 
ATOM   353 C CB  . LYS A 1 42  ? 9.989   12.294  11.809  1.00 21.88 ? 42  LYS A CB  1 
ATOM   354 C CG  . LYS A 1 42  ? 10.814  13.576  11.839  1.00 27.22 ? 42  LYS A CG  1 
ATOM   355 C CD  . LYS A 1 42  ? 12.332  13.319  12.126  1.00 33.40 ? 42  LYS A CD  1 
ATOM   356 C CE  . LYS A 1 42  ? 13.228  12.990  10.895  1.00 35.50 ? 42  LYS A CE  1 
ATOM   357 N NZ  . LYS A 1 42  ? 14.083  11.786  11.206  1.00 34.21 ? 42  LYS A NZ  1 
ATOM   358 N N   . SER A 1 43  ? 9.868   9.165   10.821  1.00 16.34 ? 43  SER A N   1 
ATOM   359 C CA  . SER A 1 43  ? 10.343  7.806   10.966  1.00 16.97 ? 43  SER A CA  1 
ATOM   360 C C   . SER A 1 43  ? 10.903  7.340   9.647   1.00 14.59 ? 43  SER A C   1 
ATOM   361 O O   . SER A 1 43  ? 11.823  6.538   9.607   1.00 17.30 ? 43  SER A O   1 
ATOM   362 C CB  . SER A 1 43  ? 9.214   6.887   11.400  1.00 19.66 ? 43  SER A CB  1 
ATOM   363 O OG  . SER A 1 43  ? 8.715   7.309   12.654  1.00 26.94 ? 43  SER A OG  1 
ATOM   364 N N   . ALA A 1 44  ? 10.375  7.878   8.561   1.00 14.94 ? 44  ALA A N   1 
ATOM   365 C CA  . ALA A 1 44  ? 10.834  7.506   7.231   1.00 15.23 ? 44  ALA A CA  1 
ATOM   366 C C   . ALA A 1 44  ? 12.286  7.949   6.991   1.00 14.67 ? 44  ALA A C   1 
ATOM   367 O O   . ALA A 1 44  ? 13.105  7.180   6.475   1.00 16.26 ? 44  ALA A O   1 
ATOM   368 C CB  . ALA A 1 44  ? 9.900   8.112   6.176   1.00 15.63 ? 44  ALA A CB  1 
ATOM   369 N N   . ALA A 1 45  ? 12.601  9.180   7.389   1.00 15.77 ? 45  ALA A N   1 
ATOM   370 C CA  . ALA A 1 45  ? 13.940  9.737   7.221   1.00 16.70 ? 45  ALA A CA  1 
ATOM   371 C C   . ALA A 1 45  ? 14.925  9.022   8.136   1.00 17.57 ? 45  ALA A C   1 
ATOM   372 O O   . ALA A 1 45  ? 16.089  8.847   7.794   1.00 16.94 ? 45  ALA A O   1 
ATOM   373 C CB  . ALA A 1 45  ? 13.922  11.240  7.517   1.00 16.32 ? 45  ALA A CB  1 
ATOM   374 N N   . SER A 1 46  ? 14.435  8.548   9.272   1.00 19.08 ? 46  SER A N   1 
ATOM   375 C CA  . SER A 1 46  ? 15.274  7.860   10.241  1.00 20.56 ? 46  SER A CA  1 
ATOM   376 C C   . SER A 1 46  ? 15.426  6.375   9.977   1.00 20.15 ? 46  SER A C   1 
ATOM   377 O O   . SER A 1 46  ? 16.346  5.746   10.482  1.00 23.16 ? 46  SER A O   1 
ATOM   378 C CB  . SER A 1 46  ? 14.729  8.063   11.649  1.00 19.77 ? 46  SER A CB  1 
ATOM   379 O OG  . SER A 1 46  ? 14.639  9.438   11.961  1.00 21.33 ? 46  SER A OG  1 
ATOM   380 N N   . GLY A 1 47  ? 14.516  5.801   9.207   1.00 21.38 ? 47  GLY A N   1 
ATOM   381 C CA  . GLY A 1 47  ? 14.593  4.380   8.899   1.00 22.12 ? 47  GLY A CA  1 
ATOM   382 C C   . GLY A 1 47  ? 13.937  3.441   9.907   1.00 24.13 ? 47  GLY A C   1 
ATOM   383 O O   . GLY A 1 47  ? 14.288  2.265   9.969   1.00 26.48 ? 47  GLY A O   1 
ATOM   384 N N   . ILE A 1 48  ? 13.012  3.963   10.710  1.00 22.63 ? 48  ILE A N   1 
ATOM   385 C CA  . ILE A 1 48  ? 12.296  3.173   11.720  1.00 25.22 ? 48  ILE A CA  1 
ATOM   386 C C   . ILE A 1 48  ? 10.993  2.663   11.088  1.00 23.75 ? 48  ILE A C   1 
ATOM   387 O O   . ILE A 1 48  ? 10.059  3.441   10.861  1.00 23.64 ? 48  ILE A O   1 
ATOM   388 C CB  . ILE A 1 48  ? 11.976  4.047   12.963  1.00 26.22 ? 48  ILE A CB  1 
ATOM   389 C CG1 . ILE A 1 48  ? 13.268  4.689   13.483  1.00 26.12 ? 48  ILE A CG1 1 
ATOM   390 C CG2 . ILE A 1 48  ? 11.333  3.191   14.056  1.00 25.53 ? 48  ILE A CG2 1 
ATOM   391 C CD1 . ILE A 1 48  ? 13.059  5.814   14.482  1.00 27.86 ? 48  ILE A CD1 1 
ATOM   392 N N   . PRO A 1 49  ? 10.900  1.336   10.863  1.00 23.06 ? 49  PRO A N   1 
ATOM   393 C CA  . PRO A 1 49  ? 9.759   0.628   10.256  1.00 23.13 ? 49  PRO A CA  1 
ATOM   394 C C   . PRO A 1 49  ? 8.427   0.733   10.998  1.00 23.17 ? 49  PRO A C   1 
ATOM   395 O O   . PRO A 1 49  ? 8.395   0.817   12.229  1.00 21.87 ? 49  PRO A O   1 
ATOM   396 C CB  . PRO A 1 49  ? 10.269  -0.806  10.187  1.00 23.81 ? 49  PRO A CB  1 
ATOM   397 C CG  . PRO A 1 49  ? 11.057  -0.918  11.428  1.00 24.68 ? 49  PRO A CG  1 
ATOM   398 C CD  . PRO A 1 49  ? 11.861  0.370   11.417  1.00 24.29 ? 49  PRO A CD  1 
ATOM   399 N N   . TYR A 1 50  ? 7.331   0.689   10.236  1.00 22.96 ? 50  TYR A N   1 
ATOM   400 C CA  . TYR A 1 50  ? 5.993   0.794   10.789  1.00 25.35 ? 50  TYR A CA  1 
ATOM   401 C C   . TYR A 1 50  ? 5.752   -0.150  11.956  1.00 29.13 ? 50  TYR A C   1 
ATOM   402 O O   . TYR A 1 50  ? 5.441   0.309   13.052  1.00 34.08 ? 50  TYR A O   1 
ATOM   403 C CB  . TYR A 1 50  ? 4.912   0.609   9.723   1.00 25.48 ? 50  TYR A CB  1 
ATOM   404 C CG  . TYR A 1 50  ? 3.494   0.669   10.278  1.00 22.92 ? 50  TYR A CG  1 
ATOM   405 C CD1 . TYR A 1 50  ? 3.068   1.757   11.032  1.00 21.55 ? 50  TYR A CD1 1 
ATOM   406 C CD2 . TYR A 1 50  ? 2.602   -0.380  10.079  1.00 22.68 ? 50  TYR A CD2 1 
ATOM   407 C CE1 . TYR A 1 50  ? 1.805   1.796   11.576  1.00 22.32 ? 50  TYR A CE1 1 
ATOM   408 C CE2 . TYR A 1 50  ? 1.325   -0.350  10.618  1.00 23.05 ? 50  TYR A CE2 1 
ATOM   409 C CZ  . TYR A 1 50  ? 0.932   0.738   11.368  1.00 23.04 ? 50  TYR A CZ  1 
ATOM   410 O OH  . TYR A 1 50  ? -0.330  0.750   11.920  1.00 25.33 ? 50  TYR A OH  1 
ATOM   411 N N   . HIS A 1 51  ? 5.802   -1.455  11.743  1.00 28.80 ? 51  HIS A N   1 
ATOM   412 C CA  . HIS A 1 51  ? 5.609   -2.362  12.885  1.00 29.41 ? 51  HIS A CA  1 
ATOM   413 C C   . HIS A 1 51  ? 6.565   -3.501  12.673  1.00 28.44 ? 51  HIS A C   1 
ATOM   414 O O   . HIS A 1 51  ? 6.189   -4.669  12.670  1.00 27.12 ? 51  HIS A O   1 
ATOM   415 C CB  . HIS A 1 51  ? 4.151   -2.844  12.993  1.00 32.08 ? 51  HIS A CB  1 
ATOM   416 C CG  . HIS A 1 51  ? 3.259   -1.913  13.757  1.00 33.72 ? 51  HIS A CG  1 
ATOM   417 N ND1 . HIS A 1 51  ? 1.884   -1.927  13.648  1.00 36.39 ? 51  HIS A ND1 1 
ATOM   418 C CD2 . HIS A 1 51  ? 3.544   -0.923  14.641  1.00 35.91 ? 51  HIS A CD2 1 
ATOM   419 C CE1 . HIS A 1 51  ? 1.363   -0.990  14.422  1.00 36.36 ? 51  HIS A CE1 1 
ATOM   420 N NE2 . HIS A 1 51  ? 2.349   -0.366  15.036  1.00 34.98 ? 51  HIS A NE2 1 
ATOM   421 N N   . SER A 1 52  ? 7.817   -3.121  12.452  1.00 27.96 ? 52  SER A N   1 
ATOM   422 C CA  . SER A 1 52  ? 8.887   -4.064  12.169  1.00 30.52 ? 52  SER A CA  1 
ATOM   423 C C   . SER A 1 52  ? 8.587   -4.724  10.825  1.00 29.08 ? 52  SER A C   1 
ATOM   424 O O   . SER A 1 52  ? 9.021   -5.842  10.530  1.00 29.75 ? 52  SER A O   1 
ATOM   425 C CB  . SER A 1 52  ? 9.054   -5.084  13.306  1.00 32.92 ? 52  SER A CB  1 
ATOM   426 O OG  . SER A 1 52  ? 9.439   -4.423  14.515  1.00 36.03 ? 52  SER A OG  1 
ATOM   427 N N   . GLU A 1 53  ? 7.854   -3.984  9.997   1.00 28.13 ? 53  GLU A N   1 
ATOM   428 C CA  . GLU A 1 53  ? 7.502   -4.447  8.667   1.00 29.01 ? 53  GLU A CA  1 
ATOM   429 C C   . GLU A 1 53  ? 8.737   -4.282  7.800   1.00 27.67 ? 53  GLU A C   1 
ATOM   430 O O   . GLU A 1 53  ? 9.535   -3.377  8.039   1.00 29.41 ? 53  GLU A O   1 
ATOM   431 C CB  . GLU A 1 53  ? 6.366   -3.597  8.093   1.00 29.49 ? 53  GLU A CB  1 
ATOM   432 C CG  . GLU A 1 53  ? 5.183   -3.467  9.023   1.00 34.26 ? 53  GLU A CG  1 
ATOM   433 C CD  . GLU A 1 53  ? 3.839   -3.418  8.306   1.00 35.62 ? 53  GLU A CD  1 
ATOM   434 O OE1 . GLU A 1 53  ? 3.804   -3.364  7.055   1.00 35.05 ? 53  GLU A OE1 1 
ATOM   435 O OE2 . GLU A 1 53  ? 2.804   -3.444  9.015   1.00 37.64 ? 53  GLU A OE2 1 
ATOM   436 N N   . VAL A 1 54  ? 8.911   -5.162  6.822   1.00 26.06 ? 54  VAL A N   1 
ATOM   437 C CA  . VAL A 1 54  ? 10.045  -5.079  5.905   1.00 25.17 ? 54  VAL A CA  1 
ATOM   438 C C   . VAL A 1 54  ? 9.496   -4.473  4.616   1.00 24.79 ? 54  VAL A C   1 
ATOM   439 O O   . VAL A 1 54  ? 8.329   -4.672  4.292   1.00 25.45 ? 54  VAL A O   1 
ATOM   440 C CB  . VAL A 1 54  ? 10.598  -6.485  5.589   1.00 26.01 ? 54  VAL A CB  1 
ATOM   441 C CG1 . VAL A 1 54  ? 9.588   -7.280  4.772   1.00 26.67 ? 54  VAL A CG1 1 
ATOM   442 C CG2 . VAL A 1 54  ? 11.915  -6.393  4.843   1.00 28.35 ? 54  VAL A CG2 1 
ATOM   443 N N   . PRO A 1 55  ? 10.284  -3.658  3.909   1.00 24.84 ? 55  PRO A N   1 
ATOM   444 C CA  . PRO A 1 55  ? 9.777   -3.077  2.662   1.00 22.98 ? 55  PRO A CA  1 
ATOM   445 C C   . PRO A 1 55  ? 9.432   -4.203  1.696   1.00 21.20 ? 55  PRO A C   1 
ATOM   446 O O   . PRO A 1 55  ? 10.093  -5.240  1.679   1.00 22.11 ? 55  PRO A O   1 
ATOM   447 C CB  . PRO A 1 55  ? 10.974  -2.289  2.147   1.00 23.17 ? 55  PRO A CB  1 
ATOM   448 C CG  . PRO A 1 55  ? 11.628  -1.851  3.390   1.00 24.46 ? 55  PRO A CG  1 
ATOM   449 C CD  . PRO A 1 55  ? 11.607  -3.098  4.237   1.00 24.48 ? 55  PRO A CD  1 
ATOM   450 N N   . VAL A 1 56  ? 8.406   -4.008  0.887   1.00 19.54 ? 56  VAL A N   1 
ATOM   451 C CA  . VAL A 1 56  ? 8.021   -5.045  -0.038  1.00 18.42 ? 56  VAL A CA  1 
ATOM   452 C C   . VAL A 1 56  ? 8.378   -4.664  -1.465  1.00 18.28 ? 56  VAL A C   1 
ATOM   453 O O   . VAL A 1 56  ? 8.353   -3.485  -1.817  1.00 16.44 ? 56  VAL A O   1 
ATOM   454 C CB  . VAL A 1 56  ? 6.524   -5.386  0.094   1.00 19.27 ? 56  VAL A CB  1 
ATOM   455 C CG1 . VAL A 1 56  ? 5.650   -4.216  -0.330  1.00 17.47 ? 56  VAL A CG1 1 
ATOM   456 C CG2 . VAL A 1 56  ? 6.220   -6.637  -0.709  1.00 23.80 ? 56  VAL A CG2 1 
ATOM   457 N N   . SER A 1 57  ? 8.752   -5.664  -2.262  1.00 18.25 ? 57  SER A N   1 
ATOM   458 C CA  . SER A 1 57  ? 9.127   -5.456  -3.657  1.00 16.65 ? 57  SER A CA  1 
ATOM   459 C C   . SER A 1 57  ? 7.892   -5.219  -4.516  1.00 17.60 ? 57  SER A C   1 
ATOM   460 O O   . SER A 1 57  ? 6.867   -5.864  -4.330  1.00 19.78 ? 57  SER A O   1 
ATOM   461 C CB  . SER A 1 57  ? 9.911   -6.663  -4.164  1.00 16.33 ? 57  SER A CB  1 
ATOM   462 O OG  . SER A 1 57  ? 10.090  -6.626  -5.567  1.00 17.05 ? 57  SER A OG  1 
ATOM   463 N N   . LEU A 1 58  ? 7.996   -4.286  -5.452  1.00 16.27 ? 58  LEU A N   1 
ATOM   464 C CA  . LEU A 1 58  ? 6.899   -3.955  -6.344  1.00 15.95 ? 58  LEU A CA  1 
ATOM   465 C C   . LEU A 1 58  ? 7.079   -4.627  -7.707  1.00 16.64 ? 58  LEU A C   1 
ATOM   466 O O   . LEU A 1 58  ? 6.320   -4.376  -8.641  1.00 13.84 ? 58  LEU A O   1 
ATOM   467 C CB  . LEU A 1 58  ? 6.791   -2.441  -6.486  1.00 15.46 ? 58  LEU A CB  1 
ATOM   468 C CG  . LEU A 1 58  ? 6.532   -1.658  -5.190  1.00 14.17 ? 58  LEU A CG  1 
ATOM   469 C CD1 . LEU A 1 58  ? 6.591   -0.180  -5.524  1.00 14.15 ? 58  LEU A CD1 1 
ATOM   470 C CD2 . LEU A 1 58  ? 5.185   -2.011  -4.566  1.00 12.42 ? 58  LEU A CD2 1 
ATOM   471 N N   . LYS A 1 59  ? 8.075   -5.509  -7.783  1.00 20.39 ? 59  LYS A N   1 
ATOM   472 C CA  . LYS A 1 59  ? 8.389   -6.295  -8.982  1.00 21.12 ? 59  LYS A CA  1 
ATOM   473 C C   . LYS A 1 59  ? 7.193   -7.158  -9.356  1.00 21.34 ? 59  LYS A C   1 
ATOM   474 O O   . LYS A 1 59  ? 6.766   -7.990  -8.563  1.00 20.65 ? 59  LYS A O   1 
ATOM   475 C CB  . LYS A 1 59  ? 9.587   -7.210  -8.711  1.00 25.50 ? 59  LYS A CB  1 
ATOM   476 C CG  . LYS A 1 59  ? 10.862  -6.822  -9.433  1.00 31.56 ? 59  LYS A CG  1 
ATOM   477 C CD  . LYS A 1 59  ? 11.293  -7.911  -10.429 1.00 36.04 ? 59  LYS A CD  1 
ATOM   478 C CE  . LYS A 1 59  ? 10.226  -8.131  -11.514 1.00 38.73 ? 59  LYS A CE  1 
ATOM   479 N NZ  . LYS A 1 59  ? 10.570  -9.165  -12.543 1.00 41.32 ? 59  LYS A NZ  1 
ATOM   480 N N   . GLU A 1 60  ? 6.641   -6.931  -10.545 1.00 22.04 ? 60  GLU A N   1 
ATOM   481 C CA  . GLU A 1 60  ? 5.497   -7.691  -11.041 1.00 25.74 ? 60  GLU A CA  1 
ATOM   482 C C   . GLU A 1 60  ? 4.260   -7.556  -10.157 1.00 24.68 ? 60  GLU A C   1 
ATOM   483 O O   . GLU A 1 60  ? 3.490   -8.510  -10.001 1.00 25.77 ? 60  GLU A O   1 
ATOM   484 C CB  . GLU A 1 60  ? 5.832   -9.184  -11.191 1.00 30.20 ? 60  GLU A CB  1 
ATOM   485 C CG  . GLU A 1 60  ? 6.671   -9.559  -12.393 1.00 35.53 ? 60  GLU A CG  1 
ATOM   486 C CD  . GLU A 1 60  ? 6.712   -11.073 -12.610 1.00 40.25 ? 60  GLU A CD  1 
ATOM   487 O OE1 . GLU A 1 60  ? 7.423   -11.781 -11.854 1.00 41.32 ? 60  GLU A OE1 1 
ATOM   488 O OE2 . GLU A 1 60  ? 6.018   -11.562 -13.541 1.00 43.60 ? 60  GLU A OE2 1 
ATOM   489 N N   . ALA A 1 61  ? 4.053   -6.369  -9.601  1.00 22.56 ? 61  ALA A N   1 
ATOM   490 C CA  . ALA A 1 61  ? 2.904   -6.117  -8.740  1.00 18.68 ? 61  ALA A CA  1 
ATOM   491 C C   . ALA A 1 61  ? 1.722   -5.708  -9.595  1.00 19.21 ? 61  ALA A C   1 
ATOM   492 O O   . ALA A 1 61  ? 1.893   -5.171  -10.682 1.00 20.03 ? 61  ALA A O   1 
ATOM   493 C CB  . ALA A 1 61  ? 3.231   -5.012  -7.759  1.00 16.84 ? 61  ALA A CB  1 
ATOM   494 N N   . ILE A 1 62  ? 0.520   -5.999  -9.124  1.00 18.06 ? 62  ILE A N   1 
ATOM   495 C CA  . ILE A 1 62  ? -0.693  -5.607  -9.827  1.00 17.86 ? 62  ILE A CA  1 
ATOM   496 C C   . ILE A 1 62  ? -1.286  -4.494  -8.977  1.00 17.24 ? 62  ILE A C   1 
ATOM   497 O O   . ILE A 1 62  ? -1.463  -4.657  -7.778  1.00 16.24 ? 62  ILE A O   1 
ATOM   498 C CB  . ILE A 1 62  ? -1.670  -6.808  -9.953  1.00 20.09 ? 62  ILE A CB  1 
ATOM   499 C CG1 . ILE A 1 62  ? -1.083  -7.832  -10.946 1.00 21.20 ? 62  ILE A CG1 1 
ATOM   500 C CG2 . ILE A 1 62  ? -3.086  -6.338  -10.348 1.00 22.24 ? 62  ILE A CG2 1 
ATOM   501 C CD1 . ILE A 1 62  ? -1.579  -9.239  -10.771 1.00 21.87 ? 62  ILE A CD1 1 
ATOM   502 N N   . CYS A 1 63  ? -1.518  -3.341  -9.589  1.00 17.28 ? 63  CYS A N   1 
ATOM   503 C CA  . CYS A 1 63  ? -2.077  -2.187  -8.892  1.00 18.72 ? 63  CYS A CA  1 
ATOM   504 C C   . CYS A 1 63  ? -3.216  -1.599  -9.728  1.00 18.16 ? 63  CYS A C   1 
ATOM   505 O O   . CYS A 1 63  ? -3.043  -1.337  -10.920 1.00 18.74 ? 63  CYS A O   1 
ATOM   506 C CB  . CYS A 1 63  ? -0.983  -1.138  -8.687  1.00 21.64 ? 63  CYS A CB  1 
ATOM   507 S SG  . CYS A 1 63  ? -1.470  0.259   -7.679  1.00 24.53 ? 63  CYS A SG  1 
ATOM   508 N N   . GLU A 1 64  ? -4.381  -1.394  -9.123  1.00 18.03 ? 64  GLU A N   1 
ATOM   509 C CA  . GLU A 1 64  ? -5.520  -0.866  -9.874  1.00 17.98 ? 64  GLU A CA  1 
ATOM   510 C C   . GLU A 1 64  ? -6.586  -0.286  -8.960  1.00 20.43 ? 64  GLU A C   1 
ATOM   511 O O   . GLU A 1 64  ? -6.521  -0.474  -7.747  1.00 21.20 ? 64  GLU A O   1 
ATOM   512 C CB  . GLU A 1 64  ? -6.143  -1.984  -10.705 1.00 20.21 ? 64  GLU A CB  1 
ATOM   513 C CG  . GLU A 1 64  ? -6.577  -3.183  -9.882  1.00 23.44 ? 64  GLU A CG  1 
ATOM   514 C CD  . GLU A 1 64  ? -7.019  -4.367  -10.739 1.00 28.17 ? 64  GLU A CD  1 
ATOM   515 O OE1 . GLU A 1 64  ? -6.537  -4.508  -11.892 1.00 30.32 ? 64  GLU A OE1 1 
ATOM   516 O OE2 . GLU A 1 64  ? -7.843  -5.174  -10.251 1.00 27.85 ? 64  GLU A OE2 1 
ATOM   517 N N   . VAL A 1 65  ? -7.555  0.432   -9.536  1.00 19.27 ? 65  VAL A N   1 
ATOM   518 C CA  . VAL A 1 65  ? -8.657  1.004   -8.755  1.00 19.89 ? 65  VAL A CA  1 
ATOM   519 C C   . VAL A 1 65  ? -9.518  -0.142  -8.205  1.00 18.94 ? 65  VAL A C   1 
ATOM   520 O O   . VAL A 1 65  ? -9.826  -1.106  -8.910  1.00 17.30 ? 65  VAL A O   1 
ATOM   521 C CB  . VAL A 1 65  ? -9.527  1.998   -9.597  1.00 20.55 ? 65  VAL A CB  1 
ATOM   522 C CG1 . VAL A 1 65  ? -10.191 1.297   -10.760 1.00 21.04 ? 65  VAL A CG1 1 
ATOM   523 C CG2 . VAL A 1 65  ? -10.582 2.637   -8.734  1.00 19.30 ? 65  VAL A CG2 1 
ATOM   524 N N   . ALA A 1 66  ? -9.857  -0.062  -6.929  1.00 19.03 ? 66  ALA A N   1 
ATOM   525 C CA  . ALA A 1 66  ? -10.657 -1.093  -6.298  1.00 19.91 ? 66  ALA A CA  1 
ATOM   526 C C   . ALA A 1 66  ? -12.144 -0.797  -6.494  1.00 22.57 ? 66  ALA A C   1 
ATOM   527 O O   . ALA A 1 66  ? -12.779 -0.240  -5.608  1.00 24.39 ? 66  ALA A O   1 
ATOM   528 C CB  . ALA A 1 66  ? -10.317 -1.164  -4.817  1.00 17.73 ? 66  ALA A CB  1 
ATOM   529 N N   . LEU A 1 67  ? -12.679 -1.136  -7.669  1.00 27.18 ? 67  LEU A N   1 
ATOM   530 C CA  . LEU A 1 67  ? -14.102 -0.919  -8.002  1.00 30.15 ? 67  LEU A CA  1 
ATOM   531 C C   . LEU A 1 67  ? -14.980 -1.777  -7.110  1.00 30.21 ? 67  LEU A C   1 
ATOM   532 O O   . LEU A 1 67  ? -16.055 -1.362  -6.670  1.00 31.74 ? 67  LEU A O   1 
ATOM   533 C CB  . LEU A 1 67  ? -14.395 -1.339  -9.449  1.00 32.67 ? 67  LEU A CB  1 
ATOM   534 C CG  . LEU A 1 67  ? -13.977 -0.511  -10.663 1.00 33.66 ? 67  LEU A CG  1 
ATOM   535 C CD1 . LEU A 1 67  ? -13.164 -1.378  -11.587 1.00 34.94 ? 67  LEU A CD1 1 
ATOM   536 C CD2 . LEU A 1 67  ? -15.215 -0.002  -11.388 1.00 34.74 ? 67  LEU A CD2 1 
ATOM   537 N N   . ASP A 1 68  ? -14.529 -3.010  -6.924  1.00 29.13 ? 68  ASP A N   1 
ATOM   538 C CA  . ASP A 1 68  ? -15.208 -3.991  -6.104  1.00 29.04 ? 68  ASP A CA  1 
ATOM   539 C C   . ASP A 1 68  ? -15.331 -3.581  -4.638  1.00 27.97 ? 68  ASP A C   1 
ATOM   540 O O   . ASP A 1 68  ? -16.234 -4.037  -3.946  1.00 30.53 ? 68  ASP A O   1 
ATOM   541 C CB  . ASP A 1 68  ? -14.506 -5.351  -6.241  1.00 31.62 ? 68  ASP A CB  1 
ATOM   542 C CG  . ASP A 1 68  ? -12.999 -5.304  -5.890  1.00 31.93 ? 68  ASP A CG  1 
ATOM   543 O OD1 . ASP A 1 68  ? -12.435 -4.224  -5.636  1.00 34.02 ? 68  ASP A OD1 1 
ATOM   544 O OD2 . ASP A 1 68  ? -12.370 -6.379  -5.856  1.00 33.00 ? 68  ASP A OD2 1 
ATOM   545 N N   . TYR A 1 69  ? -14.412 -2.757  -4.145  1.00 23.97 ? 69  TYR A N   1 
ATOM   546 C CA  . TYR A 1 69  ? -14.510 -2.322  -2.761  1.00 24.92 ? 69  TYR A CA  1 
ATOM   547 C C   . TYR A 1 69  ? -15.412 -1.097  -2.744  1.00 26.43 ? 69  TYR A C   1 
ATOM   548 O O   . TYR A 1 69  ? -15.105 -0.068  -3.338  1.00 28.36 ? 69  TYR A O   1 
ATOM   549 C CB  . TYR A 1 69  ? -13.147 -1.999  -2.165  1.00 21.51 ? 69  TYR A CB  1 
ATOM   550 C CG  . TYR A 1 69  ? -13.226 -1.630  -0.698  1.00 20.27 ? 69  TYR A CG  1 
ATOM   551 C CD1 . TYR A 1 69  ? -13.264 -2.613  0.290   1.00 19.42 ? 69  TYR A CD1 1 
ATOM   552 C CD2 . TYR A 1 69  ? -13.250 -0.300  -0.297  1.00 17.78 ? 69  TYR A CD2 1 
ATOM   553 C CE1 . TYR A 1 69  ? -13.318 -2.259  1.652   1.00 19.52 ? 69  TYR A CE1 1 
ATOM   554 C CE2 . TYR A 1 69  ? -13.307 0.051   1.038   1.00 17.84 ? 69  TYR A CE2 1 
ATOM   555 C CZ  . TYR A 1 69  ? -13.342 -0.925  2.008   1.00 18.06 ? 69  TYR A CZ  1 
ATOM   556 O OH  . TYR A 1 69  ? -13.441 -0.562  3.327   1.00 19.50 ? 69  TYR A OH  1 
ATOM   557 N N   . LYS A 1 70  ? -16.500 -1.195  -2.000  1.00 28.52 ? 70  LYS A N   1 
ATOM   558 C CA  . LYS A 1 70  ? -17.467 -0.118  -1.969  1.00 30.62 ? 70  LYS A CA  1 
ATOM   559 C C   . LYS A 1 70  ? -17.651 0.576   -0.631  1.00 28.94 ? 70  LYS A C   1 
ATOM   560 O O   . LYS A 1 70  ? -18.398 1.545   -0.533  1.00 31.55 ? 70  LYS A O   1 
ATOM   561 C CB  . LYS A 1 70  ? -18.813 -0.649  -2.463  1.00 34.43 ? 70  LYS A CB  1 
ATOM   562 C CG  . LYS A 1 70  ? -18.697 -1.481  -3.737  1.00 37.28 ? 70  LYS A CG  1 
ATOM   563 C CD  . LYS A 1 70  ? -20.050 -1.780  -4.355  1.00 40.55 ? 70  LYS A CD  1 
ATOM   564 C CE  . LYS A 1 70  ? -19.895 -2.570  -5.641  1.00 42.82 ? 70  LYS A CE  1 
ATOM   565 N NZ  . LYS A 1 70  ? -21.205 -2.706  -6.334  1.00 46.53 ? 70  LYS A NZ  1 
ATOM   566 N N   . LYS A 1 71  ? -16.969 0.107   0.396   1.00 27.22 ? 71  LYS A N   1 
ATOM   567 C CA  . LYS A 1 71  ? -17.137 0.725   1.687   1.00 27.43 ? 71  LYS A CA  1 
ATOM   568 C C   . LYS A 1 71  ? -16.549 2.123   1.750   1.00 27.35 ? 71  LYS A C   1 
ATOM   569 O O   . LYS A 1 71  ? -16.802 2.863   2.689   1.00 30.43 ? 71  LYS A O   1 
ATOM   570 C CB  . LYS A 1 71  ? -16.583 -0.175  2.789   1.00 28.44 ? 71  LYS A CB  1 
ATOM   571 C CG  . LYS A 1 71  ? -17.257 -1.552  2.841   1.00 30.61 ? 71  LYS A CG  1 
ATOM   572 C CD  . LYS A 1 71  ? -16.866 -2.304  4.113   1.00 33.20 ? 71  LYS A CD  1 
ATOM   573 C CE  . LYS A 1 71  ? -17.235 -3.788  4.071   1.00 33.64 ? 71  LYS A CE  1 
ATOM   574 N NZ  . LYS A 1 71  ? -18.705 -4.073  3.968   1.00 35.15 ? 71  LYS A NZ  1 
ATOM   575 N N   . LYS A 1 72  ? -15.742 2.490   0.769   1.00 27.26 ? 72  LYS A N   1 
ATOM   576 C CA  . LYS A 1 72  ? -15.174 3.832   0.761   1.00 24.04 ? 72  LYS A CA  1 
ATOM   577 C C   . LYS A 1 72  ? -14.589 4.224   -0.570  1.00 21.95 ? 72  LYS A C   1 
ATOM   578 O O   . LYS A 1 72  ? -14.414 3.382   -1.434  1.00 21.57 ? 72  LYS A O   1 
ATOM   579 C CB  . LYS A 1 72  ? -14.187 4.048   1.907   1.00 24.38 ? 72  LYS A CB  1 
ATOM   580 C CG  . LYS A 1 72  ? -12.947 3.240   1.885   1.00 24.88 ? 72  LYS A CG  1 
ATOM   581 C CD  . LYS A 1 72  ? -12.255 3.332   3.231   1.00 25.32 ? 72  LYS A CD  1 
ATOM   582 C CE  . LYS A 1 72  ? -13.128 2.713   4.306   1.00 26.51 ? 72  LYS A CE  1 
ATOM   583 N NZ  . LYS A 1 72  ? -12.455 2.619   5.625   1.00 27.15 ? 72  LYS A NZ  1 
ATOM   584 N N   . LYS A 1 73  ? -14.356 5.520   -0.735  1.00 21.34 ? 73  LYS A N   1 
ATOM   585 C CA  . LYS A 1 73  ? -13.843 6.094   -1.973  1.00 21.97 ? 73  LYS A CA  1 
ATOM   586 C C   . LYS A 1 73  ? -12.339 6.271   -2.070  1.00 19.12 ? 73  LYS A C   1 
ATOM   587 O O   . LYS A 1 73  ? -11.634 6.281   -1.064  1.00 19.82 ? 73  LYS A O   1 
ATOM   588 C CB  . LYS A 1 73  ? -14.512 7.449   -2.203  1.00 22.73 ? 73  LYS A CB  1 
ATOM   589 C CG  . LYS A 1 73  ? -15.949 7.337   -2.648  1.00 27.02 ? 73  LYS A CG  1 
ATOM   590 C CD  . LYS A 1 73  ? -16.687 8.646   -2.479  1.00 31.18 ? 73  LYS A CD  1 
ATOM   591 C CE  . LYS A 1 73  ? -18.097 8.579   -3.075  1.00 35.20 ? 73  LYS A CE  1 
ATOM   592 N NZ  . LYS A 1 73  ? -18.122 8.596   -4.576  1.00 38.14 ? 73  LYS A NZ  1 
ATOM   593 N N   . HIS A 1 74  ? -11.882 6.469   -3.304  1.00 18.70 ? 74  HIS A N   1 
ATOM   594 C CA  . HIS A 1 74  ? -10.476 6.702   -3.629  1.00 18.30 ? 74  HIS A CA  1 
ATOM   595 C C   . HIS A 1 74  ? -9.583  5.567   -3.119  1.00 16.52 ? 74  HIS A C   1 
ATOM   596 O O   . HIS A 1 74  ? -8.468  5.807   -2.643  1.00 12.44 ? 74  HIS A O   1 
ATOM   597 C CB  . HIS A 1 74  ? -10.003 8.042   -3.035  1.00 18.63 ? 74  HIS A CB  1 
ATOM   598 C CG  . HIS A 1 74  ? -11.077 9.087   -2.926  1.00 21.14 ? 74  HIS A CG  1 
ATOM   599 N ND1 . HIS A 1 74  ? -11.877 9.457   -3.994  1.00 23.56 ? 74  HIS A ND1 1 
ATOM   600 C CD2 . HIS A 1 74  ? -11.459 9.854   -1.887  1.00 20.86 ? 74  HIS A CD2 1 
ATOM   601 C CE1 . HIS A 1 74  ? -12.696 10.419  -3.607  1.00 22.05 ? 74  HIS A CE1 1 
ATOM   602 N NE2 . HIS A 1 74  ? -12.468 10.682  -2.339  1.00 19.94 ? 74  HIS A NE2 1 
ATOM   603 N N   . VAL A 1 75  ? -10.086 4.337   -3.221  1.00 15.43 ? 75  VAL A N   1 
ATOM   604 C CA  . VAL A 1 75  ? -9.357  3.149   -2.768  1.00 16.47 ? 75  VAL A CA  1 
ATOM   605 C C   . VAL A 1 75  ? -8.733  2.364   -3.923  1.00 16.51 ? 75  VAL A C   1 
ATOM   606 O O   . VAL A 1 75  ? -9.413  2.048   -4.903  1.00 15.73 ? 75  VAL A O   1 
ATOM   607 C CB  . VAL A 1 75  ? -10.287 2.175   -1.986  1.00 15.31 ? 75  VAL A CB  1 
ATOM   608 C CG1 . VAL A 1 75  ? -9.505  0.929   -1.542  1.00 16.60 ? 75  VAL A CG1 1 
ATOM   609 C CG2 . VAL A 1 75  ? -10.912 2.870   -0.798  1.00 10.91 ? 75  VAL A CG2 1 
ATOM   610 N N   . PHE A 1 76  ? -7.437  2.083   -3.828  1.00 16.44 ? 76  PHE A N   1 
ATOM   611 C CA  . PHE A 1 76  ? -6.788  1.282   -4.846  1.00 15.67 ? 76  PHE A CA  1 
ATOM   612 C C   . PHE A 1 76  ? -6.292  -0.031  -4.259  1.00 13.71 ? 76  PHE A C   1 
ATOM   613 O O   . PHE A 1 76  ? -6.102  -0.152  -3.053  1.00 13.35 ? 76  PHE A O   1 
ATOM   614 C CB  . PHE A 1 76  ? -5.718  2.060   -5.651  1.00 15.35 ? 76  PHE A CB  1 
ATOM   615 C CG  . PHE A 1 76  ? -4.457  2.399   -4.895  1.00 13.48 ? 76  PHE A CG  1 
ATOM   616 C CD1 . PHE A 1 76  ? -3.398  1.515   -4.862  1.00 14.05 ? 76  PHE A CD1 1 
ATOM   617 C CD2 . PHE A 1 76  ? -4.315  3.643   -4.285  1.00 15.17 ? 76  PHE A CD2 1 
ATOM   618 C CE1 . PHE A 1 76  ? -2.202  1.842   -4.234  1.00 16.28 ? 76  PHE A CE1 1 
ATOM   619 C CE2 . PHE A 1 76  ? -3.114  3.991   -3.648  1.00 16.76 ? 76  PHE A CE2 1 
ATOM   620 C CZ  . PHE A 1 76  ? -2.058  3.088   -3.625  1.00 17.26 ? 76  PHE A CZ  1 
ATOM   621 N N   . LYS A 1 77  ? -6.167  -1.025  -5.116  1.00 11.79 ? 77  LYS A N   1 
ATOM   622 C CA  . LYS A 1 77  ? -5.737  -2.356  -4.724  1.00 14.97 ? 77  LYS A CA  1 
ATOM   623 C C   . LYS A 1 77  ? -4.317  -2.649  -5.209  1.00 14.66 ? 77  LYS A C   1 
ATOM   624 O O   . LYS A 1 77  ? -3.957  -2.314  -6.346  1.00 12.66 ? 77  LYS A O   1 
ATOM   625 C CB  . LYS A 1 77  ? -6.696  -3.360  -5.351  1.00 15.92 ? 77  LYS A CB  1 
ATOM   626 C CG  . LYS A 1 77  ? -6.492  -4.779  -4.942  1.00 20.13 ? 77  LYS A CG  1 
ATOM   627 C CD  . LYS A 1 77  ? -7.213  -5.685  -5.916  1.00 24.66 ? 77  LYS A CD  1 
ATOM   628 C CE  . LYS A 1 77  ? -8.632  -5.209  -6.177  1.00 25.92 ? 77  LYS A CE  1 
ATOM   629 N NZ  . LYS A 1 77  ? -9.266  -5.988  -7.275  1.00 29.80 ? 77  LYS A NZ  1 
ATOM   630 N N   . LEU A 1 78  ? -3.526  -3.295  -4.352  1.00 14.83 ? 78  LEU A N   1 
ATOM   631 C CA  . LEU A 1 78  ? -2.155  -3.655  -4.679  1.00 13.48 ? 78  LEU A CA  1 
ATOM   632 C C   . LEU A 1 78  ? -1.930  -5.126  -4.346  1.00 14.49 ? 78  LEU A C   1 
ATOM   633 O O   . LEU A 1 78  ? -2.021  -5.522  -3.182  1.00 14.29 ? 78  LEU A O   1 
ATOM   634 C CB  . LEU A 1 78  ? -1.163  -2.797  -3.887  1.00 12.68 ? 78  LEU A CB  1 
ATOM   635 C CG  . LEU A 1 78  ? 0.322   -3.190  -3.965  1.00 12.27 ? 78  LEU A CG  1 
ATOM   636 C CD1 . LEU A 1 78  ? 0.873   -2.950  -5.359  1.00 14.18 ? 78  LEU A CD1 1 
ATOM   637 C CD2 . LEU A 1 78  ? 1.125   -2.382  -2.973  1.00 13.97 ? 78  LEU A CD2 1 
ATOM   638 N N   . ARG A 1 79  ? -1.671  -5.937  -5.367  1.00 12.62 ? 79  ARG A N   1 
ATOM   639 C CA  . ARG A 1 79  ? -1.393  -7.348  -5.160  1.00 13.89 ? 79  ARG A CA  1 
ATOM   640 C C   . ARG A 1 79  ? 0.082   -7.532  -5.461  1.00 13.25 ? 79  ARG A C   1 
ATOM   641 O O   . ARG A 1 79  ? 0.523   -7.233  -6.562  1.00 12.28 ? 79  ARG A O   1 
ATOM   642 C CB  . ARG A 1 79  ? -2.221  -8.237  -6.102  1.00 17.76 ? 79  ARG A CB  1 
ATOM   643 C CG  . ARG A 1 79  ? -2.096  -9.755  -5.786  1.00 24.67 ? 79  ARG A CG  1 
ATOM   644 C CD  . ARG A 1 79  ? -3.032  -10.653 -6.611  1.00 25.44 ? 79  ARG A CD  1 
ATOM   645 N NE  . ARG A 1 79  ? -4.378  -10.096 -6.694  1.00 28.35 ? 79  ARG A NE  1 
ATOM   646 C CZ  . ARG A 1 79  ? -5.213  -10.310 -7.703  1.00 29.87 ? 79  ARG A CZ  1 
ATOM   647 N NH1 . ARG A 1 79  ? -4.861  -11.098 -8.703  1.00 31.39 ? 79  ARG A NH1 1 
ATOM   648 N NH2 . ARG A 1 79  ? -6.335  -9.607  -7.786  1.00 30.92 ? 79  ARG A NH2 1 
ATOM   649 N N   . LEU A 1 80  ? 0.847   -7.937  -4.454  1.00 12.62 ? 80  LEU A N   1 
ATOM   650 C CA  . LEU A 1 80  ? 2.271   -8.181  -4.613  1.00 14.31 ? 80  LEU A CA  1 
ATOM   651 C C   . LEU A 1 80  ? 2.446   -9.575  -5.236  1.00 16.33 ? 80  LEU A C   1 
ATOM   652 O O   . LEU A 1 80  ? 1.548   -10.423 -5.143  1.00 13.98 ? 80  LEU A O   1 
ATOM   653 C CB  . LEU A 1 80  ? 2.958   -8.124  -3.248  1.00 15.19 ? 80  LEU A CB  1 
ATOM   654 C CG  . LEU A 1 80  ? 2.639   -6.886  -2.408  1.00 17.17 ? 80  LEU A CG  1 
ATOM   655 C CD1 . LEU A 1 80  ? 2.950   -7.186  -0.958  1.00 19.02 ? 80  LEU A CD1 1 
ATOM   656 C CD2 . LEU A 1 80  ? 3.417   -5.675  -2.915  1.00 15.76 ? 80  LEU A CD2 1 
ATOM   657 N N   . SER A 1 81  ? 3.614   -9.830  -5.819  1.00 16.04 ? 81  SER A N   1 
ATOM   658 C CA  . SER A 1 81  ? 3.891   -11.111 -6.459  1.00 18.11 ? 81  SER A CA  1 
ATOM   659 C C   . SER A 1 81  ? 3.778   -12.334 -5.525  1.00 19.70 ? 81  SER A C   1 
ATOM   660 O O   . SER A 1 81  ? 3.411   -13.431 -5.956  1.00 20.75 ? 81  SER A O   1 
ATOM   661 C CB  . SER A 1 81  ? 5.281   -11.065 -7.074  1.00 19.59 ? 81  SER A CB  1 
ATOM   662 O OG  . SER A 1 81  ? 6.208   -10.713 -6.059  1.00 25.20 ? 81  SER A OG  1 
ATOM   663 N N   . ASP A 1 82  ? 4.062   -12.139 -4.243  1.00 20.82 ? 82  ASP A N   1 
ATOM   664 C CA  . ASP A 1 82  ? 4.003   -13.237 -3.281  1.00 23.69 ? 82  ASP A CA  1 
ATOM   665 C C   . ASP A 1 82  ? 2.595   -13.588 -2.794  1.00 23.86 ? 82  ASP A C   1 
ATOM   666 O O   . ASP A 1 82  ? 2.431   -14.453 -1.926  1.00 24.91 ? 82  ASP A O   1 
ATOM   667 C CB  . ASP A 1 82  ? 4.904   -12.935 -2.084  1.00 24.85 ? 82  ASP A CB  1 
ATOM   668 C CG  . ASP A 1 82  ? 4.348   -11.845 -1.194  1.00 27.57 ? 82  ASP A CG  1 
ATOM   669 O OD1 . ASP A 1 82  ? 3.535   -11.026 -1.668  1.00 28.60 ? 82  ASP A OD1 1 
ATOM   670 O OD2 . ASP A 1 82  ? 4.717   -11.811 -0.001  1.00 29.22 ? 82  ASP A OD2 1 
ATOM   671 N N   . GLY A 1 83  ? 1.587   -12.891 -3.315  1.00 21.24 ? 83  GLY A N   1 
ATOM   672 C CA  . GLY A 1 83  ? 0.228   -13.172 -2.905  1.00 18.00 ? 83  GLY A CA  1 
ATOM   673 C C   . GLY A 1 83  ? -0.426  -12.196 -1.940  1.00 15.72 ? 83  GLY A C   1 
ATOM   674 O O   . GLY A 1 83  ? -1.643  -12.208 -1.782  1.00 17.12 ? 83  GLY A O   1 
ATOM   675 N N   . ASN A 1 84  ? 0.349   -11.378 -1.250  1.00 14.62 ? 84  ASN A N   1 
ATOM   676 C CA  . ASN A 1 84  ? -0.260  -10.429 -0.334  1.00 16.29 ? 84  ASN A CA  1 
ATOM   677 C C   . ASN A 1 84  ? -0.995  -9.355  -1.079  1.00 16.20 ? 84  ASN A C   1 
ATOM   678 O O   . ASN A 1 84  ? -0.523  -8.857  -2.111  1.00 17.94 ? 84  ASN A O   1 
ATOM   679 C CB  . ASN A 1 84  ? 0.762   -9.795  0.586   1.00 17.51 ? 84  ASN A CB  1 
ATOM   680 C CG  . ASN A 1 84  ? 1.201   -10.734 1.675   1.00 22.10 ? 84  ASN A CG  1 
ATOM   681 O OD1 . ASN A 1 84  ? 2.301   -11.282 1.626   1.00 26.21 ? 84  ASN A OD1 1 
ATOM   682 N ND2 . ASN A 1 84  ? 0.330   -10.963 2.650   1.00 20.25 ? 84  ASN A ND2 1 
ATOM   683 N N   . GLU A 1 85  ? -2.156  -9.004  -0.550  1.00 14.83 ? 85  GLU A N   1 
ATOM   684 C CA  . GLU A 1 85  ? -2.983  -7.980  -1.164  1.00 15.89 ? 85  GLU A CA  1 
ATOM   685 C C   . GLU A 1 85  ? -3.435  -6.914  -0.161  1.00 15.26 ? 85  GLU A C   1 
ATOM   686 O O   . GLU A 1 85  ? -3.951  -7.216  0.931   1.00 13.52 ? 85  GLU A O   1 
ATOM   687 C CB  . GLU A 1 85  ? -4.188  -8.616  -1.849  1.00 16.80 ? 85  GLU A CB  1 
ATOM   688 C CG  . GLU A 1 85  ? -5.028  -7.616  -2.580  1.00 21.16 ? 85  GLU A CG  1 
ATOM   689 C CD  . GLU A 1 85  ? -6.177  -8.259  -3.275  1.00 23.74 ? 85  GLU A CD  1 
ATOM   690 O OE1 . GLU A 1 85  ? -5.916  -9.086  -4.171  1.00 22.54 ? 85  GLU A OE1 1 
ATOM   691 O OE2 . GLU A 1 85  ? -7.329  -7.944  -2.904  1.00 26.34 ? 85  GLU A OE2 1 
ATOM   692 N N   . TYR A 1 86  ? -3.200  -5.666  -0.528  1.00 13.85 ? 86  TYR A N   1 
ATOM   693 C CA  . TYR A 1 86  ? -3.548  -4.537  0.313   1.00 12.47 ? 86  TYR A CA  1 
ATOM   694 C C   . TYR A 1 86  ? -4.474  -3.601  -0.445  1.00 12.81 ? 86  TYR A C   1 
ATOM   695 O O   . TYR A 1 86  ? -4.529  -3.615  -1.683  1.00 11.68 ? 86  TYR A O   1 
ATOM   696 C CB  . TYR A 1 86  ? -2.279  -3.751  0.719   1.00 14.41 ? 86  TYR A CB  1 
ATOM   697 C CG  . TYR A 1 86  ? -1.239  -4.507  1.542   1.00 16.29 ? 86  TYR A CG  1 
ATOM   698 C CD1 . TYR A 1 86  ? -1.301  -4.520  2.940   1.00 16.42 ? 86  TYR A CD1 1 
ATOM   699 C CD2 . TYR A 1 86  ? -0.177  -5.172  0.924   1.00 18.49 ? 86  TYR A CD2 1 
ATOM   700 C CE1 . TYR A 1 86  ? -0.337  -5.176  3.706   1.00 16.75 ? 86  TYR A CE1 1 
ATOM   701 C CE2 . TYR A 1 86  ? 0.800   -5.837  1.686   1.00 18.94 ? 86  TYR A CE2 1 
ATOM   702 C CZ  . TYR A 1 86  ? 0.709   -5.832  3.073   1.00 19.18 ? 86  TYR A CZ  1 
ATOM   703 O OH  . TYR A 1 86  ? 1.635   -6.509  3.830   1.00 19.88 ? 86  TYR A OH  1 
ATOM   704 N N   . LEU A 1 87  ? -5.252  -2.844  0.320   1.00 13.11 ? 87  LEU A N   1 
ATOM   705 C CA  . LEU A 1 87  ? -6.160  -1.830  -0.196  1.00 13.14 ? 87  LEU A CA  1 
ATOM   706 C C   . LEU A 1 87  ? -5.616  -0.541  0.404   1.00 11.91 ? 87  LEU A C   1 
ATOM   707 O O   . LEU A 1 87  ? -5.311  -0.499  1.597   1.00 12.47 ? 87  LEU A O   1 
ATOM   708 C CB  . LEU A 1 87  ? -7.595  -2.069  0.301   1.00 15.13 ? 87  LEU A CB  1 
ATOM   709 C CG  . LEU A 1 87  ? -8.533  -2.897  -0.581  1.00 16.43 ? 87  LEU A CG  1 
ATOM   710 C CD1 . LEU A 1 87  ? -7.907  -4.235  -0.934  1.00 19.62 ? 87  LEU A CD1 1 
ATOM   711 C CD2 . LEU A 1 87  ? -9.847  -3.091  0.146   1.00 17.90 ? 87  LEU A CD2 1 
ATOM   712 N N   . PHE A 1 88  ? -5.445  0.487   -0.421  1.00 12.93 ? 88  PHE A N   1 
ATOM   713 C CA  . PHE A 1 88  ? -4.939  1.769   0.053   1.00 13.91 ? 88  PHE A CA  1 
ATOM   714 C C   . PHE A 1 88  ? -5.938  2.854   -0.273  1.00 14.67 ? 88  PHE A C   1 
ATOM   715 O O   . PHE A 1 88  ? -6.466  2.884   -1.372  1.00 16.26 ? 88  PHE A O   1 
ATOM   716 C CB  . PHE A 1 88  ? -3.612  2.121   -0.621  1.00 14.83 ? 88  PHE A CB  1 
ATOM   717 C CG  . PHE A 1 88  ? -2.468  1.243   -0.224  1.00 15.66 ? 88  PHE A CG  1 
ATOM   718 C CD1 . PHE A 1 88  ? -1.671  1.568   0.874   1.00 14.83 ? 88  PHE A CD1 1 
ATOM   719 C CD2 . PHE A 1 88  ? -2.162  0.104   -0.966  1.00 15.07 ? 88  PHE A CD2 1 
ATOM   720 C CE1 . PHE A 1 88  ? -0.567  0.779   1.209   1.00 15.85 ? 88  PHE A CE1 1 
ATOM   721 C CE2 . PHE A 1 88  ? -1.065  -0.686  -0.633  1.00 15.69 ? 88  PHE A CE2 1 
ATOM   722 C CZ  . PHE A 1 88  ? -0.273  -0.354  0.452   1.00 14.48 ? 88  PHE A CZ  1 
ATOM   723 N N   . GLN A 1 89  ? -6.175  3.763   0.672   1.00 14.73 ? 89  GLN A N   1 
ATOM   724 C CA  . GLN A 1 89  ? -7.114  4.851   0.453   1.00 15.18 ? 89  GLN A CA  1 
ATOM   725 C C   . GLN A 1 89  ? -6.400  6.190   0.436   1.00 15.70 ? 89  GLN A C   1 
ATOM   726 O O   . GLN A 1 89  ? -5.684  6.537   1.372   1.00 14.21 ? 89  GLN A O   1 
ATOM   727 C CB  . GLN A 1 89  ? -8.200  4.887   1.527   1.00 15.76 ? 89  GLN A CB  1 
ATOM   728 C CG  . GLN A 1 89  ? -9.350  5.797   1.117   1.00 17.55 ? 89  GLN A CG  1 
ATOM   729 C CD  . GLN A 1 89  ? -10.211 6.303   2.259   1.00 19.30 ? 89  GLN A CD  1 
ATOM   730 O OE1 . GLN A 1 89  ? -9.885  6.158   3.443   1.00 19.45 ? 89  GLN A OE1 1 
ATOM   731 N NE2 . GLN A 1 89  ? -11.326 6.923   1.898   1.00 20.30 ? 89  GLN A NE2 1 
ATOM   732 N N   . ALA A 1 90  ? -6.617  6.934   -0.639  1.00 19.53 ? 90  ALA A N   1 
ATOM   733 C CA  . ALA A 1 90  ? -6.029  8.255   -0.815  1.00 20.37 ? 90  ALA A CA  1 
ATOM   734 C C   . ALA A 1 90  ? -7.071  9.314   -0.459  1.00 21.84 ? 90  ALA A C   1 
ATOM   735 O O   . ALA A 1 90  ? -8.261  9.011   -0.356  1.00 17.60 ? 90  ALA A O   1 
ATOM   736 C CB  . ALA A 1 90  ? -5.584  8.422   -2.266  1.00 20.17 ? 90  ALA A CB  1 
ATOM   737 N N   . LYS A 1 91  ? -6.620  10.563  -0.337  1.00 24.94 ? 91  LYS A N   1 
ATOM   738 C CA  . LYS A 1 91  ? -7.485  11.705  -0.001  1.00 26.08 ? 91  LYS A CA  1 
ATOM   739 C C   . LYS A 1 91  ? -8.492  12.044  -1.093  1.00 25.41 ? 91  LYS A C   1 
ATOM   740 O O   . LYS A 1 91  ? -9.565  12.575  -0.809  1.00 26.52 ? 91  LYS A O   1 
ATOM   741 C CB  . LYS A 1 91  ? -6.648  12.944  0.355   1.00 28.66 ? 91  LYS A CB  1 
ATOM   742 C CG  . LYS A 1 91  ? -5.665  13.390  -0.728  1.00 33.02 ? 91  LYS A CG  1 
ATOM   743 C CD  . LYS A 1 91  ? -5.023  14.753  -0.444  1.00 37.27 ? 91  LYS A CD  1 
ATOM   744 C CE  . LYS A 1 91  ? -4.506  14.889  0.991   1.00 37.79 ? 91  LYS A CE  1 
ATOM   745 N NZ  . LYS A 1 91  ? -3.381  13.968  1.305   1.00 39.95 ? 91  LYS A NZ  1 
ATOM   746 N N   . ASP A 1 92  ? -8.129  11.792  -2.346  1.00 23.85 ? 92  ASP A N   1 
ATOM   747 C CA  . ASP A 1 92  ? -9.021  12.034  -3.470  1.00 22.19 ? 92  ASP A CA  1 
ATOM   748 C C   . ASP A 1 92  ? -8.598  11.161  -4.638  1.00 21.99 ? 92  ASP A C   1 
ATOM   749 O O   . ASP A 1 92  ? -7.613  10.442  -4.548  1.00 20.60 ? 92  ASP A O   1 
ATOM   750 C CB  . ASP A 1 92  ? -9.089  13.525  -3.863  1.00 25.78 ? 92  ASP A CB  1 
ATOM   751 C CG  . ASP A 1 92  ? -7.754  14.105  -4.268  1.00 28.13 ? 92  ASP A CG  1 
ATOM   752 O OD1 . ASP A 1 92  ? -6.880  13.362  -4.743  1.00 31.25 ? 92  ASP A OD1 1 
ATOM   753 O OD2 . ASP A 1 92  ? -7.553  15.327  -4.121  1.00 30.34 ? 92  ASP A OD2 1 
ATOM   754 N N   . ASP A 1 93  ? -9.325  11.239  -5.740  1.00 21.61 ? 93  ASP A N   1 
ATOM   755 C CA  . ASP A 1 93  ? -9.034  10.420  -6.906  1.00 22.66 ? 93  ASP A CA  1 
ATOM   756 C C   . ASP A 1 93  ? -7.767  10.744  -7.661  1.00 22.50 ? 93  ASP A C   1 
ATOM   757 O O   . ASP A 1 93  ? -7.124  9.831   -8.175  1.00 21.64 ? 93  ASP A O   1 
ATOM   758 C CB  . ASP A 1 93  ? -10.224 10.424  -7.872  1.00 24.62 ? 93  ASP A CB  1 
ATOM   759 C CG  . ASP A 1 93  ? -11.396 9.589   -7.374  1.00 24.52 ? 93  ASP A CG  1 
ATOM   760 O OD1 . ASP A 1 93  ? -11.220 8.752   -6.460  1.00 25.98 ? 93  ASP A OD1 1 
ATOM   761 O OD2 . ASP A 1 93  ? -12.491 9.745   -7.943  1.00 25.75 ? 93  ASP A OD2 1 
ATOM   762 N N   . GLU A 1 94  ? -7.410  12.028  -7.735  1.00 24.20 ? 94  GLU A N   1 
ATOM   763 C CA  . GLU A 1 94  ? -6.201  12.470  -8.443  1.00 27.18 ? 94  GLU A CA  1 
ATOM   764 C C   . GLU A 1 94  ? -4.974  11.846  -7.814  1.00 26.55 ? 94  GLU A C   1 
ATOM   765 O O   . GLU A 1 94  ? -4.127  11.283  -8.518  1.00 28.37 ? 94  GLU A O   1 
ATOM   766 C CB  . GLU A 1 94  ? -6.069  13.992  -8.407  1.00 32.42 ? 94  GLU A CB  1 
ATOM   767 C CG  . GLU A 1 94  ? -5.338  14.586  -9.624  1.00 39.70 ? 94  GLU A CG  1 
ATOM   768 C CD  . GLU A 1 94  ? -3.870  14.979  -9.367  1.00 42.16 ? 94  GLU A CD  1 
ATOM   769 O OE1 . GLU A 1 94  ? -3.645  16.043  -8.744  1.00 43.38 ? 94  GLU A OE1 1 
ATOM   770 O OE2 . GLU A 1 94  ? -2.947  14.261  -9.837  1.00 43.28 ? 94  GLU A OE2 1 
ATOM   771 N N   . GLU A 1 95  ? -4.890  11.939  -6.486  1.00 25.45 ? 95  GLU A N   1 
ATOM   772 C CA  . GLU A 1 95  ? -3.792  11.358  -5.708  1.00 23.76 ? 95  GLU A CA  1 
ATOM   773 C C   . GLU A 1 95  ? -3.808  9.831   -5.866  1.00 20.75 ? 95  GLU A C   1 
ATOM   774 O O   . GLU A 1 95  ? -2.767  9.196   -6.043  1.00 19.35 ? 95  GLU A O   1 
ATOM   775 C CB  . GLU A 1 95  ? -3.925  11.736  -4.231  1.00 25.66 ? 95  GLU A CB  1 
ATOM   776 C CG  . GLU A 1 95  ? -2.872  11.086  -3.369  1.00 30.00 ? 95  GLU A CG  1 
ATOM   777 C CD  . GLU A 1 95  ? -2.843  11.607  -1.949  1.00 32.69 ? 95  GLU A CD  1 
ATOM   778 O OE1 . GLU A 1 95  ? -3.739  11.254  -1.145  1.00 30.42 ? 95  GLU A OE1 1 
ATOM   779 O OE2 . GLU A 1 95  ? -1.891  12.347  -1.624  1.00 34.16 ? 95  GLU A OE2 1 
ATOM   780 N N   . MET A 1 96  ? -5.003  9.254   -5.839  1.00 19.54 ? 96  MET A N   1 
ATOM   781 C CA  . MET A 1 96  ? -5.134  7.825   -6.020  1.00 19.10 ? 96  MET A CA  1 
ATOM   782 C C   . MET A 1 96  ? -4.437  7.432   -7.325  1.00 19.84 ? 96  MET A C   1 
ATOM   783 O O   . MET A 1 96  ? -3.567  6.546   -7.334  1.00 18.51 ? 96  MET A O   1 
ATOM   784 C CB  . MET A 1 96  ? -6.604  7.401   -6.080  1.00 19.08 ? 96  MET A CB  1 
ATOM   785 C CG  . MET A 1 96  ? -6.741  5.914   -6.352  1.00 17.27 ? 96  MET A CG  1 
ATOM   786 S SD  . MET A 1 96  ? -8.390  5.381   -6.516  1.00 19.40 ? 96  MET A SD  1 
ATOM   787 C CE  . MET A 1 96  ? -8.770  5.866   -8.163  1.00 19.19 ? 96  MET A CE  1 
ATOM   788 N N   . ASN A 1 97  ? -4.765  8.132   -8.408  1.00 19.85 ? 97  ASN A N   1 
ATOM   789 C CA  . ASN A 1 97  ? -4.170  7.834   -9.712  1.00 20.41 ? 97  ASN A CA  1 
ATOM   790 C C   . ASN A 1 97  ? -2.681  8.134   -9.757  1.00 19.68 ? 97  ASN A C   1 
ATOM   791 O O   . ASN A 1 97  ? -1.912  7.425   -10.420 1.00 20.08 ? 97  ASN A O   1 
ATOM   792 C CB  . ASN A 1 97  ? -4.932  8.518   -10.843 1.00 20.90 ? 97  ASN A CB  1 
ATOM   793 C CG  . ASN A 1 97  ? -6.302  7.892   -11.071 1.00 25.96 ? 97  ASN A CG  1 
ATOM   794 O OD1 . ASN A 1 97  ? -7.324  8.584   -11.062 1.00 31.98 ? 97  ASN A OD1 1 
ATOM   795 N ND2 . ASN A 1 97  ? -6.337  6.570   -11.256 1.00 26.96 ? 97  ASN A ND2 1 
ATOM   796 N N   . THR A 1 98  ? -2.275  9.149   -9.007  1.00 19.73 ? 98  THR A N   1 
ATOM   797 C CA  . THR A 1 98  ? -0.878  9.518   -8.906  1.00 18.74 ? 98  THR A CA  1 
ATOM   798 C C   . THR A 1 98  ? -0.138  8.302   -8.329  1.00 20.07 ? 98  THR A C   1 
ATOM   799 O O   . THR A 1 98  ? 0.918   7.901   -8.851  1.00 18.79 ? 98  THR A O   1 
ATOM   800 C CB  . THR A 1 98  ? -0.702  10.719  -7.965  1.00 18.79 ? 98  THR A CB  1 
ATOM   801 O OG1 . THR A 1 98  ? -1.465  11.821  -8.454  1.00 24.14 ? 98  THR A OG1 1 
ATOM   802 C CG2 . THR A 1 98  ? 0.749   11.141  -7.879  1.00 20.97 ? 98  THR A CG2 1 
ATOM   803 N N   . TRP A 1 99  ? -0.697  7.709   -7.265  1.00 18.24 ? 99  TRP A N   1 
ATOM   804 C CA  . TRP A 1 99  ? -0.101  6.533   -6.629  1.00 17.49 ? 99  TRP A CA  1 
ATOM   805 C C   . TRP A 1 99  ? -0.123  5.302   -7.547  1.00 16.95 ? 99  TRP A C   1 
ATOM   806 O O   . TRP A 1 99  ? 0.853   4.555   -7.623  1.00 16.17 ? 99  TRP A O   1 
ATOM   807 C CB  . TRP A 1 99  ? -0.818  6.206   -5.328  1.00 16.62 ? 99  TRP A CB  1 
ATOM   808 C CG  . TRP A 1 99  ? -0.382  7.022   -4.178  1.00 16.73 ? 99  TRP A CG  1 
ATOM   809 C CD1 . TRP A 1 99  ? -1.052  8.074   -3.603  1.00 16.91 ? 99  TRP A CD1 1 
ATOM   810 C CD2 . TRP A 1 99  ? 0.800   6.826   -3.406  1.00 16.09 ? 99  TRP A CD2 1 
ATOM   811 N NE1 . TRP A 1 99  ? -0.356  8.531   -2.509  1.00 17.44 ? 99  TRP A NE1 1 
ATOM   812 C CE2 . TRP A 1 99  ? 0.784   7.783   -2.361  1.00 17.04 ? 99  TRP A CE2 1 
ATOM   813 C CE3 . TRP A 1 99  ? 1.869   5.926   -3.477  1.00 15.63 ? 99  TRP A CE3 1 
ATOM   814 C CZ2 . TRP A 1 99  ? 1.802   7.863   -1.409  1.00 15.11 ? 99  TRP A CZ2 1 
ATOM   815 C CZ3 . TRP A 1 99  ? 2.878   6.010   -2.531  1.00 14.85 ? 99  TRP A CZ3 1 
ATOM   816 C CH2 . TRP A 1 99  ? 2.835   6.971   -1.509  1.00 15.82 ? 99  TRP A CH2 1 
ATOM   817 N N   . ILE A 1 100 ? -1.230  5.098   -8.250  1.00 17.89 ? 100 ILE A N   1 
ATOM   818 C CA  . ILE A 1 100 ? -1.345  3.962   -9.155  1.00 20.15 ? 100 ILE A CA  1 
ATOM   819 C C   . ILE A 1 100 ? -0.294  4.030   -10.273 1.00 20.83 ? 100 ILE A C   1 
ATOM   820 O O   . ILE A 1 100 ? 0.281   3.012   -10.636 1.00 22.07 ? 100 ILE A O   1 
ATOM   821 C CB  . ILE A 1 100 ? -2.775  3.859   -9.737  1.00 18.90 ? 100 ILE A CB  1 
ATOM   822 C CG1 . ILE A 1 100 ? -3.761  3.484   -8.630  1.00 17.28 ? 100 ILE A CG1 1 
ATOM   823 C CG2 . ILE A 1 100 ? -2.831  2.821   -10.850 1.00 20.35 ? 100 ILE A CG2 1 
ATOM   824 C CD1 . ILE A 1 100 ? -5.215  3.457   -9.088  1.00 15.50 ? 100 ILE A CD1 1 
ATOM   825 N N   . GLN A 1 101 ? -0.035  5.226   -10.798 1.00 22.89 ? 101 GLN A N   1 
ATOM   826 C CA  . GLN A 1 101 ? 0.972   5.419   -11.857 1.00 23.20 ? 101 GLN A CA  1 
ATOM   827 C C   . GLN A 1 101 ? 2.378   5.225   -11.298 1.00 20.44 ? 101 GLN A C   1 
ATOM   828 O O   . GLN A 1 101 ? 3.219   4.570   -11.921 1.00 21.18 ? 101 GLN A O   1 
ATOM   829 C CB  . GLN A 1 101 ? 0.863   6.828   -12.458 1.00 29.27 ? 101 GLN A CB  1 
ATOM   830 C CG  . GLN A 1 101 ? -0.396  7.096   -13.295 1.00 34.97 ? 101 GLN A CG  1 
ATOM   831 C CD  . GLN A 1 101 ? -0.430  6.321   -14.615 1.00 38.55 ? 101 GLN A CD  1 
ATOM   832 O OE1 . GLN A 1 101 ? 0.322   5.356   -14.820 1.00 38.92 ? 101 GLN A OE1 1 
ATOM   833 N NE2 . GLN A 1 101 ? -1.318  6.741   -15.517 1.00 38.89 ? 101 GLN A NE2 1 
ATOM   834 N N   . ALA A 1 102 ? 2.637   5.818   -10.136 1.00 16.13 ? 102 ALA A N   1 
ATOM   835 C CA  . ALA A 1 102 ? 3.925   5.678   -9.476  1.00 16.24 ? 102 ALA A CA  1 
ATOM   836 C C   . ALA A 1 102 ? 4.287   4.211   -9.293  1.00 16.18 ? 102 ALA A C   1 
ATOM   837 O O   . ALA A 1 102 ? 5.352   3.778   -9.696  1.00 18.24 ? 102 ALA A O   1 
ATOM   838 C CB  . ALA A 1 102 ? 3.896   6.360   -8.135  1.00 17.73 ? 102 ALA A CB  1 
ATOM   839 N N   . ILE A 1 103 ? 3.396   3.444   -8.676  1.00 18.21 ? 103 ILE A N   1 
ATOM   840 C CA  . ILE A 1 103 ? 3.616   2.005   -8.450  1.00 19.38 ? 103 ILE A CA  1 
ATOM   841 C C   . ILE A 1 103 ? 3.716   1.208   -9.747  1.00 22.15 ? 103 ILE A C   1 
ATOM   842 O O   . ILE A 1 103 ? 4.593   0.361   -9.914  1.00 21.29 ? 103 ILE A O   1 
ATOM   843 C CB  . ILE A 1 103 ? 2.470   1.383   -7.592  1.00 19.54 ? 103 ILE A CB  1 
ATOM   844 C CG1 . ILE A 1 103 ? 2.433   2.037   -6.208  1.00 18.45 ? 103 ILE A CG1 1 
ATOM   845 C CG2 . ILE A 1 103 ? 2.574   -0.144  -7.561  1.00 16.19 ? 103 ILE A CG2 1 
ATOM   846 C CD1 . ILE A 1 103 ? 1.315   1.584   -5.336  1.00 18.15 ? 103 ILE A CD1 1 
ATOM   847 N N   . SER A 1 104 ? 2.825   1.481   -10.686 1.00 25.76 ? 104 SER A N   1 
ATOM   848 C CA  . SER A 1 104 ? 2.831   0.755   -11.939 1.00 29.50 ? 104 SER A CA  1 
ATOM   849 C C   . SER A 1 104 ? 4.020   1.063   -12.823 1.00 31.59 ? 104 SER A C   1 
ATOM   850 O O   . SER A 1 104 ? 4.244   0.376   -13.825 1.00 32.75 ? 104 SER A O   1 
ATOM   851 C CB  . SER A 1 104 ? 1.516   1.005   -12.695 1.00 30.37 ? 104 SER A CB  1 
ATOM   852 O OG  . SER A 1 104 ? 0.395   0.489   -11.967 1.00 31.89 ? 104 SER A OG  1 
ATOM   853 N N   . SER A 1 105 ? 4.842   2.030   -12.448 1.00 32.61 ? 105 SER A N   1 
ATOM   854 C CA  . SER A 1 105 ? 5.971   2.391   -13.281 1.00 32.03 ? 105 SER A CA  1 
ATOM   855 C C   . SER A 1 105 ? 7.295   2.134   -12.583 1.00 32.49 ? 105 SER A C   1 
ATOM   856 O O   . SER A 1 105 ? 8.310   2.172   -13.233 1.00 36.02 ? 105 SER A O   1 
ATOM   857 C CB  . SER A 1 105 ? 5.813   3.863   -13.659 1.00 33.18 ? 105 SER A CB  1 
ATOM   858 O OG  . SER A 1 105 ? 4.515   4.060   -14.154 1.00 34.43 ? 105 SER A OG  1 
ATOM   859 N N   . ALA A 1 106 ? 7.207   1.674   -11.336 1.00 32.46 ? 106 ALA A N   1 
ATOM   860 C CA  . ALA A 1 106 ? 8.385   1.381   -10.539 1.00 31.86 ? 106 ALA A CA  1 
ATOM   861 C C   . ALA A 1 106 ? 9.163   0.298   -11.234 1.00 34.81 ? 106 ALA A C   1 
ATOM   862 O O   . ALA A 1 106 ? 8.557   -0.752  -11.580 1.00 34.40 ? 106 ALA A O   1 
ATOM   863 C CB  . ALA A 1 106 ? 7.982   0.945   -9.152  1.00 32.17 ? 106 ALA A CB  1 
ATOM   864 O OXT . ALA A 1 106 ? 10.378  0.541   -11.496 1.00 37.18 ? 106 ALA A OXT 1 
HETATM 865 C C1  . I3P B 2 .   ? -12.100 -5.235  11.044  1.00 27.30 ? 107 I3P A C1  1 
HETATM 866 C C2  . I3P B 2 .   ? -12.240 -3.784  10.834  1.00 27.50 ? 107 I3P A C2  1 
HETATM 867 C C3  . I3P B 2 .   ? -12.155 -3.410  9.343   1.00 27.07 ? 107 I3P A C3  1 
HETATM 868 C C4  . I3P B 2 .   ? -13.162 -4.206  8.547   1.00 26.76 ? 107 I3P A C4  1 
HETATM 869 C C5  . I3P B 2 .   ? -12.878 -5.688  8.743   1.00 26.59 ? 107 I3P A C5  1 
HETATM 870 C C6  . I3P B 2 .   ? -13.006 -6.042  10.223  1.00 25.50 ? 107 I3P A C6  1 
HETATM 871 O O1  . I3P B 2 .   ? -12.192 -5.617  12.471  1.00 29.65 ? 107 I3P A O1  1 
HETATM 872 O O2  . I3P B 2 .   ? -13.457 -3.298  11.397  1.00 28.25 ? 107 I3P A O2  1 
HETATM 873 O O3  . I3P B 2 .   ? -12.438 -2.036  9.182   1.00 26.85 ? 107 I3P A O3  1 
HETATM 874 O O4  . I3P B 2 .   ? -13.023 -3.786  7.154   1.00 27.74 ? 107 I3P A O4  1 
HETATM 875 O O5  . I3P B 2 .   ? -13.871 -6.451  8.005   1.00 26.57 ? 107 I3P A O5  1 
HETATM 876 O O6  . I3P B 2 .   ? -12.776 -7.447  10.423  1.00 26.72 ? 107 I3P A O6  1 
HETATM 877 P P1  . I3P B 2 .   ? -11.207 -5.629  13.534  1.00 30.01 ? 107 I3P A P1  1 
HETATM 878 O O11 . I3P B 2 .   ? -11.248 -4.369  14.128  1.00 27.71 ? 107 I3P A O11 1 
HETATM 879 O O12 . I3P B 2 .   ? -9.951  -5.841  12.859  1.00 25.88 ? 107 I3P A O12 1 
HETATM 880 O O13 . I3P B 2 .   ? -11.297 -6.806  14.272  1.00 29.41 ? 107 I3P A O13 1 
HETATM 881 P P4  . I3P B 2 .   ? -13.946 -3.095  6.253   1.00 30.02 ? 107 I3P A P4  1 
HETATM 882 O O41 . I3P B 2 .   ? -15.254 -3.542  6.345   1.00 30.25 ? 107 I3P A O41 1 
HETATM 883 O O42 . I3P B 2 .   ? -13.944 -1.845  6.889   1.00 23.69 ? 107 I3P A O42 1 
HETATM 884 O O43 . I3P B 2 .   ? -13.317 -2.776  5.075   1.00 28.88 ? 107 I3P A O43 1 
HETATM 885 P P5  . I3P B 2 .   ? -13.710 -7.351  6.982   1.00 29.26 ? 107 I3P A P5  1 
HETATM 886 O O51 . I3P B 2 .   ? -14.554 -6.976  6.011   1.00 28.95 ? 107 I3P A O51 1 
HETATM 887 O O52 . I3P B 2 .   ? -12.428 -7.367  6.402   1.00 28.47 ? 107 I3P A O52 1 
HETATM 888 O O53 . I3P B 2 .   ? -13.820 -8.563  7.555   1.00 30.49 ? 107 I3P A O53 1 
HETATM 889 O O   . HOH C 3 .   ? -3.703  10.342  1.757   0.32 2.01  ? 108 HOH A O   1 
HETATM 890 O O   . HOH C 3 .   ? 6.921   12.218  -3.352  0.30 2.06  ? 109 HOH A O   1 
HETATM 891 O O   . HOH C 3 .   ? -3.377  5.605   -13.150 0.28 5.56  ? 110 HOH A O   1 
HETATM 892 O O   . HOH C 3 .   ? -13.533 2.146   -3.606  0.39 5.72  ? 111 HOH A O   1 
HETATM 893 O O   . HOH C 3 .   ? -9.185  -17.529 4.342   0.27 7.30  ? 112 HOH A O   1 
HETATM 894 O O   . HOH C 3 .   ? 7.539   -5.493  -12.407 0.37 7.44  ? 113 HOH A O   1 
HETATM 895 O O   . HOH C 3 .   ? -8.249  -8.972  -6.060  0.31 7.65  ? 114 HOH A O   1 
HETATM 896 O O   . HOH C 3 .   ? -11.398 5.573   -11.801 0.26 8.31  ? 115 HOH A O   1 
HETATM 897 O O   . HOH C 3 .   ? 1.275   -11.067 5.357   0.26 8.60  ? 116 HOH A O   1 
HETATM 898 O O   . HOH C 3 .   ? 3.075   -8.473  3.327   0.31 9.04  ? 117 HOH A O   1 
HETATM 899 O O   . HOH C 3 .   ? -9.485  17.176  -3.832  0.35 11.26 ? 118 HOH A O   1 
HETATM 900 O O   . HOH C 3 .   ? -1.232  1.596   -15.340 0.28 13.02 ? 119 HOH A O   1 
HETATM 901 O O   . HOH C 3 .   ? 1.914   -11.062 -10.637 0.28 13.37 ? 120 HOH A O   1 
HETATM 902 O O   . HOH C 3 .   ? -4.548  -4.349  8.079   1.00 14.99 ? 121 HOH A O   1 
HETATM 903 O O   . HOH C 3 .   ? -23.435 0.317   -4.831  0.27 16.06 ? 122 HOH A O   1 
HETATM 904 O O   . HOH C 3 .   ? 0.650   6.668   11.164  0.32 16.55 ? 123 HOH A O   1 
HETATM 905 O O   . HOH C 3 .   ? -12.398 13.293  -1.596  0.25 17.45 ? 124 HOH A O   1 
HETATM 906 O O   . HOH C 3 .   ? -3.063  -1.991  7.602   1.00 18.10 ? 125 HOH A O   1 
HETATM 907 O O   . HOH C 3 .   ? 7.691   4.177   12.253  1.00 19.97 ? 126 HOH A O   1 
HETATM 908 O O   . HOH C 3 .   ? 1.341   13.304  -0.672  0.32 20.43 ? 127 HOH A O   1 
HETATM 909 O O   . HOH C 3 .   ? -11.922 3.137   -5.424  1.00 20.66 ? 128 HOH A O   1 
HETATM 910 O O   . HOH C 3 .   ? -10.691 -0.604  10.631  1.00 20.78 ? 129 HOH A O   1 
HETATM 911 O O   . HOH C 3 .   ? 5.284   -7.386  -6.213  1.00 20.80 ? 130 HOH A O   1 
HETATM 912 O O   . HOH C 3 .   ? -10.456 16.856  -6.381  1.00 22.85 ? 131 HOH A O   1 
HETATM 913 O O   . HOH C 3 .   ? 11.588  7.868   -4.254  1.00 23.67 ? 132 HOH A O   1 
HETATM 914 O O   . HOH C 3 .   ? -6.001  2.856   14.113  1.00 24.76 ? 133 HOH A O   1 
HETATM 915 O O   . HOH C 3 .   ? 0.884   -10.031 -8.667  1.00 24.80 ? 134 HOH A O   1 
HETATM 916 O O   . HOH C 3 .   ? 0.777   12.701  2.539   1.00 25.19 ? 135 HOH A O   1 
HETATM 917 O O   . HOH C 3 .   ? -5.702  8.744   2.638   1.00 25.87 ? 136 HOH A O   1 
HETATM 918 O O   . HOH C 3 .   ? -6.903  1.490   -12.648 1.00 26.13 ? 137 HOH A O   1 
HETATM 919 O O   . HOH C 3 .   ? 11.053  11.778  5.380   1.00 26.86 ? 138 HOH A O   1 
HETATM 920 O O   . HOH C 3 .   ? 4.803   -2.580  -10.493 1.00 27.63 ? 139 HOH A O   1 
HETATM 921 O O   . HOH C 3 .   ? 2.837   9.255   -10.483 1.00 28.02 ? 140 HOH A O   1 
HETATM 922 O O   . HOH C 3 .   ? 9.059   -0.591  5.887   1.00 29.03 ? 141 HOH A O   1 
HETATM 923 O O   . HOH C 3 .   ? 5.571   -5.427  5.024   1.00 29.12 ? 142 HOH A O   1 
HETATM 924 O O   . HOH C 3 .   ? -0.794  -17.447 -3.841  1.00 29.35 ? 143 HOH A O   1 
HETATM 925 O O   . HOH C 3 .   ? -4.648  -4.803  11.739  1.00 29.70 ? 144 HOH A O   1 
HETATM 926 O O   . HOH C 3 .   ? -4.027  -15.275 -1.858  1.00 30.14 ? 145 HOH A O   1 
HETATM 927 O O   . HOH C 3 .   ? -0.222  -3.129  -12.457 1.00 30.17 ? 146 HOH A O   1 
HETATM 928 O O   . HOH C 3 .   ? 12.020  2.181   0.887   1.00 30.20 ? 147 HOH A O   1 
HETATM 929 O O   . HOH C 3 .   ? 9.040   -8.316  -1.701  1.00 31.06 ? 148 HOH A O   1 
HETATM 930 O O   . HOH C 3 .   ? 14.035  -1.154  -1.314  1.00 31.92 ? 149 HOH A O   1 
HETATM 931 O O   . HOH C 3 .   ? -0.522  10.428  -0.065  1.00 32.55 ? 150 HOH A O   1 
HETATM 932 O O   . HOH C 3 .   ? -7.085  4.548   9.655   1.00 32.78 ? 151 HOH A O   1 
HETATM 933 O O   . HOH C 3 .   ? 0.900   -6.374  6.880   1.00 32.78 ? 152 HOH A O   1 
HETATM 934 O O   . HOH C 3 .   ? -12.074 13.185  -6.076  1.00 33.10 ? 153 HOH A O   1 
HETATM 935 O O   . HOH C 3 .   ? 11.925  -5.592  10.449  1.00 33.47 ? 154 HOH A O   1 
HETATM 936 O O   . HOH C 3 .   ? -17.483 -3.395  -0.704  1.00 33.67 ? 155 HOH A O   1 
HETATM 937 O O   . HOH C 3 .   ? -3.432  8.938   4.839   1.00 33.81 ? 156 HOH A O   1 
HETATM 938 O O   . HOH C 3 .   ? 6.351   1.165   15.053  1.00 33.89 ? 157 HOH A O   1 
HETATM 939 O O   . HOH C 3 .   ? 11.322  14.335  7.401   1.00 34.00 ? 158 HOH A O   1 
HETATM 940 O O   . HOH C 3 .   ? -1.956  -4.507  9.287   1.00 34.03 ? 159 HOH A O   1 
HETATM 941 O O   . HOH C 3 .   ? -0.618  -2.147  12.564  1.00 34.74 ? 160 HOH A O   1 
HETATM 942 O O   . HOH C 3 .   ? -3.726  -13.207 -3.513  1.00 36.17 ? 161 HOH A O   1 
HETATM 943 O O   . HOH C 3 .   ? -14.912 -5.425  3.059   1.00 36.23 ? 162 HOH A O   1 
HETATM 944 O O   . HOH C 3 .   ? 7.302   -9.993  3.434   1.00 36.55 ? 163 HOH A O   1 
HETATM 945 O O   . HOH C 3 .   ? 8.729   6.528   15.736  1.00 36.98 ? 164 HOH A O   1 
HETATM 946 O O   . HOH C 3 .   ? -10.118 -18.604 -0.081  1.00 38.59 ? 165 HOH A O   1 
HETATM 947 O O   . HOH C 3 .   ? 7.849   -11.080 -9.197  1.00 39.40 ? 166 HOH A O   1 
HETATM 948 O O   . HOH C 3 .   ? -1.850  10.018  15.826  1.00 40.93 ? 167 HOH A O   1 
HETATM 949 O O   . HOH C 3 .   ? -4.072  16.587  3.831   1.00 42.27 ? 168 HOH A O   1 
HETATM 950 O O   . HOH C 3 .   ? -21.325 -3.365  4.145   1.00 41.22 ? 169 HOH A O   1 
HETATM 951 O O   . HOH C 3 .   ? -18.142 12.730  -0.481  1.00 41.52 ? 170 HOH A O   1 
HETATM 952 O O   . HOH C 3 .   ? -5.490  -22.186 1.522   1.00 41.77 ? 171 HOH A O   1 
HETATM 953 O O   . HOH C 3 .   ? -0.647  -13.562 -6.735  1.00 42.20 ? 172 HOH A O   1 
HETATM 954 O O   . HOH C 3 .   ? -8.310  -1.249  -14.169 1.00 42.98 ? 173 HOH A O   1 
HETATM 955 O O   . HOH C 3 .   ? -10.841 -9.483  -2.568  1.00 43.35 ? 174 HOH A O   1 
HETATM 956 O O   . HOH C 3 .   ? -17.515 -6.234  6.889   1.00 43.53 ? 175 HOH A O   1 
HETATM 957 O O   . HOH C 3 .   ? 16.769  3.658   -4.825  1.00 43.86 ? 176 HOH A O   1 
HETATM 958 O O   . HOH C 3 .   ? -1.743  -2.251  15.979  1.00 43.89 ? 177 HOH A O   1 
HETATM 959 O O   . HOH C 3 .   ? -8.515  -16.268 7.089   1.00 43.97 ? 178 HOH A O   1 
HETATM 960 O O   . HOH C 3 .   ? 4.209   -5.678  2.418   1.00 45.13 ? 179 HOH A O   1 
HETATM 961 O O   . HOH C 3 .   ? -2.682  5.922   13.990  1.00 46.48 ? 180 HOH A O   1 
HETATM 962 O O   . HOH C 3 .   ? -10.944 -9.159  -6.535  1.00 46.96 ? 181 HOH A O   1 
HETATM 963 O O   . HOH C 3 .   ? 0.910   9.650   12.145  1.00 48.81 ? 182 HOH A O   1 
HETATM 964 O O   . HOH C 3 .   ? 6.458   -9.472  -3.322  1.00 51.35 ? 183 HOH A O   1 
HETATM 965 O O   . HOH C 3 .   ? 3.649   -19.469 8.370   1.00 52.05 ? 184 HOH A O   1 
# 
